data_5I1V
#
_entry.id   5I1V
#
_cell.length_a   63.630
_cell.length_b   95.730
_cell.length_c   98.440
_cell.angle_alpha   95.180
_cell.angle_beta   96.980
_cell.angle_gamma   104.390
#
_symmetry.space_group_name_H-M   'P 1'
#
loop_
_entity.id
_entity.type
_entity.pdbx_description
1 polymer CrmK
2 non-polymer 'FLAVIN-ADENINE DINUCLEOTIDE'
3 water water
#
_entity_poly.entity_id   1
_entity_poly.type   'polypeptide(L)'
_entity_poly.pdbx_seq_one_letter_code
;MPTRAAVTVKPDDHRYDLLARADNYRFVAQPEYFRLPYSTAQVVEAVSEAVAAGKRLTVRSGGHCGEAFVASPDVDVIVD
LSSMSHVGYDEERGAFEVEAGATVGQIYRVLYKNYGVTFPGGFCMGVGAGGHISGGGYGPLSRLLGLTVDYLHAVEVVVV
DAEGVVSTVVATREEDDPNRDLWWAHTGGGGGNFGVITRYWLRSPDAVGDAPEEALPRPPASFHVARVSWSWAELTEADY
VRLVSNFLDWQLRNCTVDSPNIGLYALLECFHRSAGHLAMHAQIPVDVPDAEERMSWFLAELNEGVAVAPSLTRRRLPWL
ATSQLLAIPDVGPGAIGVRRKVKSADLRGPHTREQLAAAYRHLSRADYHCPSAAMEYIAYGGRVNTVDPAATAVPRGASL
KTFYMVAWTDPDEDEEHLRWIREIYRDIHSATGGVPTPDEVNTGAYINYPDIDLADPEWNTSGVPWHTIYYGDNYPRLQE
IKSRWDPRNVFRHAFSIRPR
;
_entity_poly.pdbx_strand_id   A,B,C,D
#
# COMPACT_ATOMS: atom_id res chain seq x y z
N THR A 3 42.20 1.47 7.23
CA THR A 3 41.61 1.89 5.92
C THR A 3 41.19 0.66 5.12
N ARG A 4 40.03 0.77 4.50
CA ARG A 4 39.72 0.07 3.28
C ARG A 4 40.96 0.02 2.34
N ALA A 5 41.19 -1.11 1.71
CA ALA A 5 42.28 -1.28 0.78
C ALA A 5 42.03 -0.42 -0.47
N ALA A 6 43.11 0.08 -1.06
CA ALA A 6 43.00 0.88 -2.26
C ALA A 6 42.22 0.12 -3.32
N VAL A 7 41.44 0.83 -4.11
CA VAL A 7 40.73 0.19 -5.25
C VAL A 7 41.58 0.12 -6.50
N THR A 8 41.52 -1.00 -7.22
CA THR A 8 42.17 -1.14 -8.48
C THR A 8 41.10 -1.34 -9.52
N VAL A 9 41.12 -0.53 -10.55
CA VAL A 9 40.14 -0.61 -11.63
C VAL A 9 40.80 -0.92 -12.97
N LYS A 10 40.58 -2.14 -13.49
CA LYS A 10 41.10 -2.56 -14.80
C LYS A 10 39.97 -2.48 -15.80
N PRO A 11 40.26 -2.65 -17.11
CA PRO A 11 39.21 -2.46 -18.13
C PRO A 11 38.01 -3.37 -18.01
N ASP A 12 38.13 -4.46 -17.26
CA ASP A 12 36.98 -5.33 -17.08
C ASP A 12 35.96 -4.80 -16.06
N ASP A 13 36.33 -3.75 -15.31
CA ASP A 13 35.45 -3.13 -14.34
C ASP A 13 34.64 -2.03 -15.02
N HIS A 14 33.36 -1.97 -14.70
CA HIS A 14 32.47 -0.97 -15.31
C HIS A 14 32.90 0.45 -15.05
N ARG A 15 33.61 0.63 -13.96
CA ARG A 15 34.11 1.96 -13.62
C ARG A 15 35.21 2.50 -14.53
N TYR A 16 35.89 1.62 -15.27
CA TYR A 16 37.08 2.06 -15.97
C TYR A 16 36.75 3.14 -16.99
N ASP A 17 35.65 2.98 -17.73
CA ASP A 17 35.38 3.95 -18.82
C ASP A 17 35.01 5.30 -18.25
N LEU A 18 34.37 5.32 -17.07
CA LEU A 18 34.11 6.58 -16.35
C LEU A 18 35.42 7.22 -15.90
N LEU A 19 36.27 6.46 -15.19
CA LEU A 19 37.54 7.03 -14.78
C LEU A 19 38.44 7.51 -15.91
N ALA A 20 38.26 6.97 -17.10
CA ALA A 20 39.08 7.34 -18.24
C ALA A 20 38.78 8.74 -18.78
N ARG A 21 37.61 9.28 -18.43
CA ARG A 21 37.12 10.55 -18.90
C ARG A 21 37.16 11.60 -17.80
N ALA A 22 37.64 12.80 -18.10
CA ALA A 22 37.64 13.85 -17.09
C ALA A 22 37.12 15.08 -17.81
N ASP A 23 37.54 16.28 -17.42
CA ASP A 23 36.87 17.47 -17.89
C ASP A 23 37.00 17.70 -19.42
N ASN A 24 38.06 17.17 -20.01
CA ASN A 24 38.27 17.40 -21.44
C ASN A 24 38.13 16.08 -22.19
N TYR A 25 37.01 15.91 -22.91
CA TYR A 25 36.71 14.65 -23.62
C TYR A 25 37.61 14.39 -24.84
N ARG A 26 38.48 15.34 -25.19
CA ARG A 26 39.46 15.07 -26.21
C ARG A 26 40.47 14.03 -25.72
N PHE A 27 40.64 13.90 -24.40
CA PHE A 27 41.68 13.02 -23.88
C PHE A 27 41.11 11.93 -23.04
N VAL A 28 41.03 10.73 -23.61
CA VAL A 28 40.48 9.60 -22.91
C VAL A 28 41.67 8.74 -22.50
N ALA A 29 41.84 8.48 -21.22
CA ALA A 29 42.97 7.68 -20.76
C ALA A 29 42.80 6.18 -21.04
N GLN A 30 43.91 5.46 -21.17
CA GLN A 30 43.85 4.03 -21.25
C GLN A 30 44.96 3.32 -20.47
N PRO A 31 44.99 3.52 -19.15
CA PRO A 31 46.02 2.80 -18.39
C PRO A 31 45.75 1.29 -18.24
N GLU A 32 46.78 0.57 -17.84
CA GLU A 32 46.66 -0.77 -17.33
C GLU A 32 45.61 -0.84 -16.23
N TYR A 33 45.67 0.14 -15.32
CA TYR A 33 44.69 0.24 -14.29
C TYR A 33 44.67 1.64 -13.73
N PHE A 34 43.54 2.00 -13.13
CA PHE A 34 43.45 3.13 -12.21
C PHE A 34 43.62 2.60 -10.78
N ARG A 35 44.28 3.38 -9.93
CA ARG A 35 44.39 3.00 -8.54
C ARG A 35 43.73 4.16 -7.75
N LEU A 36 42.78 3.86 -6.86
CA LEU A 36 42.17 4.89 -5.99
C LEU A 36 42.57 4.63 -4.53
N PRO A 37 43.61 5.31 -4.02
CA PRO A 37 44.08 5.15 -2.65
C PRO A 37 43.24 5.98 -1.66
N TYR A 38 43.32 5.60 -0.38
CA TYR A 38 42.57 6.26 0.67
C TYR A 38 43.51 6.92 1.70
N SER A 39 44.83 6.72 1.59
CA SER A 39 45.76 7.25 2.58
C SER A 39 47.09 7.47 1.90
N THR A 40 47.91 8.31 2.52
CA THR A 40 49.27 8.50 2.09
C THR A 40 50.04 7.17 1.91
N ALA A 41 49.89 6.22 2.84
CA ALA A 41 50.60 4.92 2.74
C ALA A 41 50.21 4.14 1.46
N GLN A 42 48.95 4.26 1.06
CA GLN A 42 48.50 3.60 -0.15
C GLN A 42 49.02 4.32 -1.45
N VAL A 43 49.23 5.62 -1.36
CA VAL A 43 49.83 6.38 -2.45
C VAL A 43 51.31 5.91 -2.61
N VAL A 44 52.03 5.83 -1.48
CA VAL A 44 53.40 5.34 -1.46
C VAL A 44 53.46 3.95 -2.12
N GLU A 45 52.52 3.11 -1.78
CA GLU A 45 52.50 1.77 -2.33
C GLU A 45 52.23 1.77 -3.81
N ALA A 46 51.32 2.61 -4.27
CA ALA A 46 51.02 2.71 -5.69
C ALA A 46 52.23 3.17 -6.46
N VAL A 47 52.91 4.20 -5.96
CA VAL A 47 54.07 4.70 -6.63
C VAL A 47 55.22 3.69 -6.65
N SER A 48 55.46 3.06 -5.51
CA SER A 48 56.52 2.08 -5.37
C SER A 48 56.35 0.90 -6.35
N GLU A 49 55.13 0.45 -6.58
CA GLU A 49 54.84 -0.57 -7.60
C GLU A 49 55.24 -0.11 -9.00
N ALA A 50 54.82 1.10 -9.37
CA ALA A 50 55.06 1.63 -10.68
C ALA A 50 56.54 1.87 -10.88
N VAL A 51 57.20 2.41 -9.88
CA VAL A 51 58.62 2.65 -9.96
C VAL A 51 59.41 1.33 -10.12
N ALA A 52 59.01 0.31 -9.40
CA ALA A 52 59.77 -0.92 -9.41
C ALA A 52 59.84 -1.50 -10.84
N ALA A 53 58.71 -1.49 -11.52
CA ALA A 53 58.60 -2.16 -12.80
C ALA A 53 58.73 -1.18 -13.95
N GLY A 54 59.12 0.06 -13.67
CA GLY A 54 59.35 1.04 -14.70
C GLY A 54 58.11 1.57 -15.40
N LYS A 55 56.93 1.38 -14.82
CA LYS A 55 55.65 1.88 -15.39
C LYS A 55 55.50 3.36 -15.34
N ARG A 56 54.87 3.91 -16.36
CA ARG A 56 54.62 5.35 -16.42
C ARG A 56 53.38 5.66 -15.57
N LEU A 57 53.53 6.54 -14.57
CA LEU A 57 52.51 6.87 -13.64
C LEU A 57 52.16 8.35 -13.71
N THR A 58 50.87 8.64 -13.67
CA THR A 58 50.42 10.01 -13.47
C THR A 58 49.35 10.02 -12.40
N VAL A 59 49.12 11.21 -11.87
CA VAL A 59 48.16 11.44 -10.83
C VAL A 59 47.03 12.36 -11.28
N ARG A 60 45.82 12.01 -10.88
CA ARG A 60 44.70 12.87 -11.14
C ARG A 60 44.04 13.27 -9.81
N SER A 61 43.71 14.55 -9.65
CA SER A 61 42.97 15.00 -8.49
C SER A 61 41.57 15.35 -8.97
N GLY A 62 41.40 16.55 -9.53
CA GLY A 62 40.11 16.96 -10.06
C GLY A 62 39.85 16.77 -11.53
N GLY A 63 40.88 16.41 -12.29
CA GLY A 63 40.68 16.16 -13.71
C GLY A 63 40.48 17.36 -14.60
N HIS A 64 40.81 18.54 -14.14
CA HIS A 64 40.63 19.74 -14.96
C HIS A 64 41.74 20.09 -15.90
N CYS A 65 42.75 19.23 -16.02
CA CYS A 65 43.93 19.63 -16.87
C CYS A 65 43.41 19.99 -18.26
N GLY A 66 43.92 21.06 -18.84
CA GLY A 66 43.57 21.45 -20.20
C GLY A 66 44.26 20.63 -21.27
N GLU A 67 45.27 19.84 -20.95
CA GLU A 67 45.96 19.00 -21.91
C GLU A 67 45.96 17.55 -21.42
N ALA A 68 46.60 16.66 -22.17
CA ALA A 68 46.58 15.25 -21.92
C ALA A 68 47.70 14.83 -20.95
N PHE A 69 48.01 15.65 -19.97
CA PHE A 69 49.15 15.35 -19.09
C PHE A 69 48.88 14.13 -18.28
N VAL A 70 47.62 13.92 -17.89
CA VAL A 70 47.30 12.73 -17.05
C VAL A 70 47.03 11.53 -17.96
N ALA A 71 46.32 11.78 -19.06
CA ALA A 71 45.61 10.79 -19.85
C ALA A 71 46.29 10.38 -21.17
N SER A 72 47.51 10.84 -21.42
CA SER A 72 48.36 10.29 -22.49
C SER A 72 48.21 8.78 -22.67
N PRO A 73 48.10 8.31 -23.94
CA PRO A 73 47.99 6.85 -24.22
C PRO A 73 49.15 6.01 -23.73
N ASP A 74 50.30 6.61 -23.46
CA ASP A 74 51.40 5.83 -22.95
C ASP A 74 51.46 5.77 -21.43
N VAL A 75 50.45 6.30 -20.73
CA VAL A 75 50.47 6.18 -19.28
C VAL A 75 49.91 4.82 -18.85
N ASP A 76 50.63 4.14 -17.98
CA ASP A 76 50.32 2.79 -17.60
C ASP A 76 49.46 2.73 -16.32
N VAL A 77 49.64 3.69 -15.40
CA VAL A 77 48.94 3.71 -14.17
C VAL A 77 48.55 5.11 -13.87
N ILE A 78 47.27 5.31 -13.59
CA ILE A 78 46.79 6.59 -13.11
C ILE A 78 46.30 6.44 -11.69
N VAL A 79 46.90 7.21 -10.76
CA VAL A 79 46.50 7.23 -9.38
C VAL A 79 45.43 8.34 -9.23
N ASP A 80 44.20 7.97 -8.90
CA ASP A 80 43.12 8.94 -8.85
C ASP A 80 42.88 9.22 -7.38
N LEU A 81 43.06 10.47 -7.00
CA LEU A 81 42.97 10.90 -5.57
C LEU A 81 41.59 11.39 -5.13
N SER A 82 40.56 11.18 -5.94
CA SER A 82 39.22 11.72 -5.63
C SER A 82 38.60 11.19 -4.34
N SER A 83 39.05 10.03 -3.85
CA SER A 83 38.58 9.55 -2.55
C SER A 83 39.37 10.10 -1.34
N MET A 84 40.37 10.95 -1.55
CA MET A 84 41.07 11.62 -0.47
C MET A 84 40.69 13.11 -0.56
N SER A 85 39.57 13.46 0.04
CA SER A 85 39.04 14.82 -0.08
C SER A 85 38.76 15.46 1.28
N HIS A 86 39.38 14.94 2.35
CA HIS A 86 39.21 15.57 3.62
C HIS A 86 39.64 17.05 3.64
N VAL A 87 38.82 17.90 4.28
CA VAL A 87 39.14 19.32 4.58
C VAL A 87 38.84 19.55 6.07
N GLY A 88 39.80 20.05 6.83
CA GLY A 88 39.65 20.15 8.28
C GLY A 88 40.76 21.01 8.86
N TYR A 89 40.53 21.63 10.01
CA TYR A 89 41.60 22.33 10.73
C TYR A 89 42.47 21.35 11.49
N ASP A 90 43.77 21.50 11.34
CA ASP A 90 44.78 20.68 11.99
C ASP A 90 45.34 21.54 13.14
N GLU A 91 44.87 21.22 14.36
CA GLU A 91 45.28 21.97 15.56
C GLU A 91 46.76 21.97 15.82
N GLU A 92 47.42 20.87 15.51
CA GLU A 92 48.83 20.79 15.80
C GLU A 92 49.65 21.73 14.91
N ARG A 93 49.23 22.02 13.66
CA ARG A 93 49.96 22.96 12.83
C ARG A 93 49.31 24.32 12.78
N GLY A 94 48.10 24.46 13.31
CA GLY A 94 47.43 25.73 13.28
C GLY A 94 47.08 26.11 11.85
N ALA A 95 46.72 25.09 11.07
CA ALA A 95 46.48 25.32 9.64
C ALA A 95 45.39 24.42 9.14
N PHE A 96 44.71 24.83 8.07
CA PHE A 96 43.71 24.00 7.45
C PHE A 96 44.32 22.90 6.57
N GLU A 97 44.00 21.65 6.87
CA GLU A 97 44.46 20.51 6.07
C GLU A 97 43.50 20.28 4.92
N VAL A 98 44.04 20.20 3.72
CA VAL A 98 43.25 20.00 2.52
C VAL A 98 43.87 18.84 1.76
N GLU A 99 43.19 17.70 1.73
CA GLU A 99 43.65 16.57 0.87
C GLU A 99 43.59 16.92 -0.59
N ALA A 100 44.49 16.31 -1.39
CA ALA A 100 44.71 16.73 -2.80
C ALA A 100 43.48 16.55 -3.63
N GLY A 101 42.65 15.61 -3.23
CA GLY A 101 41.47 15.35 -4.02
C GLY A 101 40.25 16.14 -3.66
N ALA A 102 40.33 17.07 -2.71
CA ALA A 102 39.22 17.98 -2.41
C ALA A 102 39.06 18.93 -3.59
N THR A 103 37.82 19.27 -3.97
CA THR A 103 37.62 20.25 -5.03
C THR A 103 37.41 21.62 -4.40
N VAL A 104 37.70 22.65 -5.17
CA VAL A 104 37.66 24.00 -4.60
C VAL A 104 36.27 24.41 -4.08
N GLY A 105 35.22 24.00 -4.76
CA GLY A 105 33.85 24.39 -4.36
C GLY A 105 33.51 23.91 -2.96
N GLN A 106 33.95 22.69 -2.72
CA GLN A 106 33.76 21.98 -1.50
C GLN A 106 34.57 22.60 -0.39
N ILE A 107 35.83 22.88 -0.69
CA ILE A 107 36.72 23.53 0.22
C ILE A 107 36.09 24.86 0.68
N TYR A 108 35.58 25.65 -0.26
CA TYR A 108 35.07 26.95 0.13
C TYR A 108 33.88 26.80 1.08
N ARG A 109 33.01 25.85 0.79
CA ARG A 109 31.82 25.64 1.57
C ARG A 109 32.18 25.20 2.97
N VAL A 110 33.13 24.30 3.10
CA VAL A 110 33.56 23.83 4.41
C VAL A 110 34.22 24.95 5.26
N LEU A 111 35.19 25.63 4.68
CA LEU A 111 35.91 26.69 5.34
C LEU A 111 34.99 27.81 5.77
N TYR A 112 34.08 28.20 4.89
CA TYR A 112 33.27 29.32 5.14
C TYR A 112 32.17 29.02 6.14
N LYS A 113 31.41 27.96 5.97
CA LYS A 113 30.29 27.73 6.87
C LYS A 113 30.80 27.36 8.28
N ASN A 114 31.87 26.59 8.35
CA ASN A 114 32.34 26.14 9.66
C ASN A 114 33.21 27.12 10.44
N TYR A 115 33.94 27.95 9.71
CA TYR A 115 34.91 28.85 10.35
C TYR A 115 34.82 30.29 9.97
N GLY A 116 34.14 30.58 8.86
CA GLY A 116 33.96 31.92 8.42
C GLY A 116 35.13 32.47 7.63
N VAL A 117 35.99 31.59 7.15
CA VAL A 117 37.22 32.00 6.45
C VAL A 117 37.20 31.51 4.97
N THR A 118 38.15 31.99 4.17
CA THR A 118 38.33 31.53 2.87
C THR A 118 39.82 31.69 2.45
N PHE A 119 40.18 31.19 1.27
CA PHE A 119 41.45 31.59 0.63
C PHE A 119 41.16 31.88 -0.85
N PRO A 120 42.04 32.66 -1.52
CA PRO A 120 41.71 33.13 -2.87
C PRO A 120 42.04 32.14 -3.98
N GLY A 121 41.17 31.17 -4.20
CA GLY A 121 41.40 30.16 -5.20
C GLY A 121 40.44 30.49 -6.32
N GLY A 122 40.29 29.59 -7.26
CA GLY A 122 39.54 29.91 -8.46
C GLY A 122 38.03 29.79 -8.36
N PHE A 123 37.39 30.13 -9.47
CA PHE A 123 35.96 30.13 -9.58
C PHE A 123 35.41 28.90 -10.29
N CYS A 124 36.13 27.77 -10.35
CA CYS A 124 35.48 26.60 -10.94
C CYS A 124 35.32 25.44 -9.96
N MET A 125 34.11 24.88 -9.92
CA MET A 125 33.64 24.07 -8.80
C MET A 125 34.34 22.76 -8.64
N GLY A 126 34.65 22.11 -9.76
CA GLY A 126 35.23 20.79 -9.76
C GLY A 126 36.75 20.72 -9.80
N VAL A 127 37.43 21.86 -9.74
CA VAL A 127 38.89 21.91 -9.85
C VAL A 127 39.46 21.25 -8.59
N GLY A 128 40.43 20.36 -8.74
CA GLY A 128 41.08 19.67 -7.59
C GLY A 128 42.21 20.49 -7.01
N ALA A 129 42.36 20.40 -5.70
CA ALA A 129 43.40 21.10 -4.98
C ALA A 129 44.73 20.67 -5.57
N GLY A 130 44.82 19.39 -5.87
CA GLY A 130 46.07 18.81 -6.30
C GLY A 130 46.81 19.49 -7.42
N GLY A 131 46.13 19.79 -8.53
CA GLY A 131 46.69 20.56 -9.65
C GLY A 131 46.59 22.06 -9.47
N HIS A 132 45.57 22.49 -8.75
CA HIS A 132 45.26 23.90 -8.67
C HIS A 132 46.26 24.72 -7.82
N ILE A 133 46.54 24.27 -6.61
CA ILE A 133 47.34 25.05 -5.72
C ILE A 133 48.80 25.14 -6.19
N SER A 134 49.39 24.01 -6.59
CA SER A 134 50.80 23.94 -6.97
C SER A 134 51.14 24.83 -8.17
N GLY A 135 50.17 25.13 -9.01
CA GLY A 135 50.34 26.07 -10.11
C GLY A 135 50.23 27.56 -9.82
N GLY A 136 49.76 27.90 -8.62
N GLY A 136 49.83 27.91 -8.60
CA GLY A 136 49.55 29.29 -8.21
CA GLY A 136 49.76 29.31 -8.15
C GLY A 136 48.12 29.76 -8.44
C GLY A 136 48.41 29.58 -7.52
N GLY A 137 47.16 28.98 -7.95
N GLY A 137 47.38 29.49 -8.38
CA GLY A 137 45.77 29.29 -8.15
CA GLY A 137 46.00 29.45 -8.01
C GLY A 137 45.40 30.69 -7.76
C GLY A 137 45.42 30.79 -7.71
N TYR A 138 44.53 31.29 -8.58
CA TYR A 138 43.99 32.61 -8.33
C TYR A 138 42.47 32.64 -8.59
N GLY A 139 41.85 33.70 -8.11
CA GLY A 139 40.47 33.95 -8.42
C GLY A 139 39.98 35.32 -8.00
N PRO A 140 38.65 35.47 -7.91
CA PRO A 140 38.07 36.80 -7.74
C PRO A 140 38.51 37.56 -6.53
N LEU A 141 38.95 36.89 -5.48
CA LEU A 141 39.43 37.61 -4.31
C LEU A 141 40.95 37.88 -4.37
N SER A 142 41.62 37.52 -5.46
CA SER A 142 43.10 37.65 -5.43
C SER A 142 43.54 39.14 -5.34
N ARG A 143 42.81 40.08 -5.95
CA ARG A 143 43.16 41.50 -5.73
C ARG A 143 43.22 41.94 -4.27
N LEU A 144 42.36 41.38 -3.45
CA LEU A 144 42.29 41.68 -2.04
C LEU A 144 43.17 40.78 -1.21
N LEU A 145 43.32 39.52 -1.60
CA LEU A 145 43.96 38.48 -0.74
C LEU A 145 45.24 37.82 -1.26
N GLY A 146 45.54 38.02 -2.53
CA GLY A 146 46.64 37.37 -3.16
C GLY A 146 46.32 36.04 -3.85
N LEU A 147 47.32 35.17 -3.92
CA LEU A 147 47.19 33.86 -4.54
C LEU A 147 47.02 32.79 -3.50
N THR A 148 46.52 31.64 -3.92
CA THR A 148 46.43 30.50 -3.02
C THR A 148 47.79 30.20 -2.39
N VAL A 149 48.85 30.27 -3.17
CA VAL A 149 50.16 29.91 -2.67
C VAL A 149 50.71 30.93 -1.64
N ASP A 150 50.12 32.10 -1.54
CA ASP A 150 50.42 33.01 -0.42
C ASP A 150 49.95 32.53 0.97
N TYR A 151 49.21 31.42 1.02
CA TYR A 151 48.74 30.81 2.25
C TYR A 151 49.26 29.40 2.42
N LEU A 152 50.23 28.98 1.59
CA LEU A 152 50.70 27.61 1.66
C LEU A 152 51.70 27.46 2.84
N HIS A 153 51.21 26.87 3.89
CA HIS A 153 52.02 26.69 5.13
C HIS A 153 52.96 25.49 4.98
N ALA A 154 52.45 24.39 4.42
CA ALA A 154 53.19 23.15 4.28
C ALA A 154 52.51 22.27 3.23
N VAL A 155 53.26 21.30 2.71
CA VAL A 155 52.78 20.30 1.73
C VAL A 155 53.40 18.95 2.01
N GLU A 156 52.63 17.88 1.89
CA GLU A 156 53.07 16.52 2.04
C GLU A 156 53.15 15.92 0.67
N VAL A 157 54.31 15.41 0.31
CA VAL A 157 54.58 14.89 -1.02
C VAL A 157 55.22 13.52 -0.94
N VAL A 158 54.73 12.60 -1.76
CA VAL A 158 55.35 11.31 -1.94
C VAL A 158 56.37 11.44 -3.05
N VAL A 159 57.59 11.11 -2.72
CA VAL A 159 58.74 11.34 -3.60
C VAL A 159 59.56 10.04 -3.76
N VAL A 160 60.37 10.01 -4.82
CA VAL A 160 61.16 8.85 -5.23
C VAL A 160 62.64 9.21 -5.34
N ASP A 161 63.48 8.57 -4.58
CA ASP A 161 64.93 8.89 -4.63
C ASP A 161 65.62 8.21 -5.80
N ALA A 162 66.93 8.49 -6.00
CA ALA A 162 67.70 8.00 -7.13
C ALA A 162 67.75 6.46 -7.24
N GLU A 163 67.73 5.75 -6.12
CA GLU A 163 67.63 4.28 -6.14
C GLU A 163 66.21 3.78 -6.28
N GLY A 164 65.23 4.67 -6.35
CA GLY A 164 63.85 4.24 -6.53
C GLY A 164 63.10 3.92 -5.25
N VAL A 165 63.67 4.30 -4.12
CA VAL A 165 62.98 4.20 -2.82
C VAL A 165 61.94 5.31 -2.64
N VAL A 166 60.70 4.94 -2.30
CA VAL A 166 59.59 5.91 -2.21
C VAL A 166 59.38 6.32 -0.74
N SER A 167 59.35 7.61 -0.47
CA SER A 167 59.06 8.07 0.86
C SER A 167 58.15 9.32 0.84
N THR A 168 57.70 9.71 2.01
CA THR A 168 56.81 10.83 2.19
C THR A 168 57.55 11.90 2.95
N VAL A 169 57.43 13.12 2.47
CA VAL A 169 58.04 14.22 3.16
C VAL A 169 57.03 15.32 3.35
N VAL A 170 57.17 16.06 4.43
CA VAL A 170 56.39 17.27 4.63
C VAL A 170 57.38 18.42 4.49
N ALA A 171 57.07 19.32 3.58
CA ALA A 171 57.93 20.46 3.34
C ALA A 171 57.16 21.71 3.78
N THR A 172 57.81 22.60 4.53
CA THR A 172 57.14 23.78 5.07
C THR A 172 57.83 25.08 4.63
N ARG A 173 57.14 26.19 4.83
CA ARG A 173 57.64 27.52 4.47
C ARG A 173 58.66 28.13 5.44
N GLU A 174 58.89 27.49 6.59
CA GLU A 174 59.80 28.04 7.63
C GLU A 174 61.19 28.20 7.12
N GLU A 175 61.82 29.34 7.41
CA GLU A 175 63.10 29.67 6.77
C GLU A 175 64.15 28.60 7.01
N ASP A 176 64.09 27.92 8.14
CA ASP A 176 65.11 26.91 8.44
C ASP A 176 64.74 25.47 7.97
N ASP A 177 63.58 25.27 7.35
CA ASP A 177 63.15 23.90 6.93
C ASP A 177 64.19 23.33 5.96
N PRO A 178 64.74 22.14 6.27
CA PRO A 178 65.69 21.54 5.32
C PRO A 178 65.07 21.25 3.92
N ASN A 179 63.76 21.11 3.84
CA ASN A 179 63.08 20.85 2.57
C ASN A 179 62.31 22.01 2.04
N ARG A 180 62.76 23.24 2.34
CA ARG A 180 62.06 24.41 1.92
C ARG A 180 62.07 24.57 0.41
N ASP A 181 63.09 24.04 -0.25
CA ASP A 181 63.10 24.02 -1.71
C ASP A 181 61.90 23.29 -2.31
N LEU A 182 61.58 22.13 -1.77
CA LEU A 182 60.40 21.38 -2.18
C LEU A 182 59.10 22.17 -1.96
N TRP A 183 59.01 22.85 -0.82
CA TRP A 183 57.85 23.70 -0.54
C TRP A 183 57.79 24.80 -1.58
N TRP A 184 58.93 25.42 -1.89
CA TRP A 184 58.93 26.52 -2.81
C TRP A 184 58.50 26.13 -4.21
N ALA A 185 58.94 24.95 -4.63
CA ALA A 185 58.53 24.39 -5.92
C ALA A 185 57.02 24.23 -6.07
N HIS A 186 56.35 23.97 -4.97
CA HIS A 186 54.90 23.88 -4.95
C HIS A 186 54.16 25.20 -4.81
N THR A 187 54.85 26.32 -4.96
CA THR A 187 54.20 27.60 -4.90
C THR A 187 54.21 28.22 -6.29
N GLY A 188 54.01 27.39 -7.28
CA GLY A 188 53.97 27.83 -8.66
C GLY A 188 54.59 26.90 -9.66
N GLY A 189 55.28 25.86 -9.22
CA GLY A 189 55.95 24.95 -10.16
C GLY A 189 55.00 24.09 -11.00
N GLY A 190 53.82 23.84 -10.46
CA GLY A 190 52.77 23.19 -11.22
C GLY A 190 52.73 21.70 -10.96
N GLY A 191 51.60 21.09 -11.30
CA GLY A 191 51.34 19.66 -11.04
C GLY A 191 52.13 18.71 -11.90
N GLY A 192 52.31 17.52 -11.36
CA GLY A 192 52.80 16.34 -12.12
C GLY A 192 54.35 16.35 -12.27
N ASN A 193 55.02 17.08 -11.38
CA ASN A 193 56.44 17.37 -11.54
C ASN A 193 57.37 16.75 -10.51
N PHE A 194 57.06 16.93 -9.25
CA PHE A 194 58.02 16.60 -8.19
C PHE A 194 57.71 15.34 -7.39
N GLY A 195 56.47 14.89 -7.43
CA GLY A 195 55.98 13.82 -6.60
C GLY A 195 54.51 13.92 -6.47
N VAL A 196 53.91 13.01 -5.69
CA VAL A 196 52.47 13.00 -5.51
C VAL A 196 52.12 13.82 -4.28
N ILE A 197 51.42 14.92 -4.50
CA ILE A 197 50.97 15.74 -3.38
C ILE A 197 49.81 15.01 -2.73
N THR A 198 49.90 14.68 -1.43
CA THR A 198 48.78 14.06 -0.77
C THR A 198 47.89 15.08 -0.02
N ARG A 199 48.48 16.14 0.52
CA ARG A 199 47.70 17.14 1.25
C ARG A 199 48.49 18.43 1.37
N TYR A 200 47.78 19.51 1.62
CA TYR A 200 48.34 20.85 1.72
C TYR A 200 47.85 21.34 3.07
N TRP A 201 48.57 22.28 3.63
CA TRP A 201 48.12 23.01 4.80
C TRP A 201 48.11 24.49 4.47
N LEU A 202 46.99 25.14 4.80
CA LEU A 202 46.81 26.51 4.51
C LEU A 202 46.66 27.35 5.77
N ARG A 203 47.35 28.49 5.76
CA ARG A 203 47.21 29.46 6.82
C ARG A 203 47.87 30.79 6.44
N SER A 204 47.35 31.90 6.92
CA SER A 204 48.01 33.20 6.73
C SER A 204 49.33 33.20 7.46
N PRO A 205 50.38 33.69 6.81
CA PRO A 205 51.65 33.69 7.54
C PRO A 205 51.63 34.56 8.82
N ASP A 206 50.77 35.56 8.86
CA ASP A 206 50.69 36.39 10.06
C ASP A 206 49.39 36.18 10.87
N ALA A 207 48.80 34.98 10.79
CA ALA A 207 47.63 34.65 11.62
C ALA A 207 47.85 34.93 13.10
N VAL A 208 46.85 35.54 13.75
CA VAL A 208 46.92 35.80 15.20
C VAL A 208 46.48 34.55 15.98
N GLY A 209 47.32 34.07 16.92
CA GLY A 209 46.91 33.01 17.85
C GLY A 209 46.71 31.69 17.13
N ASP A 210 45.82 30.84 17.61
CA ASP A 210 45.61 29.58 16.89
C ASP A 210 44.19 29.05 16.76
N ALA A 211 43.22 29.91 16.94
CA ALA A 211 41.86 29.61 16.54
C ALA A 211 41.73 29.56 15.00
N PRO A 212 40.91 28.64 14.51
CA PRO A 212 40.80 28.49 13.09
C PRO A 212 40.14 29.68 12.47
N GLU A 213 39.25 30.34 13.23
CA GLU A 213 38.61 31.55 12.74
C GLU A 213 39.59 32.68 12.40
N GLU A 214 40.81 32.58 12.92
CA GLU A 214 41.86 33.55 12.62
C GLU A 214 42.95 33.04 11.68
N ALA A 215 42.92 31.73 11.36
CA ALA A 215 44.03 31.13 10.64
C ALA A 215 44.01 31.42 9.14
N LEU A 216 42.88 31.88 8.62
CA LEU A 216 42.76 32.33 7.23
C LEU A 216 41.91 33.57 7.18
N PRO A 217 42.00 34.36 6.10
CA PRO A 217 41.24 35.61 6.05
C PRO A 217 39.74 35.41 5.97
N ARG A 218 38.99 36.38 6.50
CA ARG A 218 37.55 36.42 6.40
C ARG A 218 37.22 37.18 5.16
N PRO A 219 36.44 36.61 4.24
CA PRO A 219 36.13 37.46 3.07
C PRO A 219 35.18 38.61 3.45
N PRO A 220 34.97 39.58 2.55
CA PRO A 220 33.95 40.62 2.79
C PRO A 220 32.56 39.98 2.93
N ALA A 221 31.71 40.49 3.79
CA ALA A 221 30.46 39.78 4.07
C ALA A 221 29.53 39.79 2.85
N SER A 222 29.54 40.85 2.06
CA SER A 222 28.61 40.92 0.93
C SER A 222 29.13 41.89 -0.09
N PHE A 223 28.60 41.74 -1.31
CA PHE A 223 29.06 42.37 -2.51
C PHE A 223 27.90 42.95 -3.30
N HIS A 224 28.15 44.07 -3.94
CA HIS A 224 27.31 44.57 -5.01
C HIS A 224 27.80 43.92 -6.30
N VAL A 225 26.85 43.39 -7.09
CA VAL A 225 27.18 42.62 -8.27
C VAL A 225 26.50 43.30 -9.46
N ALA A 226 27.20 43.38 -10.57
CA ALA A 226 26.64 43.89 -11.80
C ALA A 226 26.92 42.91 -12.90
N ARG A 227 25.90 42.58 -13.67
CA ARG A 227 26.02 41.65 -14.77
C ARG A 227 25.53 42.46 -15.98
N VAL A 228 26.37 42.50 -16.99
CA VAL A 228 26.18 43.39 -18.12
C VAL A 228 26.28 42.56 -19.36
N SER A 229 25.51 42.86 -20.40
CA SER A 229 25.71 42.25 -21.71
C SER A 229 25.50 43.28 -22.81
N TRP A 230 26.26 43.15 -23.89
CA TRP A 230 26.16 44.03 -25.05
C TRP A 230 25.77 43.17 -26.24
N SER A 231 24.75 43.58 -27.00
CA SER A 231 24.26 42.71 -28.07
C SER A 231 25.22 42.71 -29.23
N TRP A 232 25.57 41.52 -29.73
CA TRP A 232 26.37 41.43 -30.93
C TRP A 232 25.62 42.03 -32.17
N ALA A 233 24.31 41.94 -32.17
CA ALA A 233 23.50 42.47 -33.29
C ALA A 233 23.68 43.98 -33.44
N GLU A 234 24.13 44.63 -32.37
CA GLU A 234 24.28 46.07 -32.33
C GLU A 234 25.71 46.54 -32.34
N LEU A 235 26.65 45.62 -32.45
CA LEU A 235 28.05 45.92 -32.24
C LEU A 235 28.75 46.19 -33.56
N THR A 236 29.57 47.23 -33.60
CA THR A 236 30.48 47.43 -34.73
C THR A 236 31.91 47.21 -34.29
N GLU A 237 32.82 47.15 -35.26
CA GLU A 237 34.23 47.00 -34.94
C GLU A 237 34.72 48.11 -34.08
N ALA A 238 34.33 49.34 -34.41
CA ALA A 238 34.78 50.49 -33.62
C ALA A 238 34.25 50.45 -32.20
N ASP A 239 32.97 50.09 -32.03
CA ASP A 239 32.47 49.93 -30.67
C ASP A 239 33.23 48.83 -29.92
N TYR A 240 33.46 47.69 -30.55
CA TYR A 240 34.21 46.64 -29.86
C TYR A 240 35.56 47.16 -29.40
N VAL A 241 36.31 47.79 -30.31
CA VAL A 241 37.67 48.27 -30.02
C VAL A 241 37.62 49.31 -28.88
N ARG A 242 36.67 50.21 -28.92
CA ARG A 242 36.59 51.23 -27.88
C ARG A 242 36.22 50.65 -26.50
N LEU A 243 35.17 49.83 -26.49
CA LEU A 243 34.73 49.14 -25.27
C LEU A 243 35.83 48.35 -24.55
N VAL A 244 36.50 47.47 -25.27
CA VAL A 244 37.61 46.74 -24.67
C VAL A 244 38.74 47.70 -24.24
N SER A 245 39.06 48.69 -25.08
CA SER A 245 40.07 49.71 -24.71
C SER A 245 39.67 50.38 -23.41
N ASN A 246 38.41 50.78 -23.29
CA ASN A 246 37.93 51.40 -22.06
C ASN A 246 38.13 50.53 -20.82
N PHE A 247 37.80 49.25 -20.99
CA PHE A 247 37.99 48.25 -19.92
C PHE A 247 39.45 48.17 -19.51
N LEU A 248 40.33 47.97 -20.49
CA LEU A 248 41.75 47.82 -20.21
C LEU A 248 42.32 49.06 -19.54
N ASP A 249 41.93 50.25 -20.02
CA ASP A 249 42.48 51.50 -19.44
C ASP A 249 42.07 51.64 -18.02
N TRP A 250 40.79 51.40 -17.75
CA TRP A 250 40.30 51.50 -16.38
C TRP A 250 41.04 50.47 -15.50
N GLN A 251 41.19 49.23 -15.97
CA GLN A 251 41.84 48.19 -15.14
C GLN A 251 43.31 48.55 -14.87
N LEU A 252 44.01 49.08 -15.89
CA LEU A 252 45.41 49.42 -15.72
C LEU A 252 45.66 50.69 -14.89
N ARG A 253 44.64 51.48 -14.66
CA ARG A 253 44.70 52.57 -13.67
C ARG A 253 44.31 52.11 -12.29
N ASN A 254 43.81 50.89 -12.16
CA ASN A 254 43.21 50.47 -10.90
C ASN A 254 43.68 49.08 -10.42
N CYS A 255 44.93 48.73 -10.69
CA CYS A 255 45.39 47.36 -10.46
C CYS A 255 46.40 47.25 -9.32
N THR A 256 46.57 48.33 -8.54
CA THR A 256 47.41 48.29 -7.33
C THR A 256 46.61 48.51 -6.07
N VAL A 257 47.17 48.07 -4.95
CA VAL A 257 46.58 48.21 -3.64
C VAL A 257 46.32 49.67 -3.24
N ASP A 258 47.06 50.61 -3.83
CA ASP A 258 46.82 52.04 -3.68
C ASP A 258 45.48 52.53 -4.25
N SER A 259 44.90 51.78 -5.18
CA SER A 259 43.68 52.23 -5.82
C SER A 259 42.48 52.10 -4.86
N PRO A 260 41.67 53.17 -4.73
CA PRO A 260 40.39 53.07 -4.01
C PRO A 260 39.35 52.18 -4.71
N ASN A 261 39.65 51.73 -5.93
CA ASN A 261 38.82 50.75 -6.60
C ASN A 261 39.42 49.31 -6.60
N ILE A 262 40.41 49.01 -5.74
CA ILE A 262 41.07 47.71 -5.85
C ILE A 262 40.13 46.57 -5.53
N GLY A 263 39.11 46.85 -4.73
CA GLY A 263 38.14 45.88 -4.32
C GLY A 263 37.17 45.50 -5.42
N LEU A 264 37.08 46.32 -6.47
CA LEU A 264 36.24 46.00 -7.61
C LEU A 264 36.94 45.00 -8.54
N TYR A 265 36.32 43.84 -8.70
CA TYR A 265 36.83 42.76 -9.56
C TYR A 265 35.87 42.63 -10.73
N ALA A 266 36.40 42.58 -11.93
CA ALA A 266 35.56 42.41 -13.10
C ALA A 266 36.14 41.50 -14.15
N LEU A 267 35.25 40.77 -14.82
CA LEU A 267 35.63 39.90 -15.91
C LEU A 267 34.79 40.21 -17.14
N LEU A 268 35.46 40.45 -18.26
CA LEU A 268 34.82 40.77 -19.53
C LEU A 268 34.93 39.53 -20.45
N GLU A 269 33.83 38.97 -20.90
CA GLU A 269 33.88 37.79 -21.75
C GLU A 269 33.49 38.24 -23.14
N CYS A 270 34.43 38.15 -24.05
CA CYS A 270 34.19 38.49 -25.43
C CYS A 270 33.98 37.24 -26.27
N PHE A 271 32.74 36.76 -26.26
CA PHE A 271 32.30 35.65 -27.04
C PHE A 271 32.33 35.93 -28.53
N HIS A 272 32.50 34.86 -29.29
CA HIS A 272 32.25 34.89 -30.71
C HIS A 272 30.81 35.30 -30.95
N ARG A 273 30.61 35.96 -32.10
CA ARG A 273 29.32 36.50 -32.50
CA ARG A 273 29.32 36.51 -32.48
C ARG A 273 28.16 35.53 -32.34
N SER A 274 28.40 34.27 -32.69
CA SER A 274 27.35 33.25 -32.63
C SER A 274 26.76 33.08 -31.24
N ALA A 275 27.46 33.55 -30.19
CA ALA A 275 26.84 33.59 -28.86
C ALA A 275 25.78 34.65 -28.70
N GLY A 276 25.83 35.71 -29.52
CA GLY A 276 24.80 36.76 -29.46
C GLY A 276 25.08 37.95 -28.56
N HIS A 277 26.12 37.91 -27.71
CA HIS A 277 26.42 39.02 -26.83
C HIS A 277 27.87 38.96 -26.29
N LEU A 278 28.39 40.09 -25.84
CA LEU A 278 29.56 40.17 -24.94
C LEU A 278 28.97 40.24 -23.54
N ALA A 279 29.71 39.75 -22.52
CA ALA A 279 29.13 39.71 -21.19
C ALA A 279 30.20 40.16 -20.20
N MET A 280 29.80 40.86 -19.16
CA MET A 280 30.73 41.16 -18.10
C MET A 280 30.07 40.97 -16.75
N HIS A 281 30.85 40.47 -15.79
CA HIS A 281 30.41 40.53 -14.41
CA HIS A 281 30.45 40.40 -14.38
C HIS A 281 31.41 41.30 -13.58
N ALA A 282 30.88 42.08 -12.66
CA ALA A 282 31.69 42.86 -11.75
C ALA A 282 31.10 42.82 -10.36
N GLN A 283 32.00 42.93 -9.38
CA GLN A 283 31.63 42.86 -7.99
C GLN A 283 32.53 43.74 -7.20
N ILE A 284 32.01 44.28 -6.10
CA ILE A 284 32.75 45.13 -5.19
C ILE A 284 32.15 44.95 -3.81
N PRO A 285 32.99 44.80 -2.80
CA PRO A 285 32.37 44.65 -1.48
C PRO A 285 31.52 45.85 -1.06
N VAL A 286 30.45 45.57 -0.33
CA VAL A 286 29.50 46.59 0.08
C VAL A 286 30.18 47.56 1.07
N ASP A 287 31.17 47.07 1.81
CA ASP A 287 31.85 47.85 2.84
C ASP A 287 33.01 48.74 2.34
N VAL A 288 33.26 48.77 1.04
CA VAL A 288 34.26 49.69 0.47
C VAL A 288 33.65 51.09 0.54
N PRO A 289 34.45 52.10 0.89
CA PRO A 289 33.92 53.47 0.81
C PRO A 289 33.29 53.83 -0.55
N ASP A 290 32.01 54.22 -0.52
CA ASP A 290 31.25 54.64 -1.70
C ASP A 290 31.10 53.53 -2.77
N ALA A 291 30.96 52.30 -2.30
CA ALA A 291 31.08 51.11 -3.14
C ALA A 291 30.12 51.14 -4.29
N GLU A 292 28.87 51.42 -3.98
CA GLU A 292 27.79 51.44 -4.96
C GLU A 292 28.06 52.46 -6.08
N GLU A 293 28.51 53.65 -5.68
CA GLU A 293 28.90 54.70 -6.63
C GLU A 293 30.12 54.35 -7.44
N ARG A 294 31.06 53.67 -6.80
CA ARG A 294 32.28 53.25 -7.51
C ARG A 294 31.94 52.31 -8.65
N MET A 295 30.98 51.43 -8.41
CA MET A 295 30.54 50.52 -9.46
C MET A 295 29.86 51.32 -10.59
N SER A 296 29.06 52.32 -10.23
CA SER A 296 28.44 53.22 -11.26
C SER A 296 29.47 53.94 -12.11
N TRP A 297 30.50 54.47 -11.46
CA TRP A 297 31.60 55.17 -12.14
C TRP A 297 32.28 54.26 -13.12
N PHE A 298 32.52 53.02 -12.67
CA PHE A 298 33.17 52.05 -13.52
C PHE A 298 32.29 51.74 -14.73
N LEU A 299 31.01 51.44 -14.50
CA LEU A 299 30.10 51.09 -15.58
C LEU A 299 29.96 52.27 -16.60
N ALA A 300 29.97 53.51 -16.12
CA ALA A 300 29.93 54.68 -17.01
C ALA A 300 31.19 54.79 -17.88
N GLU A 301 32.37 54.54 -17.32
CA GLU A 301 33.60 54.64 -18.13
C GLU A 301 33.61 53.64 -19.26
N LEU A 302 33.12 52.43 -19.01
CA LEU A 302 33.06 51.42 -20.06
C LEU A 302 32.31 51.90 -21.26
N ASN A 303 31.25 52.66 -21.02
CA ASN A 303 30.40 53.15 -22.10
C ASN A 303 30.85 54.38 -22.84
N GLU A 304 31.87 55.09 -22.37
CA GLU A 304 32.10 56.36 -23.02
C GLU A 304 32.70 56.15 -24.44
N GLY A 305 32.06 56.80 -25.43
CA GLY A 305 32.42 56.64 -26.85
C GLY A 305 31.90 55.38 -27.53
N VAL A 306 31.02 54.64 -26.86
CA VAL A 306 30.56 53.32 -27.32
C VAL A 306 29.09 53.45 -27.65
N ALA A 307 28.70 53.17 -28.89
CA ALA A 307 27.32 53.39 -29.31
C ALA A 307 26.34 52.38 -28.71
N VAL A 308 26.69 51.08 -28.66
CA VAL A 308 25.79 50.03 -28.12
C VAL A 308 25.53 50.27 -26.65
N ALA A 309 24.26 50.36 -26.24
CA ALA A 309 23.93 50.47 -24.82
C ALA A 309 23.89 49.05 -24.30
N PRO A 310 24.48 48.79 -23.12
CA PRO A 310 24.38 47.42 -22.60
C PRO A 310 23.15 47.20 -21.73
N SER A 311 22.67 45.96 -21.63
CA SER A 311 21.69 45.59 -20.62
C SER A 311 22.43 45.27 -19.33
N LEU A 312 21.83 45.58 -18.21
CA LEU A 312 22.51 45.52 -16.93
C LEU A 312 21.49 45.11 -15.85
N THR A 313 21.90 44.19 -14.98
CA THR A 313 21.21 43.92 -13.72
C THR A 313 22.21 44.13 -12.59
N ARG A 314 21.75 44.68 -11.49
CA ARG A 314 22.59 44.91 -10.31
C ARG A 314 21.88 44.38 -9.10
N ARG A 315 22.64 43.79 -8.17
CA ARG A 315 22.04 43.30 -6.93
C ARG A 315 23.13 43.09 -5.91
N ARG A 316 22.73 42.89 -4.67
CA ARG A 316 23.65 42.69 -3.56
C ARG A 316 23.52 41.24 -3.11
N LEU A 317 24.64 40.56 -2.85
CA LEU A 317 24.56 39.17 -2.44
C LEU A 317 25.60 38.87 -1.37
N PRO A 318 25.34 37.85 -0.54
CA PRO A 318 26.44 37.47 0.36
C PRO A 318 27.65 36.95 -0.41
N TRP A 319 28.84 37.05 0.17
CA TRP A 319 30.07 36.60 -0.51
C TRP A 319 29.98 35.19 -1.15
N LEU A 320 29.68 34.17 -0.35
CA LEU A 320 29.65 32.81 -0.87
C LEU A 320 28.64 32.68 -2.01
N ALA A 321 27.50 33.34 -1.87
CA ALA A 321 26.52 33.40 -2.94
C ALA A 321 27.07 34.07 -4.19
N THR A 322 27.79 35.18 -4.04
CA THR A 322 28.35 35.80 -5.30
C THR A 322 29.42 34.90 -5.93
N SER A 323 30.16 34.18 -5.08
CA SER A 323 31.17 33.26 -5.58
C SER A 323 30.50 32.10 -6.34
N GLN A 324 29.41 31.58 -5.81
CA GLN A 324 28.70 30.46 -6.42
C GLN A 324 27.94 30.95 -7.68
N LEU A 325 27.47 32.18 -7.67
CA LEU A 325 26.71 32.72 -8.83
C LEU A 325 27.61 32.75 -10.06
N LEU A 326 28.86 33.13 -9.86
CA LEU A 326 29.86 33.24 -10.92
C LEU A 326 30.63 31.94 -11.22
N ALA A 327 30.57 30.96 -10.33
CA ALA A 327 31.28 29.71 -10.49
C ALA A 327 30.80 28.92 -11.68
N ILE A 328 31.71 28.14 -12.25
CA ILE A 328 31.39 27.22 -13.33
C ILE A 328 30.99 25.85 -12.78
N PRO A 329 29.80 25.39 -13.17
CA PRO A 329 29.28 24.12 -12.69
C PRO A 329 30.12 22.95 -13.12
N ASP A 330 30.13 21.95 -12.27
CA ASP A 330 30.81 20.67 -12.51
C ASP A 330 29.85 19.62 -13.14
N VAL A 331 28.60 20.00 -13.40
CA VAL A 331 27.63 19.12 -14.04
C VAL A 331 26.81 19.92 -15.05
N GLY A 332 25.92 19.23 -15.73
CA GLY A 332 25.09 19.84 -16.75
C GLY A 332 25.83 19.81 -18.07
N PRO A 333 25.15 20.24 -19.15
CA PRO A 333 25.68 20.17 -20.51
C PRO A 333 26.97 20.96 -20.77
N GLY A 334 27.22 22.01 -20.00
CA GLY A 334 28.42 22.79 -20.17
C GLY A 334 29.65 22.11 -19.57
N ALA A 335 29.43 21.10 -18.75
CA ALA A 335 30.54 20.55 -17.95
C ALA A 335 30.93 19.14 -18.38
N ILE A 336 29.95 18.38 -18.87
CA ILE A 336 30.06 16.95 -19.04
C ILE A 336 30.04 16.53 -20.50
N GLY A 337 31.02 15.72 -20.88
CA GLY A 337 31.13 15.19 -22.24
C GLY A 337 31.59 16.24 -23.23
N VAL A 338 32.39 17.19 -22.75
CA VAL A 338 32.76 18.34 -23.56
C VAL A 338 34.22 18.32 -23.99
N ARG A 339 34.45 18.64 -25.26
CA ARG A 339 35.80 18.73 -25.82
C ARG A 339 36.23 20.19 -25.76
N ARG A 340 37.50 20.45 -25.44
CA ARG A 340 37.95 21.83 -25.15
C ARG A 340 39.34 22.09 -25.60
N LYS A 341 39.64 23.38 -25.85
CA LYS A 341 40.97 23.85 -25.99
C LYS A 341 41.06 25.23 -25.29
N VAL A 342 42.09 25.43 -24.46
CA VAL A 342 42.26 26.71 -23.74
C VAL A 342 43.62 27.28 -24.05
N LYS A 343 43.71 28.60 -24.01
CA LYS A 343 44.97 29.30 -24.10
C LYS A 343 44.96 30.47 -23.08
N SER A 344 46.11 31.03 -22.83
CA SER A 344 46.32 31.97 -21.79
C SER A 344 47.37 32.98 -22.25
N ALA A 345 47.21 34.23 -21.81
CA ALA A 345 48.18 35.32 -22.08
C ALA A 345 47.96 36.41 -21.01
N ASP A 346 49.00 36.78 -20.31
CA ASP A 346 48.88 37.79 -19.27
C ASP A 346 49.57 39.07 -19.64
N LEU A 347 49.01 40.19 -19.17
CA LEU A 347 49.32 41.54 -19.69
C LEU A 347 49.71 42.45 -18.54
N ARG A 348 50.60 43.38 -18.81
CA ARG A 348 50.90 44.47 -17.84
C ARG A 348 50.75 45.81 -18.55
N GLY A 349 50.26 45.76 -19.80
CA GLY A 349 49.97 46.93 -20.60
C GLY A 349 48.80 46.56 -21.49
N PRO A 350 48.26 47.54 -22.23
CA PRO A 350 47.05 47.25 -22.96
C PRO A 350 47.34 46.59 -24.28
N HIS A 351 46.34 45.90 -24.79
CA HIS A 351 46.32 45.55 -26.20
C HIS A 351 46.19 46.79 -27.03
N THR A 352 46.90 46.81 -28.15
CA THR A 352 46.83 47.93 -29.11
C THR A 352 45.52 47.88 -29.85
N ARG A 353 45.24 48.95 -30.59
CA ARG A 353 44.06 48.99 -31.43
C ARG A 353 44.08 47.92 -32.55
N GLU A 354 45.23 47.66 -33.16
CA GLU A 354 45.33 46.61 -34.20
C GLU A 354 45.10 45.20 -33.60
N GLN A 355 45.69 44.93 -32.44
CA GLN A 355 45.37 43.69 -31.71
C GLN A 355 43.88 43.51 -31.50
N LEU A 356 43.19 44.59 -31.11
CA LEU A 356 41.76 44.51 -30.92
C LEU A 356 40.97 44.33 -32.21
N ALA A 357 41.36 44.97 -33.31
CA ALA A 357 40.66 44.70 -34.60
C ALA A 357 40.95 43.29 -35.15
N ALA A 358 42.15 42.79 -34.92
CA ALA A 358 42.46 41.39 -35.20
C ALA A 358 41.53 40.45 -34.42
N ALA A 359 41.23 40.77 -33.17
CA ALA A 359 40.34 39.95 -32.35
C ALA A 359 38.96 40.07 -32.90
N TYR A 360 38.53 41.32 -33.16
CA TYR A 360 37.19 41.51 -33.75
C TYR A 360 36.97 40.64 -34.99
N ARG A 361 37.99 40.57 -35.82
CA ARG A 361 37.89 39.84 -37.08
C ARG A 361 37.56 38.36 -36.89
N HIS A 362 38.25 37.72 -35.95
CA HIS A 362 37.98 36.32 -35.61
C HIS A 362 36.70 36.17 -34.77
N LEU A 363 36.43 37.11 -33.88
CA LEU A 363 35.17 37.08 -33.09
C LEU A 363 33.89 37.36 -33.89
N SER A 364 33.95 38.15 -34.98
CA SER A 364 32.74 38.26 -35.84
C SER A 364 32.70 37.34 -37.06
N ARG A 365 33.81 36.67 -37.40
CA ARG A 365 33.89 35.77 -38.56
C ARG A 365 32.58 34.98 -38.67
N ALA A 366 31.81 35.20 -39.74
CA ALA A 366 30.54 34.46 -39.89
C ALA A 366 30.69 33.04 -40.44
N ASP A 367 31.85 32.69 -40.97
CA ASP A 367 32.08 31.31 -41.43
C ASP A 367 32.39 30.34 -40.27
N TYR A 368 32.24 30.80 -39.03
CA TYR A 368 32.52 29.96 -37.85
C TYR A 368 31.27 30.00 -36.99
N HIS A 369 30.99 28.92 -36.29
CA HIS A 369 29.87 28.93 -35.34
C HIS A 369 30.27 28.16 -34.08
N CYS A 370 30.21 28.85 -32.96
CA CYS A 370 30.44 28.20 -31.69
C CYS A 370 30.16 29.21 -30.60
N PRO A 371 28.98 29.13 -30.00
CA PRO A 371 28.59 30.11 -29.01
C PRO A 371 29.44 29.98 -27.72
N SER A 372 30.13 28.85 -27.53
CA SER A 372 31.12 28.76 -26.43
C SER A 372 32.48 29.38 -26.70
N ALA A 373 32.79 29.77 -27.92
CA ALA A 373 34.08 30.36 -28.20
C ALA A 373 34.16 31.78 -27.64
N ALA A 374 35.26 32.09 -26.96
CA ALA A 374 35.44 33.38 -26.29
C ALA A 374 36.89 33.67 -25.97
N MET A 375 37.18 34.96 -25.86
CA MET A 375 38.31 35.40 -25.09
C MET A 375 37.79 36.24 -23.95
N GLU A 376 38.54 36.20 -22.86
CA GLU A 376 38.17 36.90 -21.64
C GLU A 376 39.30 37.75 -21.12
N TYR A 377 38.93 38.89 -20.55
CA TYR A 377 39.85 39.76 -19.85
C TYR A 377 39.51 39.74 -18.38
N ILE A 378 40.48 39.39 -17.56
CA ILE A 378 40.25 39.09 -16.13
C ILE A 378 41.08 40.02 -15.25
N ALA A 379 40.42 40.83 -14.45
CA ALA A 379 41.06 41.75 -13.54
C ALA A 379 41.96 40.94 -12.58
N TYR A 380 43.13 41.50 -12.26
CA TYR A 380 44.17 40.82 -11.47
C TYR A 380 45.01 41.88 -10.76
N GLY A 381 46.17 41.48 -10.21
CA GLY A 381 47.04 42.42 -9.55
C GLY A 381 46.66 42.60 -8.11
N GLY A 382 46.60 43.86 -7.65
CA GLY A 382 46.38 44.14 -6.24
C GLY A 382 47.38 43.43 -5.34
N ARG A 383 46.85 42.73 -4.35
CA ARG A 383 47.63 42.03 -3.34
C ARG A 383 48.57 40.96 -3.92
N VAL A 384 48.27 40.48 -5.12
CA VAL A 384 49.17 39.54 -5.79
C VAL A 384 50.56 40.18 -5.94
N ASN A 385 50.57 41.48 -6.20
CA ASN A 385 51.83 42.12 -6.58
C ASN A 385 52.49 42.91 -5.46
N THR A 386 52.14 42.63 -4.21
CA THR A 386 52.77 43.33 -3.08
C THR A 386 53.59 42.37 -2.22
N VAL A 387 53.68 41.12 -2.66
CA VAL A 387 54.48 40.15 -1.95
C VAL A 387 55.89 40.29 -2.48
N ASP A 388 56.83 39.83 -1.68
CA ASP A 388 58.17 39.62 -2.18
C ASP A 388 58.14 38.54 -3.27
N PRO A 389 58.30 38.90 -4.56
CA PRO A 389 58.05 37.82 -5.56
C PRO A 389 59.02 36.65 -5.50
N ALA A 390 60.21 36.86 -4.95
CA ALA A 390 61.21 35.80 -4.82
C ALA A 390 60.76 34.68 -3.89
N ALA A 391 59.80 35.00 -3.01
CA ALA A 391 59.45 34.09 -1.94
C ALA A 391 58.59 32.91 -2.42
N THR A 392 58.05 33.00 -3.64
CA THR A 392 57.27 31.91 -4.27
C THR A 392 57.71 31.69 -5.72
N ALA A 393 57.32 30.55 -6.30
CA ALA A 393 57.76 30.18 -7.61
C ALA A 393 56.91 30.84 -8.72
N VAL A 394 55.70 31.26 -8.40
CA VAL A 394 54.80 31.82 -9.41
CA VAL A 394 54.82 31.77 -9.43
C VAL A 394 55.32 33.13 -9.99
N PRO A 395 55.30 33.27 -11.34
CA PRO A 395 55.58 34.59 -11.92
C PRO A 395 54.62 35.63 -11.39
N ARG A 396 55.12 36.81 -11.16
CA ARG A 396 54.25 37.89 -10.76
C ARG A 396 54.52 39.08 -11.66
N GLY A 397 53.64 40.05 -11.65
CA GLY A 397 53.88 41.24 -12.47
C GLY A 397 52.73 41.55 -13.39
N ALA A 398 51.93 40.55 -13.74
CA ALA A 398 50.74 40.80 -14.55
C ALA A 398 49.75 41.70 -13.83
N SER A 399 49.13 42.59 -14.56
CA SER A 399 48.06 43.44 -14.08
C SER A 399 46.72 42.83 -14.40
N LEU A 400 46.71 42.00 -15.44
CA LEU A 400 45.51 41.57 -16.08
C LEU A 400 45.79 40.21 -16.74
N LYS A 401 44.85 39.28 -16.62
CA LYS A 401 44.95 38.00 -17.26
C LYS A 401 43.96 37.89 -18.41
N THR A 402 44.34 37.13 -19.43
CA THR A 402 43.43 36.84 -20.53
C THR A 402 43.45 35.32 -20.77
N PHE A 403 42.32 34.83 -21.21
CA PHE A 403 42.00 33.42 -21.30
C PHE A 403 41.22 33.29 -22.62
N TYR A 404 41.46 32.20 -23.34
CA TYR A 404 40.82 31.87 -24.61
C TYR A 404 40.26 30.46 -24.46
N MET A 405 39.03 30.25 -24.88
CA MET A 405 38.44 28.93 -24.82
C MET A 405 37.46 28.65 -25.98
N VAL A 406 37.45 27.39 -26.42
CA VAL A 406 36.46 26.84 -27.35
C VAL A 406 36.04 25.54 -26.72
N ALA A 407 34.73 25.33 -26.65
CA ALA A 407 34.12 24.09 -26.13
C ALA A 407 33.13 23.54 -27.14
N TRP A 408 33.17 22.25 -27.37
CA TRP A 408 32.27 21.62 -28.34
C TRP A 408 32.07 20.14 -27.98
N THR A 409 31.18 19.47 -28.72
CA THR A 409 30.88 18.09 -28.36
C THR A 409 31.16 17.08 -29.45
N ASP A 410 31.11 17.50 -30.73
CA ASP A 410 31.28 16.53 -31.84
C ASP A 410 32.75 16.40 -32.25
N PRO A 411 33.32 15.19 -32.18
CA PRO A 411 34.74 15.01 -32.56
C PRO A 411 35.05 15.37 -34.02
N ASP A 412 34.06 15.23 -34.88
CA ASP A 412 34.20 15.68 -36.28
C ASP A 412 34.51 17.16 -36.39
N GLU A 413 34.19 17.96 -35.36
CA GLU A 413 34.45 19.39 -35.45
C GLU A 413 35.81 19.81 -34.91
N ASP A 414 36.61 18.87 -34.40
CA ASP A 414 37.87 19.23 -33.74
C ASP A 414 38.69 20.20 -34.58
N GLU A 415 38.90 19.86 -35.85
CA GLU A 415 39.78 20.65 -36.70
C GLU A 415 39.39 22.12 -36.79
N GLU A 416 38.09 22.44 -36.82
CA GLU A 416 37.68 23.81 -37.10
C GLU A 416 37.72 24.65 -35.81
N HIS A 417 37.35 24.04 -34.68
CA HIS A 417 37.52 24.69 -33.38
C HIS A 417 38.97 24.92 -33.02
N LEU A 418 39.84 23.92 -33.25
CA LEU A 418 41.25 24.08 -32.94
C LEU A 418 41.84 25.12 -33.86
N ARG A 419 41.41 25.09 -35.11
CA ARG A 419 41.91 26.11 -36.02
C ARG A 419 41.48 27.50 -35.59
N TRP A 420 40.24 27.70 -35.15
CA TRP A 420 39.76 29.04 -34.77
C TRP A 420 40.55 29.67 -33.59
N ILE A 421 40.75 28.88 -32.53
CA ILE A 421 41.44 29.39 -31.35
C ILE A 421 42.93 29.59 -31.62
N ARG A 422 43.54 28.74 -32.45
CA ARG A 422 44.94 28.91 -32.77
C ARG A 422 45.21 30.17 -33.57
N GLU A 423 44.31 30.44 -34.51
CA GLU A 423 44.48 31.60 -35.41
C GLU A 423 44.19 32.92 -34.70
N ILE A 424 43.13 32.97 -33.88
CA ILE A 424 42.87 34.21 -33.13
C ILE A 424 44.03 34.55 -32.22
N TYR A 425 44.58 33.54 -31.51
CA TYR A 425 45.66 33.78 -30.56
C TYR A 425 46.93 34.14 -31.31
N ARG A 426 47.18 33.49 -32.43
CA ARG A 426 48.38 33.79 -33.20
C ARG A 426 48.31 35.21 -33.74
N ASP A 427 47.16 35.59 -34.28
CA ASP A 427 47.02 36.92 -34.89
C ASP A 427 47.12 38.01 -33.84
N ILE A 428 46.44 37.81 -32.71
CA ILE A 428 46.55 38.77 -31.61
C ILE A 428 48.03 38.94 -31.24
N HIS A 429 48.83 37.86 -31.28
CA HIS A 429 50.24 37.97 -30.90
C HIS A 429 51.24 37.99 -32.06
N SER A 430 50.83 38.44 -33.25
CA SER A 430 51.69 38.32 -34.44
C SER A 430 52.96 39.16 -34.37
N ALA A 431 52.99 40.21 -33.56
CA ALA A 431 54.21 40.99 -33.39
C ALA A 431 55.29 40.26 -32.57
N THR A 432 54.91 39.20 -31.85
CA THR A 432 55.84 38.47 -31.01
C THR A 432 55.76 36.97 -31.34
N GLY A 433 55.75 36.64 -32.63
CA GLY A 433 55.85 35.24 -33.07
C GLY A 433 54.71 34.34 -32.63
N GLY A 434 53.54 34.94 -32.41
CA GLY A 434 52.32 34.19 -32.14
C GLY A 434 52.12 33.80 -30.67
N VAL A 435 53.00 34.23 -29.78
CA VAL A 435 52.90 33.91 -28.34
C VAL A 435 53.13 35.13 -27.48
N PRO A 436 52.66 35.10 -26.22
CA PRO A 436 52.91 36.19 -25.27
C PRO A 436 54.29 36.11 -24.63
N THR A 437 55.32 36.47 -25.41
CA THR A 437 56.69 36.46 -24.93
C THR A 437 56.84 37.50 -23.82
N PRO A 438 57.44 37.15 -22.67
CA PRO A 438 57.51 38.15 -21.63
C PRO A 438 58.27 39.41 -22.08
N ASP A 439 57.61 40.56 -21.98
CA ASP A 439 58.19 41.83 -22.42
C ASP A 439 57.48 42.95 -21.66
N GLU A 440 57.44 44.15 -22.25
CA GLU A 440 56.88 45.32 -21.57
C GLU A 440 55.34 45.35 -21.56
N VAL A 441 54.69 44.53 -22.38
CA VAL A 441 53.25 44.43 -22.35
C VAL A 441 52.81 43.03 -21.95
N ASN A 442 53.43 41.99 -22.50
CA ASN A 442 53.08 40.61 -22.11
C ASN A 442 53.93 40.18 -20.92
N THR A 443 53.37 39.40 -20.00
CA THR A 443 54.16 38.83 -18.91
C THR A 443 54.35 37.31 -19.08
N GLY A 444 53.69 36.73 -20.08
CA GLY A 444 53.76 35.30 -20.31
C GLY A 444 52.39 34.63 -20.20
N ALA A 445 52.37 33.39 -19.71
CA ALA A 445 51.14 32.62 -19.61
C ALA A 445 51.13 31.80 -18.35
N TYR A 446 49.95 31.24 -18.05
CA TYR A 446 49.72 30.53 -16.78
C TYR A 446 49.79 29.04 -16.94
N ILE A 447 50.60 28.39 -16.10
CA ILE A 447 50.84 26.99 -16.23
C ILE A 447 49.60 26.15 -16.03
N ASN A 448 48.64 26.64 -15.26
CA ASN A 448 47.37 25.92 -15.02
C ASN A 448 46.35 26.04 -16.20
N TYR A 449 46.69 26.82 -17.22
CA TYR A 449 46.01 26.73 -18.54
C TYR A 449 47.03 26.33 -19.60
N PRO A 450 47.61 25.14 -19.51
CA PRO A 450 48.72 24.79 -20.41
C PRO A 450 48.29 24.67 -21.87
N ASP A 451 49.18 25.05 -22.77
CA ASP A 451 48.86 24.97 -24.20
C ASP A 451 50.04 24.40 -24.92
N ILE A 452 49.93 23.17 -25.40
CA ILE A 452 51.12 22.53 -25.97
C ILE A 452 51.55 23.21 -27.29
N ASP A 453 50.66 24.02 -27.88
CA ASP A 453 51.02 24.83 -29.06
C ASP A 453 52.21 25.76 -28.79
N LEU A 454 52.49 26.12 -27.52
CA LEU A 454 53.64 27.00 -27.23
C LEU A 454 54.96 26.30 -27.43
N ALA A 455 54.96 24.97 -27.55
CA ALA A 455 56.17 24.25 -27.87
C ALA A 455 56.17 23.75 -29.32
N ASP A 456 55.17 24.18 -30.09
CA ASP A 456 54.98 23.71 -31.46
C ASP A 456 55.59 24.75 -32.38
N PRO A 457 56.67 24.41 -33.12
CA PRO A 457 57.30 25.49 -33.91
C PRO A 457 56.44 26.05 -35.07
N GLU A 458 55.34 25.40 -35.44
CA GLU A 458 54.40 26.01 -36.37
C GLU A 458 53.60 27.18 -35.78
N TRP A 459 53.31 27.16 -34.46
CA TRP A 459 52.51 28.22 -33.81
C TRP A 459 53.35 29.19 -32.96
N ASN A 460 54.45 28.71 -32.44
CA ASN A 460 55.40 29.54 -31.73
C ASN A 460 56.60 29.78 -32.63
N THR A 461 56.64 30.95 -33.28
CA THR A 461 57.76 31.33 -34.11
C THR A 461 58.62 32.37 -33.44
N SER A 462 58.53 32.53 -32.12
CA SER A 462 59.22 33.62 -31.42
C SER A 462 60.67 33.30 -31.02
N GLY A 463 61.03 32.04 -31.04
CA GLY A 463 62.29 31.59 -30.41
C GLY A 463 62.30 31.56 -28.90
N VAL A 464 61.19 31.92 -28.24
CA VAL A 464 61.15 31.87 -26.79
C VAL A 464 60.53 30.52 -26.38
N PRO A 465 61.22 29.75 -25.51
CA PRO A 465 60.72 28.40 -25.20
C PRO A 465 59.48 28.45 -24.33
N TRP A 466 58.67 27.40 -24.40
CA TRP A 466 57.47 27.29 -23.56
C TRP A 466 57.80 27.60 -22.10
N HIS A 467 58.90 27.09 -21.59
CA HIS A 467 59.12 27.23 -20.13
C HIS A 467 59.43 28.67 -19.65
N THR A 468 60.04 29.48 -20.50
CA THR A 468 60.14 30.88 -20.20
C THR A 468 58.83 31.62 -20.12
N ILE A 469 57.94 31.29 -21.04
CA ILE A 469 56.64 31.89 -21.10
C ILE A 469 55.82 31.58 -19.83
N TYR A 470 55.95 30.36 -19.30
CA TYR A 470 55.15 29.96 -18.12
C TYR A 470 55.82 30.27 -16.79
N TYR A 471 57.15 30.27 -16.78
CA TYR A 471 57.87 30.35 -15.50
C TYR A 471 58.76 31.62 -15.32
N GLY A 472 58.79 32.49 -16.31
CA GLY A 472 59.63 33.68 -16.19
C GLY A 472 61.07 33.27 -16.10
N ASP A 473 61.73 33.74 -15.03
CA ASP A 473 63.10 33.43 -14.72
C ASP A 473 63.28 32.30 -13.71
N ASN A 474 62.21 31.69 -13.26
CA ASN A 474 62.29 30.66 -12.24
C ASN A 474 62.57 29.23 -12.77
N TYR A 475 62.56 29.02 -14.08
CA TYR A 475 62.72 27.68 -14.59
C TYR A 475 64.02 26.97 -14.16
N PRO A 476 65.20 27.61 -14.27
CA PRO A 476 66.37 26.87 -13.83
C PRO A 476 66.41 26.46 -12.33
N ARG A 477 65.87 27.27 -11.45
CA ARG A 477 65.81 26.87 -10.06
C ARG A 477 64.85 25.67 -9.89
N LEU A 478 63.74 25.71 -10.58
CA LEU A 478 62.81 24.57 -10.57
C LEU A 478 63.49 23.29 -11.14
N GLN A 479 64.29 23.43 -12.19
CA GLN A 479 65.04 22.28 -12.74
C GLN A 479 66.01 21.73 -11.70
N GLU A 480 66.63 22.60 -10.92
CA GLU A 480 67.51 22.16 -9.84
C GLU A 480 66.75 21.42 -8.74
N ILE A 481 65.58 21.91 -8.39
CA ILE A 481 64.82 21.24 -7.36
C ILE A 481 64.32 19.87 -7.92
N LYS A 482 63.89 19.87 -9.16
CA LYS A 482 63.46 18.67 -9.84
C LYS A 482 64.52 17.59 -9.79
N SER A 483 65.74 18.01 -10.05
CA SER A 483 66.84 17.12 -10.12
C SER A 483 67.19 16.59 -8.73
N ARG A 484 66.92 17.36 -7.67
CA ARG A 484 67.19 16.88 -6.34
C ARG A 484 66.11 15.92 -5.85
N TRP A 485 64.87 16.20 -6.21
CA TRP A 485 63.74 15.51 -5.55
C TRP A 485 63.08 14.39 -6.37
N ASP A 486 63.19 14.49 -7.70
CA ASP A 486 62.79 13.43 -8.62
C ASP A 486 63.93 13.14 -9.60
N PRO A 487 65.06 12.60 -9.06
CA PRO A 487 66.24 12.37 -9.89
C PRO A 487 66.01 11.37 -11.01
N ARG A 488 65.06 10.45 -10.89
CA ARG A 488 64.81 9.49 -11.96
C ARG A 488 63.75 9.96 -12.95
N ASN A 489 63.24 11.17 -12.80
CA ASN A 489 62.23 11.73 -13.73
C ASN A 489 61.01 10.79 -13.84
N VAL A 490 60.58 10.29 -12.69
CA VAL A 490 59.37 9.47 -12.61
C VAL A 490 58.11 10.23 -13.03
N PHE A 491 58.02 11.49 -12.59
CA PHE A 491 56.87 12.31 -12.85
C PHE A 491 57.13 13.25 -14.00
N ARG A 492 56.41 13.03 -15.07
CA ARG A 492 56.64 13.81 -16.24
C ARG A 492 55.40 13.87 -17.15
N HIS A 493 55.44 14.82 -18.08
CA HIS A 493 54.42 15.08 -19.07
C HIS A 493 54.99 16.06 -20.08
N ALA A 494 54.22 16.49 -21.08
CA ALA A 494 54.81 17.33 -22.18
C ALA A 494 55.42 18.61 -21.63
N PHE A 495 54.84 19.16 -20.58
CA PHE A 495 55.37 20.39 -19.99
C PHE A 495 55.94 20.18 -18.60
N SER A 496 56.47 19.01 -18.30
CA SER A 496 57.09 18.81 -17.01
C SER A 496 58.45 19.48 -16.94
N ILE A 497 58.84 19.88 -15.74
CA ILE A 497 60.17 20.49 -15.53
C ILE A 497 61.21 19.48 -15.98
N ARG A 498 62.03 19.82 -16.96
CA ARG A 498 63.06 18.86 -17.44
C ARG A 498 64.25 18.80 -16.48
N PRO A 499 64.84 17.63 -16.31
CA PRO A 499 65.93 17.65 -15.33
C PRO A 499 67.12 18.48 -15.87
N ARG A 500 67.76 19.20 -14.95
CA ARG A 500 68.98 20.01 -15.24
C ARG A 500 69.84 19.48 -16.40
N THR B 3 34.90 16.24 17.65
CA THR B 3 34.94 17.04 18.93
C THR B 3 34.95 18.56 18.77
N ARG B 4 34.77 19.07 17.55
CA ARG B 4 34.53 20.47 17.40
C ARG B 4 33.17 20.76 18.06
N ALA B 5 33.10 21.81 18.88
CA ALA B 5 31.82 22.24 19.42
C ALA B 5 30.90 22.71 18.28
N ALA B 6 29.60 22.48 18.44
CA ALA B 6 28.62 22.99 17.49
C ALA B 6 28.78 24.49 17.30
N VAL B 7 28.58 24.94 16.08
CA VAL B 7 28.66 26.38 15.77
C VAL B 7 27.30 27.06 15.93
N THR B 8 27.28 28.24 16.56
CA THR B 8 26.11 29.07 16.63
C THR B 8 26.38 30.33 15.86
N VAL B 9 25.49 30.64 14.92
CA VAL B 9 25.55 31.82 14.07
C VAL B 9 24.38 32.73 14.36
N LYS B 10 24.67 33.90 14.99
CA LYS B 10 23.68 34.93 15.28
C LYS B 10 23.72 36.03 14.26
N PRO B 11 22.70 36.92 14.23
CA PRO B 11 22.73 37.91 13.16
C PRO B 11 23.96 38.82 13.08
N ASP B 12 24.76 38.92 14.15
CA ASP B 12 25.96 39.75 14.10
C ASP B 12 27.16 39.05 13.41
N ASP B 13 27.03 37.77 13.08
CA ASP B 13 28.07 36.99 12.42
C ASP B 13 27.85 37.15 10.93
N HIS B 14 28.92 37.37 10.18
CA HIS B 14 28.84 37.50 8.71
C HIS B 14 28.22 36.30 8.01
N ARG B 15 28.35 35.14 8.61
CA ARG B 15 27.72 33.93 8.04
C ARG B 15 26.22 33.93 8.01
N TYR B 16 25.59 34.74 8.85
CA TYR B 16 24.14 34.65 9.04
C TYR B 16 23.38 34.89 7.74
N ASP B 17 23.74 35.91 7.01
CA ASP B 17 22.99 36.26 5.81
C ASP B 17 23.09 35.19 4.72
N LEU B 18 24.20 34.48 4.70
CA LEU B 18 24.38 33.39 3.76
C LEU B 18 23.48 32.21 4.17
N LEU B 19 23.52 31.88 5.44
CA LEU B 19 22.76 30.72 5.94
C LEU B 19 21.26 30.92 5.84
N ALA B 20 20.81 32.17 5.85
CA ALA B 20 19.43 32.53 5.73
C ALA B 20 18.87 32.25 4.34
N ARG B 21 19.76 32.11 3.35
CA ARG B 21 19.36 31.94 1.95
C ARG B 21 19.59 30.53 1.45
N ALA B 22 18.60 29.91 0.84
CA ALA B 22 18.75 28.54 0.40
C ALA B 22 18.37 28.56 -1.07
N ASP B 23 17.86 27.46 -1.63
CA ASP B 23 17.59 27.37 -3.08
C ASP B 23 16.48 28.31 -3.59
N ASN B 24 15.53 28.66 -2.72
CA ASN B 24 14.46 29.57 -3.11
C ASN B 24 14.59 30.96 -2.41
N TYR B 25 15.06 31.98 -3.15
CA TYR B 25 15.28 33.32 -2.58
C TYR B 25 13.98 34.05 -2.21
N ARG B 26 12.83 33.45 -2.54
CA ARG B 26 11.59 33.98 -2.00
C ARG B 26 11.53 33.86 -0.50
N PHE B 27 12.29 32.93 0.11
CA PHE B 27 12.11 32.64 1.53
C PHE B 27 13.40 32.80 2.32
N VAL B 28 13.60 33.97 2.92
CA VAL B 28 14.80 34.27 3.61
C VAL B 28 14.56 34.03 5.08
N ALA B 29 15.29 33.11 5.68
CA ALA B 29 15.05 32.81 7.09
C ALA B 29 15.48 33.96 8.02
N GLN B 30 14.82 34.08 9.18
CA GLN B 30 15.24 35.06 10.20
C GLN B 30 15.21 34.50 11.61
N PRO B 31 15.91 33.37 11.82
CA PRO B 31 15.93 32.85 13.17
C PRO B 31 16.70 33.69 14.18
N GLU B 32 16.52 33.39 15.46
CA GLU B 32 17.43 33.86 16.48
C GLU B 32 18.86 33.45 16.19
N TYR B 33 19.03 32.19 15.76
CA TYR B 33 20.32 31.68 15.38
C TYR B 33 20.21 30.43 14.58
N PHE B 34 21.29 30.16 13.86
CA PHE B 34 21.48 28.90 13.17
C PHE B 34 22.42 28.12 14.03
N ARG B 35 22.19 26.81 14.11
CA ARG B 35 23.09 25.93 14.86
C ARG B 35 23.60 24.91 13.82
N LEU B 36 24.93 24.72 13.73
CA LEU B 36 25.57 23.70 12.87
C LEU B 36 26.24 22.65 13.70
N PRO B 37 25.57 21.52 13.96
CA PRO B 37 26.15 20.49 14.79
C PRO B 37 27.01 19.53 13.94
N TYR B 38 27.86 18.80 14.63
CA TYR B 38 28.83 17.89 14.04
C TYR B 38 28.53 16.45 14.37
N SER B 39 27.67 16.19 15.35
CA SER B 39 27.36 14.83 15.74
C SER B 39 25.90 14.70 16.17
N THR B 40 25.40 13.47 16.21
CA THR B 40 24.06 13.24 16.73
C THR B 40 23.90 13.81 18.14
N ALA B 41 24.91 13.64 19.00
CA ALA B 41 24.81 14.19 20.35
C ALA B 41 24.58 15.69 20.36
N GLN B 42 25.18 16.40 19.41
CA GLN B 42 25.02 17.82 19.34
C GLN B 42 23.68 18.16 18.78
N VAL B 43 23.12 17.32 17.92
CA VAL B 43 21.73 17.55 17.45
C VAL B 43 20.75 17.41 18.64
N VAL B 44 20.95 16.38 19.48
CA VAL B 44 20.16 16.24 20.72
C VAL B 44 20.24 17.48 21.62
N GLU B 45 21.44 17.99 21.86
CA GLU B 45 21.67 19.24 22.61
C GLU B 45 20.86 20.39 21.98
N ALA B 46 20.95 20.56 20.67
CA ALA B 46 20.26 21.69 20.05
C ALA B 46 18.77 21.58 20.22
N VAL B 47 18.23 20.40 19.98
CA VAL B 47 16.80 20.20 20.07
C VAL B 47 16.31 20.40 21.50
N SER B 48 17.03 19.80 22.45
CA SER B 48 16.71 19.91 23.84
C SER B 48 16.64 21.38 24.36
N GLU B 49 17.54 22.24 23.88
CA GLU B 49 17.55 23.68 24.21
C GLU B 49 16.30 24.37 23.69
N ALA B 50 15.98 24.14 22.42
CA ALA B 50 14.81 24.77 21.83
C ALA B 50 13.51 24.28 22.49
N VAL B 51 13.41 22.99 22.77
CA VAL B 51 12.23 22.46 23.43
C VAL B 51 12.10 23.05 24.84
N ALA B 52 13.20 23.16 25.56
CA ALA B 52 13.12 23.66 26.95
C ALA B 52 12.49 25.08 27.03
N ALA B 53 12.80 25.94 26.08
CA ALA B 53 12.32 27.32 26.10
C ALA B 53 11.14 27.52 25.16
N GLY B 54 10.62 26.45 24.60
CA GLY B 54 9.52 26.51 23.64
C GLY B 54 9.86 27.25 22.36
N LYS B 55 11.12 27.21 21.92
CA LYS B 55 11.49 27.88 20.67
C LYS B 55 11.04 27.03 19.51
N ARG B 56 10.58 27.66 18.46
CA ARG B 56 10.22 26.92 17.30
C ARG B 56 11.49 26.54 16.53
N LEU B 57 11.64 25.25 16.22
CA LEU B 57 12.87 24.68 15.60
C LEU B 57 12.58 24.01 14.27
N THR B 58 13.39 24.28 13.25
CA THR B 58 13.26 23.51 12.03
C THR B 58 14.66 23.07 11.63
N VAL B 59 14.74 22.06 10.75
CA VAL B 59 16.02 21.49 10.31
C VAL B 59 16.21 21.77 8.83
N ARG B 60 17.42 22.06 8.46
CA ARG B 60 17.74 22.19 7.09
C ARG B 60 18.85 21.22 6.72
N SER B 61 18.71 20.51 5.60
CA SER B 61 19.79 19.62 5.12
C SER B 61 20.41 20.21 3.87
N GLY B 62 19.76 20.03 2.71
CA GLY B 62 20.22 20.65 1.47
C GLY B 62 19.58 21.97 1.07
N GLY B 63 18.52 22.39 1.76
CA GLY B 63 17.90 23.68 1.47
C GLY B 63 17.05 23.70 0.21
N HIS B 64 16.65 22.55 -0.29
CA HIS B 64 15.87 22.51 -1.54
C HIS B 64 14.37 22.62 -1.40
N CYS B 65 13.88 22.81 -0.18
CA CYS B 65 12.40 22.89 -0.01
C CYS B 65 11.77 23.89 -1.03
N GLY B 66 10.69 23.47 -1.68
CA GLY B 66 9.98 24.38 -2.59
C GLY B 66 9.18 25.45 -1.86
N GLU B 67 8.83 25.20 -0.59
CA GLU B 67 8.12 26.19 0.24
C GLU B 67 8.95 26.70 1.43
N ALA B 68 8.34 27.55 2.24
CA ALA B 68 9.00 28.12 3.40
C ALA B 68 8.88 27.25 4.66
N PHE B 69 9.00 25.94 4.53
CA PHE B 69 8.90 25.09 5.71
C PHE B 69 10.04 25.25 6.68
N VAL B 70 11.24 25.48 6.17
CA VAL B 70 12.38 25.67 7.05
C VAL B 70 12.39 27.15 7.48
N ALA B 71 12.12 28.04 6.55
CA ALA B 71 12.51 29.47 6.63
C ALA B 71 11.41 30.46 7.02
N SER B 72 10.22 29.94 7.32
CA SER B 72 9.11 30.66 7.94
C SER B 72 9.58 31.73 8.94
N PRO B 73 9.01 32.97 8.91
CA PRO B 73 9.40 34.02 9.86
C PRO B 73 9.19 33.64 11.33
N ASP B 74 8.28 32.71 11.59
CA ASP B 74 8.09 32.29 12.99
C ASP B 74 9.10 31.24 13.51
N VAL B 75 10.04 30.80 12.66
CA VAL B 75 11.09 29.94 13.12
C VAL B 75 12.18 30.68 13.89
N ASP B 76 12.45 30.19 15.07
CA ASP B 76 13.44 30.77 15.99
C ASP B 76 14.84 30.16 15.91
N VAL B 77 14.92 28.88 15.59
CA VAL B 77 16.18 28.15 15.58
C VAL B 77 16.20 27.25 14.35
N ILE B 78 17.22 27.37 13.51
CA ILE B 78 17.37 26.46 12.36
C ILE B 78 18.58 25.65 12.67
N VAL B 79 18.40 24.33 12.69
CA VAL B 79 19.50 23.39 12.80
C VAL B 79 19.90 22.99 11.36
N ASP B 80 21.10 23.40 10.95
CA ASP B 80 21.57 23.20 9.60
C ASP B 80 22.58 22.06 9.68
N LEU B 81 22.28 20.96 8.96
CA LEU B 81 23.03 19.70 9.02
C LEU B 81 24.08 19.56 7.91
N SER B 82 24.39 20.65 7.25
CA SER B 82 25.32 20.60 6.16
C SER B 82 26.78 20.21 6.53
N SER B 83 27.20 20.35 7.79
CA SER B 83 28.50 19.80 8.16
C SER B 83 28.43 18.33 8.60
N MET B 84 27.25 17.71 8.55
CA MET B 84 27.13 16.26 8.76
C MET B 84 26.88 15.61 7.38
N SER B 85 27.97 15.33 6.65
CA SER B 85 27.82 14.93 5.25
C SER B 85 28.56 13.62 4.93
N HIS B 86 28.92 12.88 5.96
CA HIS B 86 29.62 11.64 5.78
C HIS B 86 28.82 10.59 5.02
N VAL B 87 29.50 9.89 4.12
CA VAL B 87 28.93 8.80 3.32
C VAL B 87 29.95 7.66 3.30
N GLY B 88 29.55 6.47 3.71
CA GLY B 88 30.50 5.36 3.79
C GLY B 88 29.82 4.06 4.18
N TYR B 89 30.48 2.95 3.93
CA TYR B 89 29.89 1.66 4.22
C TYR B 89 30.01 1.35 5.68
N ASP B 90 28.91 0.91 6.30
CA ASP B 90 28.89 0.57 7.72
C ASP B 90 28.87 -0.92 7.75
N GLU B 91 30.04 -1.48 8.01
CA GLU B 91 30.27 -2.93 8.00
C GLU B 91 29.32 -3.69 8.93
N GLU B 92 29.07 -3.13 10.10
CA GLU B 92 28.16 -3.76 11.09
C GLU B 92 26.72 -3.95 10.59
N ARG B 93 26.18 -2.99 9.84
CA ARG B 93 24.82 -3.12 9.36
C ARG B 93 24.73 -3.70 7.96
N GLY B 94 25.86 -3.88 7.27
CA GLY B 94 25.82 -4.30 5.87
C GLY B 94 25.22 -3.26 4.94
N ALA B 95 25.33 -1.97 5.31
CA ALA B 95 24.58 -0.92 4.63
C ALA B 95 25.39 0.36 4.54
N PHE B 96 25.12 1.14 3.52
CA PHE B 96 25.81 2.43 3.34
C PHE B 96 25.19 3.48 4.24
N GLU B 97 25.99 4.07 5.10
CA GLU B 97 25.54 5.12 6.02
C GLU B 97 25.63 6.46 5.30
N VAL B 98 24.54 7.22 5.32
CA VAL B 98 24.47 8.52 4.65
C VAL B 98 24.00 9.52 5.71
N GLU B 99 24.85 10.47 6.10
CA GLU B 99 24.45 11.48 7.06
C GLU B 99 23.48 12.40 6.37
N ALA B 100 22.59 13.02 7.14
CA ALA B 100 21.50 13.81 6.48
C ALA B 100 21.91 15.00 5.68
N GLY B 101 23.08 15.55 6.00
CA GLY B 101 23.60 16.69 5.31
C GLY B 101 24.31 16.39 4.02
N ALA B 102 24.47 15.11 3.66
CA ALA B 102 25.05 14.74 2.40
C ALA B 102 24.10 15.13 1.28
N THR B 103 24.66 15.58 0.18
CA THR B 103 23.86 15.93 -0.98
C THR B 103 23.92 14.80 -1.99
N VAL B 104 22.91 14.72 -2.87
CA VAL B 104 22.75 13.53 -3.74
C VAL B 104 23.92 13.41 -4.71
N GLY B 105 24.38 14.53 -5.20
CA GLY B 105 25.49 14.52 -6.17
C GLY B 105 26.74 13.87 -5.64
N GLN B 106 27.07 14.24 -4.42
CA GLN B 106 28.22 13.74 -3.66
C GLN B 106 28.03 12.26 -3.30
N ILE B 107 26.83 11.89 -2.87
CA ILE B 107 26.54 10.50 -2.56
C ILE B 107 26.81 9.60 -3.78
N TYR B 108 26.28 9.98 -4.91
CA TYR B 108 26.44 9.17 -6.09
C TYR B 108 27.89 9.03 -6.48
N ARG B 109 28.66 10.11 -6.38
CA ARG B 109 30.07 10.09 -6.82
C ARG B 109 30.82 9.11 -5.91
N VAL B 110 30.56 9.21 -4.62
CA VAL B 110 31.25 8.37 -3.63
C VAL B 110 30.90 6.90 -3.70
N LEU B 111 29.63 6.59 -3.77
CA LEU B 111 29.23 5.19 -3.87
C LEU B 111 29.68 4.59 -5.22
N TYR B 112 29.56 5.34 -6.31
CA TYR B 112 29.93 4.80 -7.60
C TYR B 112 31.44 4.58 -7.74
N LYS B 113 32.24 5.60 -7.49
CA LYS B 113 33.68 5.42 -7.74
C LYS B 113 34.30 4.41 -6.76
N ASN B 114 33.87 4.44 -5.50
CA ASN B 114 34.50 3.56 -4.51
C ASN B 114 34.00 2.11 -4.52
N TYR B 115 32.76 1.91 -4.90
CA TYR B 115 32.16 0.59 -4.83
C TYR B 115 31.47 0.09 -6.10
N GLY B 116 31.20 0.99 -7.04
CA GLY B 116 30.52 0.64 -8.28
C GLY B 116 29.00 0.55 -8.15
N VAL B 117 28.43 1.12 -7.09
CA VAL B 117 27.00 0.91 -6.79
C VAL B 117 26.27 2.26 -6.85
N THR B 118 24.95 2.24 -6.88
CA THR B 118 24.18 3.44 -6.78
C THR B 118 22.81 3.14 -6.10
N PHE B 119 21.98 4.17 -5.91
CA PHE B 119 20.54 3.95 -5.60
C PHE B 119 19.77 4.98 -6.39
N PRO B 120 18.47 4.71 -6.63
CA PRO B 120 17.68 5.56 -7.53
C PRO B 120 17.12 6.85 -6.91
N GLY B 121 17.96 7.86 -6.76
CA GLY B 121 17.55 9.13 -6.17
C GLY B 121 17.50 10.17 -7.26
N GLY B 122 17.29 11.42 -6.90
CA GLY B 122 16.93 12.40 -7.94
C GLY B 122 18.05 12.85 -8.87
N PHE B 123 17.74 13.83 -9.71
CA PHE B 123 18.68 14.36 -10.68
C PHE B 123 19.21 15.77 -10.37
N CYS B 124 19.09 16.24 -9.12
CA CYS B 124 19.60 17.58 -8.80
C CYS B 124 20.75 17.53 -7.77
N MET B 125 21.86 18.21 -8.04
CA MET B 125 23.11 17.96 -7.33
C MET B 125 23.13 18.41 -5.87
N GLY B 126 22.53 19.56 -5.55
CA GLY B 126 22.54 20.08 -4.18
C GLY B 126 21.42 19.60 -3.24
N VAL B 127 20.60 18.64 -3.67
CA VAL B 127 19.46 18.18 -2.86
C VAL B 127 20.03 17.39 -1.68
N GLY B 128 19.59 17.73 -0.47
CA GLY B 128 19.97 17.02 0.74
C GLY B 128 19.31 15.67 0.99
N ALA B 129 20.08 14.72 1.52
CA ALA B 129 19.49 13.44 1.86
C ALA B 129 18.35 13.61 2.84
N GLY B 130 18.52 14.49 3.81
CA GLY B 130 17.52 14.70 4.84
C GLY B 130 16.07 14.85 4.43
N GLY B 131 15.79 15.76 3.49
CA GLY B 131 14.45 15.95 2.97
C GLY B 131 14.12 15.01 1.83
N HIS B 132 15.13 14.66 1.05
CA HIS B 132 14.93 13.88 -0.13
C HIS B 132 14.42 12.47 0.14
N ILE B 133 15.09 11.75 1.00
CA ILE B 133 14.78 10.33 1.17
C ILE B 133 13.42 10.16 1.89
N SER B 134 13.15 10.92 2.92
CA SER B 134 11.92 10.70 3.73
C SER B 134 10.63 10.92 2.95
N GLY B 135 10.73 11.66 1.87
CA GLY B 135 9.65 11.99 0.99
C GLY B 135 9.37 11.00 -0.11
N GLY B 136 10.29 10.08 -0.38
N GLY B 136 10.27 10.02 -0.29
CA GLY B 136 10.12 9.10 -1.47
CA GLY B 136 10.09 8.95 -1.25
C GLY B 136 10.91 9.41 -2.72
C GLY B 136 11.32 8.77 -2.11
N GLY B 137 12.18 9.73 -2.53
N GLY B 137 11.67 9.87 -2.79
CA GLY B 137 13.06 10.11 -3.62
CA GLY B 137 12.90 9.97 -3.57
C GLY B 137 12.94 9.24 -4.83
C GLY B 137 12.89 9.17 -4.85
N TYR B 138 12.87 9.85 -6.00
CA TYR B 138 12.92 9.14 -7.24
C TYR B 138 13.85 9.81 -8.23
N GLY B 139 14.21 9.08 -9.27
CA GLY B 139 14.80 9.76 -10.45
C GLY B 139 14.98 8.84 -11.64
N PRO B 140 15.93 9.18 -12.53
CA PRO B 140 16.03 8.49 -13.82
C PRO B 140 16.18 6.97 -13.80
N LEU B 141 16.76 6.40 -12.75
CA LEU B 141 16.89 4.96 -12.66
C LEU B 141 15.69 4.27 -11.95
N SER B 142 14.66 5.04 -11.57
CA SER B 142 13.52 4.46 -10.79
C SER B 142 12.73 3.40 -11.57
N ARG B 143 12.53 3.59 -12.86
CA ARG B 143 11.92 2.52 -13.70
C ARG B 143 12.66 1.19 -13.58
N LEU B 144 13.97 1.25 -13.44
CA LEU B 144 14.80 0.03 -13.31
C LEU B 144 14.98 -0.40 -11.86
N LEU B 145 15.10 0.56 -10.94
CA LEU B 145 15.52 0.23 -9.59
C LEU B 145 14.54 0.56 -8.47
N GLY B 146 13.47 1.29 -8.77
CA GLY B 146 12.49 1.67 -7.75
C GLY B 146 12.79 3.02 -7.12
N LEU B 147 12.29 3.21 -5.91
CA LEU B 147 12.45 4.49 -5.21
C LEU B 147 13.55 4.42 -4.17
N THR B 148 14.07 5.55 -3.74
CA THR B 148 15.12 5.52 -2.72
C THR B 148 14.68 4.71 -1.50
N VAL B 149 13.42 4.88 -1.10
CA VAL B 149 12.90 4.27 0.14
C VAL B 149 12.81 2.75 0.04
N ASP B 150 12.90 2.24 -1.18
CA ASP B 150 12.99 0.78 -1.45
C ASP B 150 14.33 0.20 -0.97
N TYR B 151 15.31 1.07 -0.67
CA TYR B 151 16.60 0.68 -0.13
C TYR B 151 16.84 1.17 1.31
N LEU B 152 15.80 1.66 1.96
CA LEU B 152 15.99 2.18 3.30
C LEU B 152 16.01 1.10 4.35
N HIS B 153 17.20 0.82 4.81
CA HIS B 153 17.45 -0.25 5.74
C HIS B 153 17.16 0.18 7.18
N ALA B 154 17.56 1.40 7.52
CA ALA B 154 17.38 1.92 8.86
C ALA B 154 17.56 3.45 8.81
N VAL B 155 17.03 4.09 9.83
CA VAL B 155 17.09 5.56 9.99
C VAL B 155 17.33 5.88 11.43
N GLU B 156 18.23 6.84 11.67
CA GLU B 156 18.50 7.39 12.99
C GLU B 156 17.79 8.71 13.19
N VAL B 157 16.98 8.78 14.24
CA VAL B 157 16.14 9.93 14.44
C VAL B 157 16.21 10.46 15.87
N VAL B 158 16.34 11.80 15.98
CA VAL B 158 16.28 12.51 17.26
C VAL B 158 14.85 12.95 17.48
N VAL B 159 14.30 12.44 18.56
CA VAL B 159 12.90 12.56 18.86
C VAL B 159 12.66 13.16 20.23
N VAL B 160 11.45 13.67 20.42
CA VAL B 160 11.03 14.39 21.62
C VAL B 160 9.77 13.77 22.24
N ASP B 161 9.84 13.32 23.49
CA ASP B 161 8.66 12.67 24.11
C ASP B 161 7.77 13.73 24.74
N ALA B 162 6.67 13.29 25.38
CA ALA B 162 5.60 14.18 25.87
C ALA B 162 6.05 15.15 26.93
N GLU B 163 7.04 14.72 27.73
CA GLU B 163 7.60 15.58 28.77
C GLU B 163 8.77 16.41 28.26
N GLY B 164 9.07 16.37 26.95
CA GLY B 164 10.13 17.19 26.40
C GLY B 164 11.52 16.60 26.48
N VAL B 165 11.63 15.31 26.81
CA VAL B 165 12.89 14.63 26.91
C VAL B 165 13.28 14.22 25.48
N VAL B 166 14.51 14.54 25.14
CA VAL B 166 15.00 14.39 23.79
C VAL B 166 15.91 13.17 23.72
N SER B 167 15.70 12.28 22.76
CA SER B 167 16.56 11.08 22.67
C SER B 167 16.75 10.69 21.23
N THR B 168 17.58 9.68 21.02
CA THR B 168 17.93 9.22 19.67
C THR B 168 17.48 7.80 19.53
N VAL B 169 16.84 7.47 18.42
CA VAL B 169 16.41 6.10 18.16
C VAL B 169 16.83 5.67 16.76
N VAL B 170 17.10 4.39 16.59
CA VAL B 170 17.39 3.84 15.29
C VAL B 170 16.20 2.95 14.99
N ALA B 171 15.54 3.21 13.87
CA ALA B 171 14.34 2.45 13.50
C ALA B 171 14.72 1.71 12.24
N THR B 172 14.44 0.43 12.20
CA THR B 172 14.82 -0.38 11.05
C THR B 172 13.58 -1.03 10.41
N ARG B 173 13.85 -1.59 9.24
CA ARG B 173 12.97 -2.30 8.34
C ARG B 173 12.54 -3.68 8.93
N GLU B 174 13.23 -4.19 9.95
CA GLU B 174 13.06 -5.57 10.40
C GLU B 174 11.71 -5.78 11.02
N GLU B 175 11.10 -6.94 10.74
CA GLU B 175 9.71 -7.14 11.13
C GLU B 175 9.53 -7.09 12.63
N ASP B 176 10.54 -7.52 13.37
CA ASP B 176 10.39 -7.50 14.84
C ASP B 176 10.83 -6.17 15.51
N ASP B 177 11.20 -5.15 14.72
CA ASP B 177 11.68 -3.87 15.31
C ASP B 177 10.55 -3.16 15.99
N PRO B 178 10.68 -2.88 17.29
CA PRO B 178 9.54 -2.25 17.92
C PRO B 178 9.26 -0.83 17.39
N ASN B 179 10.25 -0.21 16.75
CA ASN B 179 10.10 1.14 16.19
C ASN B 179 9.90 1.12 14.67
N ARG B 180 9.51 -0.02 14.13
CA ARG B 180 9.25 -0.19 12.75
C ARG B 180 8.27 0.85 12.15
N ASP B 181 7.30 1.28 12.92
CA ASP B 181 6.41 2.37 12.53
C ASP B 181 7.16 3.69 12.21
N LEU B 182 8.14 4.05 13.03
CA LEU B 182 8.96 5.24 12.73
C LEU B 182 9.76 5.08 11.46
N TRP B 183 10.31 3.89 11.24
CA TRP B 183 10.95 3.55 9.99
C TRP B 183 9.97 3.75 8.83
N TRP B 184 8.75 3.23 8.95
CA TRP B 184 7.76 3.29 7.86
C TRP B 184 7.40 4.71 7.49
N ALA B 185 7.26 5.54 8.50
CA ALA B 185 6.94 6.94 8.28
C ALA B 185 7.98 7.68 7.46
N HIS B 186 9.22 7.24 7.59
CA HIS B 186 10.34 7.78 6.78
C HIS B 186 10.48 7.17 5.38
N THR B 187 9.47 6.43 4.94
CA THR B 187 9.46 5.84 3.64
C THR B 187 8.45 6.54 2.75
N GLY B 188 8.25 7.83 3.03
CA GLY B 188 7.40 8.67 2.23
C GLY B 188 6.59 9.70 3.03
N GLY B 189 6.69 9.68 4.35
CA GLY B 189 5.95 10.64 5.16
C GLY B 189 6.46 12.06 5.00
N GLY B 190 7.71 12.21 4.56
CA GLY B 190 8.24 13.55 4.22
C GLY B 190 8.94 14.17 5.39
N GLY B 191 9.78 15.15 5.12
CA GLY B 191 10.61 15.76 6.17
C GLY B 191 9.85 16.75 7.04
N GLY B 192 10.44 17.04 8.20
CA GLY B 192 10.02 18.15 9.04
C GLY B 192 8.85 17.75 9.95
N ASN B 193 8.64 16.45 10.07
CA ASN B 193 7.47 15.89 10.72
C ASN B 193 7.69 15.12 12.00
N PHE B 194 8.65 14.22 12.03
CA PHE B 194 8.74 13.27 13.17
C PHE B 194 9.87 13.47 14.14
N GLY B 195 10.91 14.17 13.72
CA GLY B 195 12.13 14.28 14.49
C GLY B 195 13.22 14.66 13.52
N VAL B 196 14.43 14.80 14.02
CA VAL B 196 15.59 15.20 13.17
C VAL B 196 16.27 13.94 12.74
N ILE B 197 16.19 13.66 11.46
CA ILE B 197 16.91 12.58 10.85
C ILE B 197 18.41 12.93 10.86
N THR B 198 19.26 12.12 11.48
CA THR B 198 20.69 12.37 11.54
C THR B 198 21.44 11.53 10.54
N ARG B 199 20.95 10.33 10.30
CA ARG B 199 21.51 9.50 9.27
C ARG B 199 20.54 8.41 8.80
N TYR B 200 20.81 7.96 7.57
CA TYR B 200 20.09 6.87 6.94
C TYR B 200 21.05 5.73 6.65
N TRP B 201 20.56 4.53 6.63
CA TRP B 201 21.34 3.42 6.10
C TRP B 201 20.66 2.79 4.86
N LEU B 202 21.42 2.59 3.78
CA LEU B 202 20.84 2.13 2.52
C LEU B 202 21.38 0.78 2.13
N ARG B 203 20.49 -0.14 1.80
CA ARG B 203 20.94 -1.39 1.18
C ARG B 203 19.77 -2.13 0.51
N SER B 204 20.09 -2.89 -0.54
CA SER B 204 19.10 -3.77 -1.17
C SER B 204 18.57 -4.77 -0.14
N PRO B 205 17.25 -4.91 0.00
CA PRO B 205 16.80 -5.84 1.06
C PRO B 205 17.24 -7.31 0.88
N ASP B 206 17.47 -7.70 -0.37
CA ASP B 206 17.93 -9.04 -0.77
C ASP B 206 19.40 -9.07 -1.24
N ALA B 207 20.22 -8.19 -0.70
CA ALA B 207 21.62 -8.10 -1.10
C ALA B 207 22.29 -9.42 -0.79
N VAL B 208 23.23 -9.81 -1.63
CA VAL B 208 24.00 -11.04 -1.43
C VAL B 208 25.25 -10.79 -0.59
N GLY B 209 25.42 -11.61 0.43
CA GLY B 209 26.65 -11.61 1.21
C GLY B 209 26.79 -10.38 2.07
N ASP B 210 28.02 -9.87 2.16
CA ASP B 210 28.22 -8.64 2.93
C ASP B 210 29.24 -7.67 2.32
N ALA B 211 29.64 -7.87 1.06
CA ALA B 211 30.55 -6.94 0.40
C ALA B 211 29.75 -5.73 -0.01
N PRO B 212 30.33 -4.53 0.14
CA PRO B 212 29.66 -3.32 -0.27
C PRO B 212 29.31 -3.32 -1.73
N GLU B 213 30.09 -4.00 -2.55
CA GLU B 213 29.87 -3.94 -3.97
C GLU B 213 28.56 -4.64 -4.34
N GLU B 214 28.07 -5.45 -3.42
CA GLU B 214 26.79 -6.17 -3.57
C GLU B 214 25.61 -5.59 -2.73
N ALA B 215 25.88 -4.60 -1.90
CA ALA B 215 24.90 -4.09 -0.95
C ALA B 215 23.89 -3.14 -1.58
N LEU B 216 24.22 -2.57 -2.74
CA LEU B 216 23.31 -1.73 -3.49
C LEU B 216 23.45 -2.15 -4.96
N PRO B 217 22.49 -1.76 -5.81
CA PRO B 217 22.57 -2.25 -7.18
C PRO B 217 23.68 -1.60 -7.97
N ARG B 218 24.24 -2.32 -8.95
CA ARG B 218 25.14 -1.68 -9.94
C ARG B 218 24.36 -1.06 -11.05
N PRO B 219 24.60 0.20 -11.42
CA PRO B 219 23.80 0.70 -12.54
C PRO B 219 24.28 0.05 -13.86
N PRO B 220 23.55 0.24 -14.96
CA PRO B 220 24.08 -0.15 -16.27
C PRO B 220 25.32 0.64 -16.60
N ALA B 221 26.25 0.02 -17.31
CA ALA B 221 27.57 0.58 -17.47
C ALA B 221 27.55 1.86 -18.31
N SER B 222 26.77 1.87 -19.38
CA SER B 222 26.69 3.00 -20.25
C SER B 222 25.34 3.06 -20.91
N PHE B 223 25.06 4.22 -21.47
CA PHE B 223 23.71 4.54 -21.93
C PHE B 223 23.82 5.15 -23.29
N HIS B 224 22.77 4.96 -24.08
CA HIS B 224 22.57 5.79 -25.28
C HIS B 224 21.73 6.95 -24.83
N VAL B 225 22.18 8.14 -25.16
CA VAL B 225 21.53 9.33 -24.75
C VAL B 225 21.06 10.14 -25.97
N ALA B 226 19.83 10.59 -25.94
CA ALA B 226 19.31 11.46 -27.01
C ALA B 226 18.87 12.77 -26.40
N ARG B 227 19.23 13.88 -27.01
CA ARG B 227 18.77 15.19 -26.59
C ARG B 227 18.13 15.88 -27.80
N VAL B 228 16.89 16.29 -27.63
CA VAL B 228 16.03 16.65 -28.75
C VAL B 228 15.42 17.98 -28.48
N SER B 229 15.17 18.76 -29.53
CA SER B 229 14.44 19.99 -29.31
C SER B 229 13.64 20.49 -30.50
N TRP B 230 12.50 21.06 -30.19
CA TRP B 230 11.54 21.48 -31.18
C TRP B 230 11.42 22.99 -31.05
N SER B 231 11.67 23.72 -32.14
CA SER B 231 11.62 25.16 -32.08
C SER B 231 10.20 25.62 -31.82
N TRP B 232 10.05 26.73 -31.09
CA TRP B 232 8.74 27.34 -30.93
C TRP B 232 8.32 28.07 -32.21
N ALA B 233 9.29 28.57 -32.99
CA ALA B 233 9.00 29.41 -34.15
C ALA B 233 7.68 29.11 -34.81
N GLU B 234 7.57 27.91 -35.39
CA GLU B 234 6.40 27.52 -36.20
C GLU B 234 5.43 26.59 -35.46
N LEU B 235 5.67 26.41 -34.17
CA LEU B 235 4.85 25.51 -33.37
C LEU B 235 3.43 26.02 -33.19
N THR B 236 2.47 25.13 -33.46
CA THR B 236 1.04 25.40 -33.41
C THR B 236 0.38 24.51 -32.38
N GLU B 237 -0.79 24.92 -31.89
CA GLU B 237 -1.56 24.11 -30.96
C GLU B 237 -1.65 22.66 -31.43
N ALA B 238 -1.90 22.45 -32.73
CA ALA B 238 -2.02 21.10 -33.29
C ALA B 238 -0.76 20.28 -33.09
N ASP B 239 0.37 20.91 -33.44
CA ASP B 239 1.71 20.37 -33.19
C ASP B 239 1.90 19.97 -31.74
N TYR B 240 1.75 20.95 -30.85
CA TYR B 240 1.94 20.76 -29.41
C TYR B 240 1.11 19.59 -28.88
N VAL B 241 -0.18 19.58 -29.19
CA VAL B 241 -1.10 18.58 -28.65
C VAL B 241 -0.79 17.19 -29.21
N ARG B 242 -0.33 17.12 -30.46
CA ARG B 242 -0.02 15.80 -31.02
C ARG B 242 1.28 15.23 -30.42
N LEU B 243 2.26 16.09 -30.26
CA LEU B 243 3.57 15.67 -29.70
C LEU B 243 3.43 15.13 -28.27
N VAL B 244 2.77 15.91 -27.41
CA VAL B 244 2.55 15.49 -26.03
C VAL B 244 1.70 14.23 -25.99
N SER B 245 0.64 14.14 -26.81
CA SER B 245 -0.21 12.95 -26.83
C SER B 245 0.57 11.72 -27.29
N ASN B 246 1.44 11.91 -28.27
CA ASN B 246 2.32 10.81 -28.70
C ASN B 246 3.25 10.39 -27.54
N PHE B 247 3.77 11.36 -26.80
CA PHE B 247 4.67 11.07 -25.67
C PHE B 247 3.90 10.24 -24.64
N LEU B 248 2.74 10.74 -24.22
CA LEU B 248 1.96 10.06 -23.18
C LEU B 248 1.50 8.69 -23.65
N ASP B 249 0.98 8.64 -24.88
CA ASP B 249 0.63 7.37 -25.51
C ASP B 249 1.70 6.33 -25.28
N TRP B 250 2.89 6.63 -25.82
CA TRP B 250 4.04 5.73 -25.80
C TRP B 250 4.40 5.42 -24.36
N GLN B 251 4.46 6.44 -23.51
CA GLN B 251 4.84 6.16 -22.10
C GLN B 251 3.85 5.21 -21.45
N LEU B 252 2.55 5.40 -21.70
CA LEU B 252 1.55 4.61 -20.97
C LEU B 252 1.49 3.15 -21.46
N ARG B 253 1.93 2.92 -22.69
CA ARG B 253 2.13 1.57 -23.20
C ARG B 253 3.40 0.93 -22.68
N ASN B 254 4.28 1.72 -22.08
CA ASN B 254 5.63 1.23 -21.79
C ASN B 254 6.08 1.52 -20.36
N CYS B 255 5.17 1.42 -19.40
CA CYS B 255 5.46 1.86 -18.03
C CYS B 255 5.46 0.73 -17.01
N THR B 256 5.45 -0.52 -17.48
CA THR B 256 5.51 -1.69 -16.60
C THR B 256 6.78 -2.49 -16.84
N VAL B 257 7.14 -3.32 -15.87
CA VAL B 257 8.33 -4.17 -15.91
C VAL B 257 8.28 -5.15 -17.07
N ASP B 258 7.10 -5.34 -17.66
CA ASP B 258 6.92 -6.22 -18.82
C ASP B 258 7.28 -5.56 -20.15
N SER B 259 7.38 -4.24 -20.20
CA SER B 259 7.75 -3.57 -21.44
C SER B 259 9.20 -3.86 -21.80
N PRO B 260 9.46 -4.20 -23.07
CA PRO B 260 10.88 -4.36 -23.44
C PRO B 260 11.57 -3.00 -23.54
N ASN B 261 10.80 -1.91 -23.39
CA ASN B 261 11.31 -0.53 -23.39
C ASN B 261 11.37 0.13 -21.98
N ILE B 262 11.24 -0.67 -20.92
CA ILE B 262 11.22 -0.15 -19.57
C ILE B 262 12.55 0.54 -19.19
N GLY B 263 13.68 0.04 -19.71
CA GLY B 263 14.98 0.68 -19.53
C GLY B 263 15.09 2.08 -20.13
N LEU B 264 14.20 2.41 -21.07
CA LEU B 264 14.20 3.73 -21.68
C LEU B 264 13.50 4.77 -20.83
N TYR B 265 14.25 5.81 -20.45
CA TYR B 265 13.75 6.90 -19.59
C TYR B 265 13.76 8.17 -20.40
N ALA B 266 12.67 8.91 -20.38
CA ALA B 266 12.67 10.21 -21.00
C ALA B 266 11.94 11.30 -20.23
N LEU B 267 12.40 12.54 -20.41
CA LEU B 267 11.79 13.67 -19.76
C LEU B 267 11.48 14.75 -20.79
N LEU B 268 10.20 15.08 -20.94
CA LEU B 268 9.76 16.12 -21.91
C LEU B 268 9.55 17.45 -21.21
N GLU B 269 10.31 18.47 -21.59
CA GLU B 269 10.28 19.79 -20.95
C GLU B 269 9.53 20.78 -21.84
N CYS B 270 8.27 21.00 -21.51
CA CYS B 270 7.42 21.93 -22.28
C CYS B 270 7.58 23.36 -21.77
N PHE B 271 8.55 24.08 -22.34
CA PHE B 271 8.88 25.43 -21.95
C PHE B 271 7.86 26.40 -22.54
N HIS B 272 7.66 27.52 -21.85
CA HIS B 272 6.95 28.64 -22.40
C HIS B 272 7.69 29.12 -23.65
N ARG B 273 6.90 29.61 -24.61
CA ARG B 273 7.37 30.11 -25.89
C ARG B 273 8.63 30.93 -25.82
N SER B 274 8.69 31.81 -24.83
CA SER B 274 9.89 32.64 -24.61
C SER B 274 11.22 31.87 -24.43
N ALA B 275 11.20 30.54 -24.23
CA ALA B 275 12.44 29.77 -24.22
C ALA B 275 12.90 29.40 -25.64
N GLY B 276 12.03 29.53 -26.63
CA GLY B 276 12.44 29.24 -28.00
C GLY B 276 12.34 27.78 -28.40
N HIS B 277 12.27 26.86 -27.43
CA HIS B 277 12.17 25.44 -27.78
C HIS B 277 11.37 24.65 -26.74
N LEU B 278 10.89 23.49 -27.17
CA LEU B 278 10.52 22.39 -26.27
C LEU B 278 11.76 21.51 -26.30
N ALA B 279 12.04 20.83 -25.19
CA ALA B 279 13.21 19.96 -25.11
C ALA B 279 12.87 18.63 -24.50
N MET B 280 13.59 17.60 -24.90
CA MET B 280 13.49 16.32 -24.31
C MET B 280 14.87 15.67 -24.18
N HIS B 281 15.07 14.94 -23.09
CA HIS B 281 16.21 14.06 -23.02
C HIS B 281 15.78 12.64 -22.73
N ALA B 282 16.50 11.69 -23.29
CA ALA B 282 16.12 10.31 -23.18
C ALA B 282 17.37 9.48 -23.02
N GLN B 283 17.23 8.36 -22.36
CA GLN B 283 18.36 7.46 -22.23
C GLN B 283 17.90 6.06 -22.14
N ILE B 284 18.76 5.16 -22.62
CA ILE B 284 18.49 3.75 -22.54
C ILE B 284 19.82 3.01 -22.44
N PRO B 285 19.86 1.96 -21.61
CA PRO B 285 21.14 1.31 -21.41
C PRO B 285 21.60 0.55 -22.63
N VAL B 286 22.90 0.57 -22.85
CA VAL B 286 23.53 -0.07 -23.99
C VAL B 286 23.24 -1.58 -24.04
N ASP B 287 23.07 -2.23 -22.89
CA ASP B 287 22.94 -3.69 -22.81
C ASP B 287 21.49 -4.19 -22.87
N VAL B 288 20.57 -3.34 -23.28
CA VAL B 288 19.21 -3.78 -23.52
C VAL B 288 19.15 -4.32 -24.95
N PRO B 289 18.50 -5.48 -25.15
CA PRO B 289 18.26 -6.00 -26.50
C PRO B 289 17.88 -4.88 -27.48
N ASP B 290 18.72 -4.64 -28.47
CA ASP B 290 18.41 -3.70 -29.57
C ASP B 290 18.23 -2.27 -29.07
N ALA B 291 19.05 -1.88 -28.10
CA ALA B 291 18.91 -0.60 -27.43
C ALA B 291 18.88 0.58 -28.40
N GLU B 292 19.81 0.58 -29.34
CA GLU B 292 19.94 1.73 -30.20
C GLU B 292 18.71 1.94 -31.10
N GLU B 293 18.12 0.83 -31.54
CA GLU B 293 16.95 0.85 -32.43
C GLU B 293 15.71 1.22 -31.63
N ARG B 294 15.63 0.74 -30.40
CA ARG B 294 14.51 1.10 -29.51
C ARG B 294 14.45 2.60 -29.30
N MET B 295 15.60 3.25 -29.20
CA MET B 295 15.65 4.71 -29.07
C MET B 295 15.06 5.34 -30.37
N SER B 296 15.60 4.90 -31.52
CA SER B 296 15.06 5.25 -32.84
C SER B 296 13.55 5.05 -32.97
N TRP B 297 13.04 3.89 -32.60
CA TRP B 297 11.59 3.64 -32.68
C TRP B 297 10.82 4.69 -31.89
N PHE B 298 11.32 4.96 -30.69
CA PHE B 298 10.65 5.86 -29.77
C PHE B 298 10.62 7.26 -30.35
N LEU B 299 11.76 7.71 -30.84
CA LEU B 299 11.90 9.07 -31.40
C LEU B 299 11.06 9.26 -32.67
N ALA B 300 10.91 8.18 -33.43
CA ALA B 300 10.07 8.20 -34.64
C ALA B 300 8.61 8.43 -34.26
N GLU B 301 8.06 7.54 -33.42
CA GLU B 301 6.69 7.67 -32.90
C GLU B 301 6.37 9.07 -32.37
N LEU B 302 7.33 9.68 -31.68
CA LEU B 302 7.14 11.05 -31.22
C LEU B 302 6.78 12.05 -32.31
N ASN B 303 7.46 11.97 -33.45
CA ASN B 303 7.26 12.95 -34.52
C ASN B 303 6.07 12.64 -35.43
N GLU B 304 5.61 11.42 -35.37
CA GLU B 304 4.52 10.97 -36.21
C GLU B 304 3.28 11.86 -35.98
N GLY B 305 2.99 12.69 -37.00
CA GLY B 305 1.87 13.64 -36.99
C GLY B 305 2.24 15.05 -36.52
N VAL B 306 3.53 15.38 -36.54
CA VAL B 306 4.05 16.65 -36.00
C VAL B 306 4.87 17.36 -37.07
N ALA B 307 4.50 18.61 -37.39
CA ALA B 307 5.09 19.34 -38.53
C ALA B 307 6.46 19.93 -38.24
N VAL B 308 6.76 20.16 -36.96
CA VAL B 308 8.07 20.65 -36.57
C VAL B 308 9.02 19.47 -36.49
N ALA B 309 10.14 19.59 -37.18
CA ALA B 309 11.19 18.60 -37.15
C ALA B 309 12.09 18.98 -36.01
N PRO B 310 12.41 18.02 -35.12
CA PRO B 310 13.27 18.35 -34.00
C PRO B 310 14.71 18.27 -34.40
N SER B 311 15.55 19.12 -33.81
CA SER B 311 17.00 18.91 -33.85
C SER B 311 17.35 17.91 -32.75
N LEU B 312 18.31 17.05 -33.04
CA LEU B 312 18.48 15.81 -32.32
C LEU B 312 19.95 15.43 -32.24
N THR B 313 20.48 15.30 -31.04
CA THR B 313 21.86 14.83 -30.87
C THR B 313 21.85 13.52 -30.07
N ARG B 314 22.61 12.56 -30.55
CA ARG B 314 22.66 11.23 -29.96
C ARG B 314 24.11 10.87 -29.68
N ARG B 315 24.35 10.23 -28.54
CA ARG B 315 25.73 9.91 -28.14
C ARG B 315 25.68 8.83 -27.06
N ARG B 316 26.81 8.21 -26.78
CA ARG B 316 26.88 7.14 -25.81
C ARG B 316 27.73 7.62 -24.62
N LEU B 317 27.32 7.34 -23.40
CA LEU B 317 28.09 7.80 -22.22
C LEU B 317 28.10 6.82 -21.09
N PRO B 318 29.17 6.78 -20.28
CA PRO B 318 29.14 5.97 -19.04
C PRO B 318 27.99 6.40 -18.11
N TRP B 319 27.48 5.52 -17.25
CA TRP B 319 26.32 5.92 -16.44
C TRP B 319 26.49 7.23 -15.64
N LEU B 320 27.59 7.38 -14.91
CA LEU B 320 27.72 8.55 -14.04
C LEU B 320 27.83 9.85 -14.83
N ALA B 321 28.40 9.78 -16.02
CA ALA B 321 28.44 10.96 -16.87
C ALA B 321 27.04 11.31 -17.38
N THR B 322 26.29 10.32 -17.83
CA THR B 322 24.89 10.49 -18.20
C THR B 322 24.10 11.21 -17.10
N SER B 323 24.23 10.69 -15.90
CA SER B 323 23.53 11.26 -14.78
C SER B 323 24.00 12.69 -14.53
N GLN B 324 25.30 12.94 -14.63
CA GLN B 324 25.79 14.32 -14.40
C GLN B 324 25.40 15.23 -15.54
N LEU B 325 25.28 14.68 -16.73
CA LEU B 325 24.97 15.53 -17.89
C LEU B 325 23.57 16.11 -17.77
N LEU B 326 22.67 15.27 -17.28
CA LEU B 326 21.28 15.64 -17.07
C LEU B 326 21.01 16.34 -15.71
N ALA B 327 21.95 16.30 -14.77
CA ALA B 327 21.71 16.89 -13.46
C ALA B 327 21.58 18.41 -13.51
N ILE B 328 20.85 18.95 -12.54
CA ILE B 328 20.77 20.38 -12.36
C ILE B 328 21.89 20.87 -11.46
N PRO B 329 22.66 21.88 -11.94
CA PRO B 329 23.74 22.49 -11.15
C PRO B 329 23.26 23.11 -9.84
N ASP B 330 24.10 22.98 -8.83
CA ASP B 330 23.97 23.68 -7.55
C ASP B 330 24.70 25.07 -7.49
N VAL B 331 25.32 25.50 -8.58
CA VAL B 331 25.94 26.83 -8.68
C VAL B 331 25.63 27.41 -10.07
N GLY B 332 26.01 28.67 -10.28
CA GLY B 332 25.73 29.37 -11.54
C GLY B 332 24.39 30.12 -11.48
N PRO B 333 24.07 30.90 -12.51
CA PRO B 333 22.84 31.70 -12.60
C PRO B 333 21.52 30.93 -12.53
N GLY B 334 21.51 29.63 -12.78
CA GLY B 334 20.30 28.84 -12.61
C GLY B 334 20.05 28.43 -11.17
N ALA B 335 21.08 28.46 -10.34
CA ALA B 335 20.96 27.94 -8.98
C ALA B 335 20.91 29.02 -7.93
N ILE B 336 21.61 30.12 -8.15
CA ILE B 336 21.91 31.06 -7.04
C ILE B 336 21.16 32.36 -7.20
N GLY B 337 20.50 32.76 -6.13
CA GLY B 337 19.75 34.01 -6.10
C GLY B 337 18.44 33.96 -6.88
N VAL B 338 17.81 32.78 -6.91
CA VAL B 338 16.67 32.53 -7.80
C VAL B 338 15.44 32.35 -6.94
N ARG B 339 14.37 33.06 -7.34
CA ARG B 339 13.05 32.97 -6.75
C ARG B 339 12.26 31.96 -7.59
N ARG B 340 11.55 31.05 -6.91
CA ARG B 340 10.89 29.91 -7.56
C ARG B 340 9.51 29.61 -7.03
N LYS B 341 8.75 28.91 -7.86
CA LYS B 341 7.49 28.31 -7.47
C LYS B 341 7.40 27.04 -8.26
N VAL B 342 7.09 25.94 -7.57
CA VAL B 342 6.95 24.62 -8.23
C VAL B 342 5.58 24.00 -7.89
N LYS B 343 5.09 23.11 -8.76
CA LYS B 343 3.84 22.39 -8.57
C LYS B 343 4.05 20.99 -9.16
N SER B 344 3.14 20.06 -8.85
CA SER B 344 3.35 18.69 -9.08
C SER B 344 2.00 18.07 -9.29
N ALA B 345 1.91 17.09 -10.17
CA ALA B 345 0.67 16.33 -10.41
C ALA B 345 1.06 15.07 -11.14
N ASP B 346 0.59 13.93 -10.65
CA ASP B 346 0.98 12.61 -11.15
C ASP B 346 -0.17 11.85 -11.86
N LEU B 347 0.20 11.03 -12.84
CA LEU B 347 -0.77 10.46 -13.79
C LEU B 347 -0.71 8.95 -13.86
N ARG B 348 -1.88 8.34 -14.04
CA ARG B 348 -2.00 6.93 -14.40
C ARG B 348 -2.80 6.74 -15.71
N GLY B 349 -3.25 7.84 -16.32
CA GLY B 349 -3.78 7.83 -17.69
C GLY B 349 -3.43 9.14 -18.35
N PRO B 350 -3.77 9.32 -19.65
CA PRO B 350 -3.34 10.51 -20.38
C PRO B 350 -4.13 11.77 -20.04
N HIS B 351 -3.51 12.92 -20.31
CA HIS B 351 -4.19 14.20 -20.38
C HIS B 351 -5.08 14.21 -21.63
N THR B 352 -6.27 14.79 -21.51
CA THR B 352 -7.19 14.82 -22.63
C THR B 352 -6.71 15.87 -23.62
N ARG B 353 -7.31 15.83 -24.80
CA ARG B 353 -7.07 16.84 -25.82
C ARG B 353 -7.31 18.24 -25.23
N GLU B 354 -8.37 18.41 -24.45
CA GLU B 354 -8.76 19.72 -23.91
C GLU B 354 -7.72 20.26 -22.91
N GLN B 355 -7.20 19.36 -22.06
CA GLN B 355 -6.16 19.76 -21.12
C GLN B 355 -4.93 20.27 -21.83
N LEU B 356 -4.51 19.54 -22.86
CA LEU B 356 -3.31 19.93 -23.60
C LEU B 356 -3.45 21.25 -24.35
N ALA B 357 -4.66 21.56 -24.82
CA ALA B 357 -4.89 22.83 -25.51
C ALA B 357 -4.89 23.94 -24.47
N ALA B 358 -5.43 23.66 -23.29
CA ALA B 358 -5.34 24.60 -22.17
C ALA B 358 -3.89 24.92 -21.82
N ALA B 359 -3.06 23.89 -21.80
CA ALA B 359 -1.63 24.03 -21.54
C ALA B 359 -1.04 24.90 -22.62
N TYR B 360 -1.35 24.58 -23.87
CA TYR B 360 -0.83 25.36 -24.98
C TYR B 360 -1.09 26.86 -24.86
N ARG B 361 -2.28 27.22 -24.41
CA ARG B 361 -2.70 28.63 -24.34
C ARG B 361 -1.74 29.42 -23.46
N HIS B 362 -1.38 28.82 -22.32
CA HIS B 362 -0.49 29.45 -21.37
C HIS B 362 0.97 29.35 -21.77
N LEU B 363 1.38 28.23 -22.35
CA LEU B 363 2.75 28.11 -22.83
C LEU B 363 3.05 29.00 -24.03
N SER B 364 2.02 29.32 -24.83
CA SER B 364 2.16 30.13 -26.04
C SER B 364 1.84 31.62 -25.79
N ARG B 365 1.05 31.90 -24.76
CA ARG B 365 0.82 33.26 -24.27
C ARG B 365 1.99 34.15 -24.67
N ALA B 366 1.73 35.23 -25.41
CA ALA B 366 2.80 36.13 -25.81
C ALA B 366 2.87 37.38 -24.92
N ASP B 367 1.89 37.59 -24.03
CA ASP B 367 1.96 38.68 -23.06
C ASP B 367 2.81 38.35 -21.83
N TYR B 368 3.51 37.22 -21.86
CA TYR B 368 4.32 36.74 -20.73
C TYR B 368 5.76 36.48 -21.21
N HIS B 369 6.73 36.81 -20.37
CA HIS B 369 8.13 36.54 -20.65
C HIS B 369 8.83 35.92 -19.45
N CYS B 370 9.11 34.63 -19.58
CA CYS B 370 9.89 33.88 -18.60
C CYS B 370 10.43 32.59 -19.25
N PRO B 371 11.68 32.64 -19.76
CA PRO B 371 12.34 31.48 -20.37
C PRO B 371 12.40 30.23 -19.45
N SER B 372 12.41 30.44 -18.13
CA SER B 372 12.42 29.31 -17.17
C SER B 372 11.08 28.68 -16.85
N ALA B 373 10.00 29.28 -17.34
CA ALA B 373 8.67 28.75 -17.08
C ALA B 373 8.47 27.47 -17.88
N ALA B 374 8.03 26.40 -17.22
CA ALA B 374 7.83 25.12 -17.91
C ALA B 374 6.94 24.14 -17.18
N MET B 375 6.39 23.19 -17.92
CA MET B 375 5.87 21.98 -17.33
C MET B 375 6.58 20.83 -18.00
N GLU B 376 6.80 19.79 -17.22
CA GLU B 376 7.55 18.63 -17.62
C GLU B 376 6.75 17.38 -17.43
N TYR B 377 6.95 16.44 -18.34
CA TYR B 377 6.37 15.12 -18.25
C TYR B 377 7.57 14.20 -18.06
N ILE B 378 7.52 13.46 -16.97
CA ILE B 378 8.62 12.62 -16.48
C ILE B 378 8.25 11.14 -16.47
N ALA B 379 8.92 10.32 -17.28
CA ALA B 379 8.71 8.89 -17.23
C ALA B 379 8.94 8.34 -15.84
N TYR B 380 8.10 7.36 -15.49
CA TYR B 380 8.01 6.82 -14.15
C TYR B 380 7.50 5.39 -14.28
N GLY B 381 7.13 4.77 -13.16
CA GLY B 381 6.55 3.45 -13.18
C GLY B 381 7.63 2.40 -13.06
N GLY B 382 7.54 1.38 -13.91
CA GLY B 382 8.36 0.21 -13.80
C GLY B 382 8.49 -0.41 -12.42
N ARG B 383 9.71 -0.60 -12.00
CA ARG B 383 10.02 -1.25 -10.76
C ARG B 383 9.39 -0.52 -9.56
N VAL B 384 9.13 0.79 -9.67
CA VAL B 384 8.39 1.50 -8.61
C VAL B 384 7.08 0.77 -8.24
N ASN B 385 6.42 0.25 -9.27
CA ASN B 385 5.06 -0.29 -9.17
C ASN B 385 4.93 -1.79 -8.98
N THR B 386 6.03 -2.48 -8.68
CA THR B 386 5.99 -3.92 -8.43
C THR B 386 6.48 -4.29 -7.05
N VAL B 387 6.65 -3.31 -6.16
CA VAL B 387 6.84 -3.65 -4.75
C VAL B 387 5.45 -3.75 -4.15
N ASP B 388 5.37 -4.42 -3.01
CA ASP B 388 4.14 -4.37 -2.23
C ASP B 388 3.93 -2.93 -1.69
N PRO B 389 2.84 -2.23 -2.10
CA PRO B 389 2.72 -0.80 -1.78
C PRO B 389 2.46 -0.52 -0.34
N ALA B 390 1.87 -1.49 0.37
CA ALA B 390 1.61 -1.34 1.80
C ALA B 390 2.88 -1.23 2.60
N ALA B 391 3.98 -1.78 2.08
CA ALA B 391 5.19 -1.90 2.85
C ALA B 391 5.93 -0.53 3.07
N THR B 392 5.59 0.51 2.30
CA THR B 392 6.14 1.89 2.50
C THR B 392 5.04 2.95 2.49
N ALA B 393 5.36 4.19 2.88
CA ALA B 393 4.35 5.24 3.02
C ALA B 393 4.09 6.00 1.72
N VAL B 394 4.99 5.92 0.77
CA VAL B 394 4.85 6.69 -0.46
C VAL B 394 3.66 6.17 -1.30
N PRO B 395 2.82 7.09 -1.80
CA PRO B 395 1.79 6.61 -2.71
C PRO B 395 2.42 5.96 -3.91
N ARG B 396 1.84 4.87 -4.35
CA ARG B 396 2.29 4.31 -5.60
C ARG B 396 1.15 4.29 -6.59
N GLY B 397 1.40 3.84 -7.82
CA GLY B 397 0.34 3.80 -8.82
C GLY B 397 0.46 4.78 -9.97
N ALA B 398 1.06 5.95 -9.74
CA ALA B 398 1.42 6.81 -10.86
C ALA B 398 2.23 6.03 -11.89
N SER B 399 1.97 6.28 -13.16
CA SER B 399 2.76 5.78 -14.26
C SER B 399 3.69 6.84 -14.80
N LEU B 400 3.39 8.09 -14.46
CA LEU B 400 4.09 9.20 -15.01
C LEU B 400 3.91 10.39 -14.05
N LYS B 401 4.93 11.24 -13.98
CA LYS B 401 4.90 12.39 -13.10
C LYS B 401 4.90 13.66 -13.93
N THR B 402 4.27 14.70 -13.41
CA THR B 402 4.36 16.03 -14.02
C THR B 402 4.78 17.07 -13.01
N PHE B 403 5.46 18.09 -13.53
CA PHE B 403 6.20 19.02 -12.73
C PHE B 403 6.08 20.36 -13.47
N TYR B 404 5.76 21.40 -12.71
CA TYR B 404 5.61 22.73 -13.25
C TYR B 404 6.57 23.60 -12.51
N MET B 405 7.23 24.50 -13.21
CA MET B 405 8.04 25.47 -12.50
C MET B 405 8.20 26.79 -13.19
N VAL B 406 8.34 27.83 -12.39
CA VAL B 406 8.82 29.12 -12.85
C VAL B 406 9.92 29.60 -11.92
N ALA B 407 10.86 30.33 -12.51
CA ALA B 407 12.04 30.77 -11.82
C ALA B 407 12.37 32.14 -12.36
N TRP B 408 12.63 33.10 -11.46
CA TRP B 408 12.91 34.49 -11.82
C TRP B 408 13.86 35.09 -10.79
N THR B 409 14.36 36.30 -11.03
CA THR B 409 15.26 36.95 -10.09
C THR B 409 14.73 38.22 -9.46
N ASP B 410 13.82 38.92 -10.12
CA ASP B 410 13.35 40.22 -9.63
C ASP B 410 12.14 40.11 -8.69
N PRO B 411 12.27 40.58 -7.42
CA PRO B 411 11.14 40.44 -6.50
C PRO B 411 9.89 41.21 -6.95
N ASP B 412 10.11 42.25 -7.76
CA ASP B 412 9.02 43.03 -8.38
C ASP B 412 8.15 42.22 -9.33
N GLU B 413 8.66 41.15 -9.94
CA GLU B 413 7.84 40.33 -10.85
C GLU B 413 7.14 39.13 -10.18
N ASP B 414 7.25 39.01 -8.87
CA ASP B 414 6.62 37.90 -8.15
C ASP B 414 5.17 37.65 -8.62
N GLU B 415 4.35 38.71 -8.62
CA GLU B 415 2.92 38.55 -8.91
C GLU B 415 2.65 37.94 -10.29
N GLU B 416 3.38 38.33 -11.32
CA GLU B 416 3.08 37.77 -12.64
C GLU B 416 3.51 36.33 -12.81
N HIS B 417 4.64 35.95 -12.20
CA HIS B 417 5.11 34.57 -12.31
C HIS B 417 4.25 33.65 -11.49
N LEU B 418 3.85 34.09 -10.30
CA LEU B 418 2.97 33.28 -9.47
C LEU B 418 1.59 33.13 -10.15
N ARG B 419 1.09 34.23 -10.73
CA ARG B 419 -0.14 34.15 -11.52
C ARG B 419 -0.03 33.12 -12.64
N TRP B 420 1.03 33.20 -13.43
CA TRP B 420 1.19 32.33 -14.57
C TRP B 420 1.08 30.88 -14.16
N ILE B 421 1.88 30.48 -13.15
CA ILE B 421 1.94 29.07 -12.82
C ILE B 421 0.64 28.60 -12.18
N ARG B 422 0.03 29.42 -11.34
CA ARG B 422 -1.23 29.09 -10.71
C ARG B 422 -2.34 28.91 -11.70
N GLU B 423 -2.42 29.81 -12.69
CA GLU B 423 -3.47 29.73 -13.72
C GLU B 423 -3.25 28.57 -14.68
N ILE B 424 -2.01 28.27 -15.05
CA ILE B 424 -1.83 27.09 -15.89
C ILE B 424 -2.20 25.77 -15.22
N TYR B 425 -1.82 25.62 -13.94
CA TYR B 425 -2.13 24.42 -13.19
C TYR B 425 -3.63 24.32 -12.93
N ARG B 426 -4.24 25.44 -12.56
CA ARG B 426 -5.70 25.47 -12.44
C ARG B 426 -6.43 25.03 -13.74
N ASP B 427 -6.09 25.61 -14.88
CA ASP B 427 -6.84 25.34 -16.13
C ASP B 427 -6.66 23.90 -16.59
N ILE B 428 -5.46 23.36 -16.44
CA ILE B 428 -5.25 21.94 -16.69
C ILE B 428 -6.14 21.05 -15.81
N HIS B 429 -6.35 21.39 -14.55
CA HIS B 429 -7.14 20.55 -13.63
C HIS B 429 -8.53 21.16 -13.39
N SER B 430 -9.07 21.92 -14.35
CA SER B 430 -10.29 22.70 -14.04
C SER B 430 -11.51 21.79 -13.90
N ALA B 431 -11.48 20.59 -14.48
CA ALA B 431 -12.54 19.58 -14.19
C ALA B 431 -12.48 18.97 -12.80
N THR B 432 -11.33 19.04 -12.13
CA THR B 432 -11.20 18.45 -10.79
C THR B 432 -10.87 19.50 -9.76
N GLY B 433 -11.53 20.66 -9.86
CA GLY B 433 -11.40 21.70 -8.85
C GLY B 433 -10.05 22.45 -8.83
N GLY B 434 -9.31 22.35 -9.94
CA GLY B 434 -8.02 23.04 -10.11
C GLY B 434 -6.83 22.27 -9.52
N VAL B 435 -7.05 21.05 -9.01
CA VAL B 435 -5.98 20.20 -8.45
C VAL B 435 -6.09 18.76 -8.94
N PRO B 436 -5.02 17.95 -8.79
CA PRO B 436 -5.11 16.56 -9.25
C PRO B 436 -5.66 15.59 -8.20
N THR B 437 -6.97 15.65 -8.00
CA THR B 437 -7.64 14.78 -7.04
C THR B 437 -7.44 13.35 -7.48
N PRO B 438 -6.99 12.49 -6.56
CA PRO B 438 -6.77 11.08 -6.88
C PRO B 438 -8.06 10.49 -7.44
N ASP B 439 -7.98 9.95 -8.66
CA ASP B 439 -9.13 9.32 -9.32
C ASP B 439 -8.64 8.33 -10.36
N GLU B 440 -9.37 8.18 -11.46
CA GLU B 440 -9.00 7.23 -12.51
C GLU B 440 -7.80 7.70 -13.35
N VAL B 441 -7.60 9.02 -13.40
CA VAL B 441 -6.52 9.60 -14.23
C VAL B 441 -5.40 10.22 -13.39
N ASN B 442 -5.77 10.96 -12.34
CA ASN B 442 -4.81 11.57 -11.42
C ASN B 442 -4.49 10.69 -10.22
N THR B 443 -3.22 10.62 -9.83
CA THR B 443 -2.89 9.92 -8.59
C THR B 443 -2.61 10.85 -7.41
N GLY B 444 -2.52 12.15 -7.65
CA GLY B 444 -2.28 13.12 -6.59
C GLY B 444 -1.02 13.90 -6.94
N ALA B 445 -0.25 14.25 -5.91
CA ALA B 445 0.92 15.09 -6.11
C ALA B 445 1.98 14.58 -5.14
N TYR B 446 3.19 15.06 -5.34
CA TYR B 446 4.39 14.53 -4.62
C TYR B 446 4.82 15.47 -3.48
N ILE B 447 5.01 14.94 -2.29
CA ILE B 447 5.22 15.78 -1.13
C ILE B 447 6.58 16.54 -1.15
N ASN B 448 7.54 16.04 -1.92
CA ASN B 448 8.82 16.72 -2.10
C ASN B 448 8.80 17.85 -3.12
N TYR B 449 7.65 18.05 -3.77
CA TYR B 449 7.35 19.31 -4.45
C TYR B 449 6.10 20.00 -3.87
N PRO B 450 6.19 20.44 -2.60
CA PRO B 450 5.00 20.93 -1.90
C PRO B 450 4.52 22.24 -2.47
N ASP B 451 3.21 22.42 -2.41
CA ASP B 451 2.55 23.59 -2.98
C ASP B 451 1.41 24.00 -2.10
N ILE B 452 1.63 25.02 -1.29
CA ILE B 452 0.62 25.46 -0.28
C ILE B 452 -0.69 25.95 -0.92
N ASP B 453 -0.66 26.26 -2.21
CA ASP B 453 -1.89 26.57 -2.95
C ASP B 453 -2.90 25.39 -2.88
N LEU B 454 -2.43 24.16 -2.62
CA LEU B 454 -3.35 23.02 -2.47
C LEU B 454 -4.23 23.09 -1.20
N ALA B 455 -3.89 23.96 -0.27
CA ALA B 455 -4.67 24.19 0.94
C ALA B 455 -5.41 25.54 0.92
N ASP B 456 -5.37 26.21 -0.22
CA ASP B 456 -5.89 27.56 -0.39
C ASP B 456 -7.23 27.43 -1.08
N PRO B 457 -8.35 27.79 -0.41
CA PRO B 457 -9.66 27.61 -1.06
C PRO B 457 -9.87 28.43 -2.35
N GLU B 458 -9.05 29.44 -2.59
CA GLU B 458 -9.11 30.15 -3.87
C GLU B 458 -8.56 29.32 -5.04
N TRP B 459 -7.68 28.35 -4.79
CA TRP B 459 -7.03 27.59 -5.87
C TRP B 459 -7.43 26.12 -5.90
N ASN B 460 -7.76 25.57 -4.74
CA ASN B 460 -8.33 24.25 -4.58
C ASN B 460 -9.83 24.39 -4.21
N THR B 461 -10.68 24.21 -5.21
CA THR B 461 -12.13 24.23 -5.01
C THR B 461 -12.70 22.80 -5.13
N SER B 462 -11.83 21.79 -5.06
CA SER B 462 -12.26 20.41 -5.25
C SER B 462 -12.95 19.84 -4.05
N GLY B 463 -12.80 20.44 -2.87
CA GLY B 463 -13.16 19.79 -1.62
C GLY B 463 -12.23 18.67 -1.11
N VAL B 464 -11.17 18.32 -1.85
CA VAL B 464 -10.27 17.24 -1.44
C VAL B 464 -9.10 17.86 -0.70
N PRO B 465 -8.80 17.38 0.54
CA PRO B 465 -7.78 18.11 1.31
C PRO B 465 -6.37 17.84 0.80
N TRP B 466 -5.45 18.76 1.08
CA TRP B 466 -4.05 18.64 0.63
C TRP B 466 -3.48 17.25 0.99
N HIS B 467 -3.78 16.77 2.19
CA HIS B 467 -3.16 15.53 2.62
C HIS B 467 -3.62 14.29 1.88
N THR B 468 -4.82 14.31 1.32
CA THR B 468 -5.24 13.20 0.46
C THR B 468 -4.47 13.25 -0.86
N ILE B 469 -4.30 14.43 -1.39
CA ILE B 469 -3.60 14.56 -2.66
C ILE B 469 -2.14 14.04 -2.52
N TYR B 470 -1.50 14.29 -1.39
CA TYR B 470 -0.08 13.94 -1.22
C TYR B 470 0.13 12.55 -0.68
N TYR B 471 -0.81 12.01 0.12
CA TYR B 471 -0.59 10.79 0.88
C TYR B 471 -1.61 9.66 0.60
N GLY B 472 -2.59 9.96 -0.24
CA GLY B 472 -3.80 9.13 -0.35
C GLY B 472 -4.33 8.60 0.98
N ASP B 473 -4.45 7.26 1.03
CA ASP B 473 -4.99 6.52 2.18
C ASP B 473 -4.02 6.38 3.32
N ASN B 474 -2.77 6.81 3.13
CA ASN B 474 -1.76 6.64 4.19
C ASN B 474 -1.80 7.72 5.30
N TYR B 475 -2.60 8.74 5.12
CA TYR B 475 -2.55 9.84 6.10
C TYR B 475 -2.96 9.47 7.51
N PRO B 476 -4.07 8.74 7.70
CA PRO B 476 -4.43 8.40 9.07
C PRO B 476 -3.37 7.58 9.79
N ARG B 477 -2.74 6.65 9.12
CA ARG B 477 -1.59 5.97 9.74
C ARG B 477 -0.41 6.91 10.10
N LEU B 478 -0.10 7.81 9.20
CA LEU B 478 0.93 8.85 9.48
C LEU B 478 0.57 9.70 10.70
N GLN B 479 -0.72 10.05 10.83
CA GLN B 479 -1.19 10.81 11.98
C GLN B 479 -1.02 10.06 13.27
N GLU B 480 -1.26 8.73 13.24
CA GLU B 480 -1.06 7.94 14.41
C GLU B 480 0.41 7.86 14.84
N ILE B 481 1.29 7.69 13.90
CA ILE B 481 2.72 7.60 14.19
C ILE B 481 3.24 8.95 14.71
N LYS B 482 2.77 10.01 14.11
CA LYS B 482 3.11 11.40 14.51
C LYS B 482 2.73 11.63 15.94
N SER B 483 1.54 11.20 16.30
CA SER B 483 1.08 11.41 17.63
C SER B 483 1.88 10.55 18.63
N ARG B 484 2.38 9.40 18.22
CA ARG B 484 3.21 8.60 19.09
C ARG B 484 4.62 9.17 19.28
N TRP B 485 5.22 9.67 18.21
CA TRP B 485 6.62 10.04 18.23
C TRP B 485 6.91 11.51 18.42
N ASP B 486 5.98 12.37 18.06
CA ASP B 486 6.07 13.80 18.35
C ASP B 486 4.77 14.29 18.97
N PRO B 487 4.46 13.79 20.19
CA PRO B 487 3.21 14.15 20.86
C PRO B 487 3.11 15.65 21.18
N ARG B 488 4.23 16.37 21.28
CA ARG B 488 4.16 17.83 21.53
C ARG B 488 4.06 18.66 20.24
N ASN B 489 4.10 18.00 19.08
CA ASN B 489 4.11 18.66 17.77
C ASN B 489 5.26 19.71 17.68
N VAL B 490 6.46 19.31 18.11
CA VAL B 490 7.69 20.13 17.98
C VAL B 490 8.00 20.41 16.52
N PHE B 491 7.87 19.38 15.67
CA PHE B 491 8.19 19.49 14.27
C PHE B 491 6.97 19.78 13.45
N ARG B 492 6.91 20.96 12.88
CA ARG B 492 5.75 21.34 12.12
C ARG B 492 6.07 22.36 11.09
N HIS B 493 5.14 22.47 10.14
CA HIS B 493 5.20 23.40 9.06
C HIS B 493 3.87 23.40 8.37
N ALA B 494 3.69 24.19 7.30
CA ALA B 494 2.37 24.31 6.72
C ALA B 494 1.77 22.97 6.33
N PHE B 495 2.57 22.03 5.82
CA PHE B 495 2.10 20.70 5.46
C PHE B 495 2.57 19.58 6.39
N SER B 496 2.85 19.85 7.66
CA SER B 496 3.27 18.77 8.52
C SER B 496 2.05 17.88 8.90
N ILE B 497 2.32 16.60 9.20
CA ILE B 497 1.28 15.68 9.58
C ILE B 497 0.60 16.25 10.83
N ARG B 498 -0.71 16.48 10.81
CA ARG B 498 -1.44 17.05 11.99
C ARG B 498 -1.79 15.93 12.98
N PRO B 499 -1.53 16.14 14.28
CA PRO B 499 -1.95 15.05 15.18
C PRO B 499 -3.47 14.83 15.17
N ARG B 500 -3.92 13.66 15.59
CA ARG B 500 -5.37 13.47 15.75
C ARG B 500 -5.82 14.42 16.89
N ARG C 4 -47.98 -8.71 -5.08
CA ARG C 4 -48.73 -9.26 -3.91
C ARG C 4 -48.97 -8.14 -2.90
N ALA C 5 -50.17 -8.06 -2.34
CA ALA C 5 -50.46 -7.04 -1.36
C ALA C 5 -49.62 -7.35 -0.11
N ALA C 6 -49.20 -6.30 0.59
CA ALA C 6 -48.48 -6.40 1.87
C ALA C 6 -49.28 -7.24 2.85
N VAL C 7 -48.61 -8.04 3.66
CA VAL C 7 -49.31 -8.84 4.66
C VAL C 7 -49.47 -8.06 5.96
N THR C 8 -50.63 -8.18 6.59
CA THR C 8 -50.88 -7.64 7.90
C THR C 8 -51.15 -8.80 8.80
N VAL C 9 -50.43 -8.87 9.91
CA VAL C 9 -50.56 -9.97 10.85
C VAL C 9 -50.98 -9.32 12.18
N LYS C 10 -52.19 -9.65 12.64
CA LYS C 10 -52.77 -9.11 13.87
C LYS C 10 -52.71 -10.21 14.86
N PRO C 11 -52.98 -9.89 16.13
CA PRO C 11 -52.81 -10.86 17.18
C PRO C 11 -53.62 -12.15 17.08
N ASP C 12 -54.68 -12.21 16.27
CA ASP C 12 -55.40 -13.47 16.09
C ASP C 12 -54.84 -14.39 14.99
N ASP C 13 -53.88 -13.90 14.21
CA ASP C 13 -53.24 -14.68 13.16
C ASP C 13 -52.21 -15.59 13.80
N HIS C 14 -52.11 -16.83 13.29
CA HIS C 14 -51.16 -17.79 13.92
C HIS C 14 -49.72 -17.36 13.84
N ARG C 15 -49.39 -16.54 12.85
CA ARG C 15 -48.02 -16.05 12.69
C ARG C 15 -47.60 -14.96 13.67
N TYR C 16 -48.55 -14.37 14.39
CA TYR C 16 -48.23 -13.23 15.22
C TYR C 16 -47.23 -13.61 16.30
N ASP C 17 -47.43 -14.76 16.93
CA ASP C 17 -46.55 -15.13 18.04
C ASP C 17 -45.13 -15.42 17.55
N LEU C 18 -45.00 -15.86 16.31
CA LEU C 18 -43.71 -16.16 15.73
C LEU C 18 -42.99 -14.83 15.41
N LEU C 19 -43.72 -13.92 14.76
CA LEU C 19 -43.15 -12.63 14.41
C LEU C 19 -42.78 -11.81 15.63
N ALA C 20 -43.42 -12.06 16.75
CA ALA C 20 -43.16 -11.30 17.95
C ALA C 20 -41.77 -11.66 18.62
N ARG C 21 -41.19 -12.77 18.22
CA ARG C 21 -39.98 -13.31 18.82
C ARG C 21 -38.82 -13.30 17.85
N ALA C 22 -37.79 -12.53 18.11
CA ALA C 22 -36.62 -12.52 17.22
C ALA C 22 -35.42 -13.15 17.91
N ASP C 23 -34.21 -12.63 17.66
CA ASP C 23 -33.03 -13.33 18.11
C ASP C 23 -32.94 -13.34 19.64
N ASN C 24 -33.46 -12.30 20.28
CA ASN C 24 -33.34 -12.20 21.74
C ASN C 24 -34.70 -12.41 22.35
N TYR C 25 -34.93 -13.59 22.88
CA TYR C 25 -36.20 -13.89 23.54
C TYR C 25 -36.54 -13.12 24.80
N ARG C 26 -35.64 -12.33 25.35
CA ARG C 26 -36.04 -11.41 26.44
C ARG C 26 -37.07 -10.40 25.96
N PHE C 27 -37.13 -10.15 24.64
CA PHE C 27 -37.91 -9.02 24.14
C PHE C 27 -38.99 -9.52 23.22
N VAL C 28 -40.21 -9.57 23.73
CA VAL C 28 -41.32 -10.11 22.94
C VAL C 28 -42.11 -8.95 22.46
N ALA C 29 -42.17 -8.74 21.16
CA ALA C 29 -42.91 -7.57 20.68
C ALA C 29 -44.43 -7.75 20.87
N GLN C 30 -45.17 -6.66 21.01
CA GLN C 30 -46.65 -6.71 21.06
C GLN C 30 -47.27 -5.56 20.27
N PRO C 31 -47.02 -5.47 18.97
CA PRO C 31 -47.65 -4.41 18.17
C PRO C 31 -49.15 -4.66 17.94
N GLU C 32 -49.86 -3.63 17.55
CA GLU C 32 -51.20 -3.83 17.01
C GLU C 32 -51.19 -4.71 15.76
N TYR C 33 -50.16 -4.59 14.95
CA TYR C 33 -49.96 -5.52 13.84
C TYR C 33 -48.51 -5.49 13.37
N PHE C 34 -48.08 -6.55 12.66
CA PHE C 34 -46.90 -6.55 11.89
C PHE C 34 -47.34 -6.32 10.46
N ARG C 35 -46.55 -5.57 9.70
CA ARG C 35 -46.79 -5.36 8.29
C ARG C 35 -45.55 -5.93 7.55
N LEU C 36 -45.76 -6.82 6.59
CA LEU C 36 -44.71 -7.41 5.76
C LEU C 36 -44.86 -6.91 4.34
N PRO C 37 -44.12 -5.86 3.95
CA PRO C 37 -44.21 -5.34 2.61
C PRO C 37 -43.30 -6.08 1.64
N TYR C 38 -43.60 -5.94 0.35
CA TYR C 38 -42.84 -6.57 -0.73
C TYR C 38 -42.10 -5.58 -1.59
N SER C 39 -42.39 -4.32 -1.42
CA SER C 39 -41.80 -3.36 -2.31
C SER C 39 -41.65 -2.06 -1.57
N THR C 40 -40.82 -1.20 -2.12
CA THR C 40 -40.69 0.18 -1.61
C THR C 40 -42.03 0.92 -1.47
N ALA C 41 -42.87 0.85 -2.48
CA ALA C 41 -44.18 1.52 -2.41
C ALA C 41 -44.99 1.03 -1.23
N GLN C 42 -44.92 -0.27 -0.96
CA GLN C 42 -45.67 -0.77 0.19
C GLN C 42 -45.07 -0.30 1.53
N VAL C 43 -43.73 -0.15 1.59
CA VAL C 43 -43.11 0.40 2.79
C VAL C 43 -43.61 1.87 2.96
N VAL C 44 -43.64 2.63 1.88
CA VAL C 44 -44.20 4.01 1.91
C VAL C 44 -45.61 3.99 2.49
N GLU C 45 -46.45 3.12 1.97
CA GLU C 45 -47.82 2.94 2.46
C GLU C 45 -47.88 2.66 3.94
N ALA C 46 -47.03 1.75 4.39
CA ALA C 46 -47.07 1.32 5.79
C ALA C 46 -46.69 2.45 6.72
N VAL C 47 -45.63 3.18 6.34
CA VAL C 47 -45.14 4.29 7.13
C VAL C 47 -46.17 5.39 7.15
N SER C 48 -46.71 5.72 5.97
CA SER C 48 -47.71 6.77 5.86
C SER C 48 -48.95 6.51 6.72
N GLU C 49 -49.46 5.30 6.70
CA GLU C 49 -50.57 4.90 7.57
C GLU C 49 -50.29 5.09 9.05
N ALA C 50 -49.10 4.68 9.50
CA ALA C 50 -48.85 4.68 10.91
C ALA C 50 -48.65 6.11 11.37
N VAL C 51 -47.94 6.89 10.58
CA VAL C 51 -47.76 8.30 10.88
C VAL C 51 -49.12 9.04 10.95
N ALA C 52 -49.97 8.85 9.95
CA ALA C 52 -51.24 9.56 9.95
C ALA C 52 -52.14 9.14 11.13
N ALA C 53 -52.05 7.88 11.57
CA ALA C 53 -52.84 7.42 12.71
C ALA C 53 -52.17 7.70 14.06
N GLY C 54 -51.01 8.33 14.05
CA GLY C 54 -50.31 8.61 15.30
C GLY C 54 -49.75 7.38 15.99
N LYS C 55 -49.45 6.33 15.23
CA LYS C 55 -48.97 5.10 15.85
C LYS C 55 -47.44 5.08 15.82
N ARG C 56 -46.86 4.61 16.91
CA ARG C 56 -45.43 4.37 17.03
C ARG C 56 -44.98 3.22 16.13
N LEU C 57 -44.01 3.48 15.28
CA LEU C 57 -43.56 2.48 14.31
C LEU C 57 -42.08 2.15 14.46
N THR C 58 -41.75 0.87 14.29
CA THR C 58 -40.36 0.50 14.12
C THR C 58 -40.23 -0.52 12.98
N VAL C 59 -39.00 -0.71 12.52
CA VAL C 59 -38.67 -1.58 11.40
C VAL C 59 -37.85 -2.73 11.89
N ARG C 60 -38.06 -3.92 11.35
CA ARG C 60 -37.16 -5.03 11.64
C ARG C 60 -36.67 -5.58 10.34
N SER C 61 -35.36 -5.87 10.24
CA SER C 61 -34.85 -6.57 9.08
C SER C 61 -34.50 -8.03 9.45
N GLY C 62 -33.38 -8.27 10.11
CA GLY C 62 -33.11 -9.63 10.53
C GLY C 62 -33.33 -9.92 11.99
N GLY C 63 -33.72 -8.93 12.79
CA GLY C 63 -34.14 -9.18 14.12
C GLY C 63 -32.98 -9.49 15.09
N HIS C 64 -31.75 -9.09 14.76
CA HIS C 64 -30.59 -9.34 15.63
C HIS C 64 -30.32 -8.31 16.72
N CYS C 65 -31.18 -7.30 16.87
CA CYS C 65 -30.86 -6.18 17.77
C CYS C 65 -30.56 -6.78 19.13
N GLY C 66 -29.49 -6.35 19.77
CA GLY C 66 -29.26 -6.81 21.16
C GLY C 66 -30.22 -6.21 22.21
N GLU C 67 -30.96 -5.14 21.88
CA GLU C 67 -31.88 -4.52 22.84
C GLU C 67 -33.28 -4.51 22.26
N ALA C 68 -34.22 -3.98 23.01
CA ALA C 68 -35.62 -3.96 22.62
C ALA C 68 -35.98 -2.75 21.75
N PHE C 69 -35.06 -2.32 20.90
CA PHE C 69 -35.34 -1.15 20.11
C PHE C 69 -36.51 -1.35 19.11
N VAL C 70 -36.66 -2.56 18.60
CA VAL C 70 -37.75 -2.86 17.67
C VAL C 70 -38.99 -3.24 18.48
N ALA C 71 -38.77 -3.98 19.57
CA ALA C 71 -39.84 -4.77 20.22
C ALA C 71 -40.39 -4.24 21.54
N SER C 72 -39.94 -3.08 21.92
CA SER C 72 -40.51 -2.23 22.92
C SER C 72 -42.04 -2.31 23.12
N PRO C 73 -42.52 -2.38 24.38
CA PRO C 73 -43.99 -2.47 24.53
C PRO C 73 -44.74 -1.27 23.96
N ASP C 74 -44.09 -0.12 23.89
CA ASP C 74 -44.70 1.08 23.33
C ASP C 74 -44.91 1.08 21.79
N VAL C 75 -44.34 0.11 21.09
CA VAL C 75 -44.43 0.11 19.64
C VAL C 75 -45.79 -0.45 19.17
N ASP C 76 -46.45 0.29 18.28
CA ASP C 76 -47.78 -0.08 17.72
C ASP C 76 -47.76 -0.83 16.38
N VAL C 77 -46.80 -0.53 15.53
CA VAL C 77 -46.69 -1.17 14.25
C VAL C 77 -45.22 -1.51 14.04
N ILE C 78 -44.97 -2.77 13.65
CA ILE C 78 -43.63 -3.17 13.24
C ILE C 78 -43.65 -3.56 11.77
N VAL C 79 -42.87 -2.88 10.97
CA VAL C 79 -42.68 -3.19 9.58
C VAL C 79 -41.48 -4.17 9.48
N ASP C 80 -41.76 -5.39 9.06
CA ASP C 80 -40.81 -6.45 8.97
C ASP C 80 -40.47 -6.63 7.51
N LEU C 81 -39.18 -6.50 7.19
CA LEU C 81 -38.68 -6.46 5.83
C LEU C 81 -38.08 -7.76 5.39
N SER C 82 -38.38 -8.85 6.10
CA SER C 82 -37.77 -10.14 5.79
C SER C 82 -38.21 -10.77 4.48
N SER C 83 -39.33 -10.35 3.89
CA SER C 83 -39.66 -10.74 2.51
C SER C 83 -39.03 -9.90 1.40
N MET C 84 -38.29 -8.87 1.76
CA MET C 84 -37.57 -8.05 0.79
C MET C 84 -36.13 -8.43 0.90
N SER C 85 -35.77 -9.53 0.25
CA SER C 85 -34.41 -10.12 0.42
C SER C 85 -33.60 -10.26 -0.88
N HIS C 86 -33.98 -9.52 -1.92
CA HIS C 86 -33.33 -9.66 -3.20
C HIS C 86 -31.88 -9.19 -3.11
N VAL C 87 -30.98 -9.99 -3.67
CA VAL C 87 -29.60 -9.57 -3.90
C VAL C 87 -29.27 -9.76 -5.38
N GLY C 88 -28.74 -8.75 -6.05
CA GLY C 88 -28.40 -8.92 -7.48
C GLY C 88 -27.60 -7.74 -7.97
N TYR C 89 -26.97 -7.86 -9.11
CA TYR C 89 -26.21 -6.75 -9.66
C TYR C 89 -27.12 -5.81 -10.41
N ASP C 90 -26.98 -4.52 -10.18
CA ASP C 90 -27.79 -3.47 -10.83
C ASP C 90 -26.88 -2.84 -11.87
N GLU C 91 -27.11 -3.19 -13.13
CA GLU C 91 -26.22 -2.80 -14.20
C GLU C 91 -26.26 -1.30 -14.42
N GLU C 92 -27.42 -0.68 -14.21
CA GLU C 92 -27.55 0.80 -14.33
C GLU C 92 -26.62 1.54 -13.36
N ARG C 93 -26.52 1.11 -12.10
CA ARG C 93 -25.60 1.74 -11.17
C ARG C 93 -24.24 1.11 -11.09
N GLY C 94 -24.00 0.00 -11.78
CA GLY C 94 -22.73 -0.69 -11.57
C GLY C 94 -22.47 -1.13 -10.12
N ALA C 95 -23.53 -1.52 -9.40
CA ALA C 95 -23.40 -1.85 -7.98
C ALA C 95 -24.32 -2.99 -7.65
N PHE C 96 -23.99 -3.75 -6.60
CA PHE C 96 -24.85 -4.81 -6.17
C PHE C 96 -25.97 -4.28 -5.31
N GLU C 97 -27.19 -4.64 -5.66
CA GLU C 97 -28.33 -4.19 -4.93
C GLU C 97 -28.70 -5.24 -3.86
N VAL C 98 -28.78 -4.79 -2.63
CA VAL C 98 -29.05 -5.62 -1.49
C VAL C 98 -30.28 -5.05 -0.79
N GLU C 99 -31.40 -5.78 -0.81
CA GLU C 99 -32.56 -5.33 -0.09
C GLU C 99 -32.31 -5.47 1.38
N ALA C 100 -32.99 -4.65 2.16
CA ALA C 100 -32.70 -4.53 3.59
C ALA C 100 -33.00 -5.80 4.37
N GLY C 101 -33.92 -6.62 3.89
CA GLY C 101 -34.23 -7.90 4.57
C GLY C 101 -33.32 -9.06 4.21
N ALA C 102 -32.40 -8.87 3.27
CA ALA C 102 -31.42 -9.92 2.92
C ALA C 102 -30.55 -10.16 4.16
N THR C 103 -30.21 -11.41 4.43
CA THR C 103 -29.34 -11.73 5.57
C THR C 103 -27.87 -11.89 5.06
N VAL C 104 -26.90 -11.74 5.95
CA VAL C 104 -25.50 -11.71 5.48
C VAL C 104 -25.06 -13.04 4.88
N GLY C 105 -25.49 -14.15 5.44
CA GLY C 105 -24.97 -15.46 4.98
C GLY C 105 -25.41 -15.73 3.54
N GLN C 106 -26.68 -15.42 3.31
CA GLN C 106 -27.30 -15.40 1.98
C GLN C 106 -26.57 -14.46 0.98
N ILE C 107 -26.28 -13.24 1.39
CA ILE C 107 -25.59 -12.29 0.55
C ILE C 107 -24.24 -12.87 0.13
N TYR C 108 -23.47 -13.41 1.07
CA TYR C 108 -22.19 -13.94 0.71
C TYR C 108 -22.25 -15.08 -0.30
N ARG C 109 -23.22 -15.97 -0.17
CA ARG C 109 -23.32 -17.12 -1.04
C ARG C 109 -23.64 -16.63 -2.43
N VAL C 110 -24.56 -15.67 -2.56
CA VAL C 110 -24.93 -15.17 -3.87
C VAL C 110 -23.80 -14.41 -4.56
N LEU C 111 -23.21 -13.47 -3.87
CA LEU C 111 -22.09 -12.70 -4.44
C LEU C 111 -20.92 -13.58 -4.86
N TYR C 112 -20.54 -14.52 -4.02
CA TYR C 112 -19.37 -15.31 -4.28
C TYR C 112 -19.56 -16.33 -5.39
N LYS C 113 -20.60 -17.17 -5.32
CA LYS C 113 -20.73 -18.22 -6.32
C LYS C 113 -21.06 -17.63 -7.71
N ASN C 114 -21.86 -16.57 -7.76
CA ASN C 114 -22.25 -16.02 -9.08
C ASN C 114 -21.18 -15.11 -9.69
N TYR C 115 -20.43 -14.44 -8.85
CA TYR C 115 -19.51 -13.39 -9.38
C TYR C 115 -18.12 -13.45 -8.84
N GLY C 116 -17.89 -14.26 -7.81
CA GLY C 116 -16.56 -14.39 -7.20
C GLY C 116 -16.09 -13.25 -6.33
N VAL C 117 -17.01 -12.44 -5.86
CA VAL C 117 -16.69 -11.27 -5.04
C VAL C 117 -17.30 -11.39 -3.62
N THR C 118 -16.90 -10.49 -2.73
CA THR C 118 -17.47 -10.42 -1.41
C THR C 118 -17.39 -8.97 -0.92
N PHE C 119 -17.93 -8.72 0.28
CA PHE C 119 -17.69 -7.47 1.00
C PHE C 119 -17.50 -7.85 2.45
N PRO C 120 -16.80 -7.03 3.22
CA PRO C 120 -16.38 -7.44 4.58
C PRO C 120 -17.41 -7.21 5.66
N GLY C 121 -18.41 -8.07 5.72
CA GLY C 121 -19.44 -7.94 6.71
C GLY C 121 -19.24 -9.03 7.77
N GLY C 122 -20.21 -9.19 8.62
CA GLY C 122 -19.97 -10.02 9.83
C GLY C 122 -20.09 -11.51 9.59
N PHE C 123 -19.82 -12.26 10.66
CA PHE C 123 -19.77 -13.69 10.62
C PHE C 123 -21.06 -14.30 11.20
N CYS C 124 -22.14 -13.55 11.38
CA CYS C 124 -23.37 -14.22 11.83
C CYS C 124 -24.41 -14.35 10.69
N MET C 125 -24.85 -15.58 10.44
CA MET C 125 -25.63 -15.89 9.25
C MET C 125 -27.00 -15.24 9.13
N GLY C 126 -27.70 -15.06 10.25
CA GLY C 126 -29.05 -14.46 10.24
C GLY C 126 -29.15 -12.93 10.32
N VAL C 127 -28.02 -12.24 10.34
CA VAL C 127 -27.98 -10.85 10.61
C VAL C 127 -28.58 -10.19 9.38
N GLY C 128 -29.50 -9.25 9.57
CA GLY C 128 -30.09 -8.49 8.43
C GLY C 128 -29.24 -7.35 7.92
N ALA C 129 -29.21 -7.15 6.60
CA ALA C 129 -28.48 -6.03 6.01
C ALA C 129 -28.98 -4.72 6.61
N GLY C 130 -30.25 -4.69 6.90
CA GLY C 130 -30.90 -3.52 7.46
C GLY C 130 -30.22 -2.81 8.62
N GLY C 131 -30.10 -3.46 9.75
CA GLY C 131 -29.28 -2.92 10.85
C GLY C 131 -27.79 -3.07 10.72
N HIS C 132 -27.33 -4.11 10.04
CA HIS C 132 -25.93 -4.39 10.03
C HIS C 132 -25.12 -3.29 9.33
N ILE C 133 -25.52 -2.95 8.10
CA ILE C 133 -24.67 -2.10 7.28
C ILE C 133 -24.71 -0.66 7.81
N SER C 134 -25.90 -0.16 8.14
CA SER C 134 -26.07 1.23 8.62
C SER C 134 -25.30 1.53 9.89
N GLY C 135 -24.96 0.48 10.65
CA GLY C 135 -24.30 0.59 11.93
C GLY C 135 -22.79 0.52 11.81
N GLY C 136 -22.30 0.17 10.61
N GLY C 136 -22.30 0.18 10.59
CA GLY C 136 -20.88 0.03 10.32
CA GLY C 136 -20.89 0.03 10.26
C GLY C 136 -20.35 -1.39 10.49
C GLY C 136 -20.60 -1.31 9.59
N GLY C 137 -21.06 -2.37 9.92
N GLY C 137 -20.83 -2.38 10.36
CA GLY C 137 -20.74 -3.78 10.08
CA GLY C 137 -20.72 -3.75 9.93
C GLY C 137 -19.33 -4.12 9.68
C GLY C 137 -19.30 -4.12 9.64
N TYR C 138 -18.71 -5.00 10.45
CA TYR C 138 -17.33 -5.44 10.19
C TYR C 138 -17.30 -6.98 10.31
N GLY C 139 -16.24 -7.59 9.83
CA GLY C 139 -16.02 -9.00 10.15
C GLY C 139 -14.63 -9.46 9.85
N PRO C 140 -14.47 -10.76 9.64
CA PRO C 140 -13.13 -11.36 9.55
C PRO C 140 -12.27 -10.78 8.41
N LEU C 141 -12.87 -10.28 7.31
CA LEU C 141 -12.06 -9.67 6.25
C LEU C 141 -11.81 -8.18 6.39
N SER C 142 -12.27 -7.58 7.49
CA SER C 142 -12.16 -6.09 7.66
C SER C 142 -10.70 -5.58 7.68
N ARG C 143 -9.78 -6.31 8.32
CA ARG C 143 -8.37 -5.95 8.27
C ARG C 143 -7.82 -5.80 6.88
N LEU C 144 -8.30 -6.65 5.98
CA LEU C 144 -7.89 -6.63 4.58
C LEU C 144 -8.75 -5.70 3.71
N LEU C 145 -10.03 -5.66 3.97
CA LEU C 145 -10.95 -4.89 3.09
C LEU C 145 -11.70 -3.72 3.69
N GLY C 146 -11.62 -3.47 4.99
CA GLY C 146 -12.35 -2.36 5.60
C GLY C 146 -13.73 -2.74 6.12
N LEU C 147 -14.61 -1.76 6.20
CA LEU C 147 -15.96 -1.96 6.75
C LEU C 147 -16.94 -2.06 5.60
N THR C 148 -18.10 -2.62 5.90
CA THR C 148 -19.16 -2.69 4.94
C THR C 148 -19.42 -1.33 4.35
N VAL C 149 -19.43 -0.29 5.19
CA VAL C 149 -19.83 1.03 4.75
C VAL C 149 -18.83 1.69 3.83
N ASP C 150 -17.63 1.15 3.78
CA ASP C 150 -16.63 1.56 2.81
C ASP C 150 -17.02 1.21 1.36
N TYR C 151 -18.01 0.35 1.20
CA TYR C 151 -18.50 -0.06 -0.07
C TYR C 151 -19.91 0.46 -0.34
N LEU C 152 -20.37 1.39 0.48
CA LEU C 152 -21.72 1.90 0.34
C LEU C 152 -21.79 2.97 -0.81
N HIS C 153 -22.28 2.54 -1.93
CA HIS C 153 -22.44 3.37 -3.10
C HIS C 153 -23.68 4.27 -3.02
N ALA C 154 -24.80 3.71 -2.57
CA ALA C 154 -26.05 4.47 -2.45
C ALA C 154 -26.96 3.73 -1.53
N VAL C 155 -27.97 4.41 -1.02
CA VAL C 155 -28.99 3.79 -0.20
C VAL C 155 -30.33 4.42 -0.55
N GLU C 156 -31.41 3.64 -0.55
CA GLU C 156 -32.76 4.11 -0.75
C GLU C 156 -33.46 4.13 0.59
N VAL C 157 -34.03 5.27 0.97
CA VAL C 157 -34.61 5.45 2.31
C VAL C 157 -35.99 6.05 2.23
N VAL C 158 -36.93 5.50 3.00
CA VAL C 158 -38.29 6.03 3.10
C VAL C 158 -38.25 6.98 4.28
N VAL C 159 -38.55 8.23 4.00
CA VAL C 159 -38.44 9.33 4.93
C VAL C 159 -39.79 10.04 5.11
N VAL C 160 -39.93 10.70 6.23
CA VAL C 160 -41.14 11.44 6.62
C VAL C 160 -40.80 12.92 6.80
N ASP C 161 -41.43 13.79 6.03
CA ASP C 161 -41.22 15.23 6.18
C ASP C 161 -41.97 15.82 7.38
N ALA C 162 -41.74 17.10 7.58
CA ALA C 162 -42.26 17.75 8.75
C ALA C 162 -43.80 17.73 8.86
N GLU C 163 -44.51 17.62 7.73
CA GLU C 163 -46.00 17.54 7.72
C GLU C 163 -46.55 16.12 7.77
N GLY C 164 -45.68 15.13 7.68
CA GLY C 164 -46.10 13.75 7.75
C GLY C 164 -46.20 13.07 6.38
N VAL C 165 -45.81 13.76 5.32
CA VAL C 165 -45.77 13.20 3.96
C VAL C 165 -44.54 12.29 3.79
N VAL C 166 -44.80 11.06 3.38
CA VAL C 166 -43.74 10.06 3.27
C VAL C 166 -43.26 9.95 1.85
N SER C 167 -41.98 10.11 1.61
CA SER C 167 -41.44 9.78 0.31
C SER C 167 -40.16 8.95 0.39
N THR C 168 -39.70 8.54 -0.77
CA THR C 168 -38.51 7.75 -0.92
C THR C 168 -37.44 8.59 -1.57
N VAL C 169 -36.23 8.48 -1.05
CA VAL C 169 -35.09 9.17 -1.59
C VAL C 169 -33.97 8.18 -1.78
N VAL C 170 -33.17 8.40 -2.83
CA VAL C 170 -31.94 7.66 -3.01
C VAL C 170 -30.76 8.57 -2.70
N ALA C 171 -29.98 8.24 -1.67
CA ALA C 171 -28.82 9.05 -1.34
C ALA C 171 -27.55 8.36 -1.80
N THR C 172 -26.66 9.08 -2.49
CA THR C 172 -25.47 8.42 -3.04
C THR C 172 -24.23 9.07 -2.49
N ARG C 173 -23.09 8.43 -2.72
CA ARG C 173 -21.83 8.93 -2.27
C ARG C 173 -21.18 9.93 -3.20
N GLU C 174 -21.73 10.15 -4.39
CA GLU C 174 -21.15 11.11 -5.32
C GLU C 174 -21.01 12.45 -4.63
N GLU C 175 -19.89 13.12 -4.89
CA GLU C 175 -19.57 14.42 -4.29
C GLU C 175 -20.68 15.46 -4.33
N ASP C 176 -21.36 15.56 -5.45
CA ASP C 176 -22.39 16.59 -5.65
C ASP C 176 -23.81 16.07 -5.42
N ASP C 177 -23.95 14.93 -4.75
CA ASP C 177 -25.30 14.43 -4.49
C ASP C 177 -25.99 15.43 -3.56
N PRO C 178 -27.17 15.96 -3.96
CA PRO C 178 -27.90 16.82 -3.02
C PRO C 178 -28.15 16.16 -1.66
N ASN C 179 -28.20 14.83 -1.62
CA ASN C 179 -28.58 14.14 -0.39
C ASN C 179 -27.38 13.39 0.20
N ARG C 180 -26.17 13.90 -0.07
CA ARG C 180 -24.96 13.20 0.38
C ARG C 180 -24.92 13.07 1.88
N ASP C 181 -25.51 14.03 2.59
CA ASP C 181 -25.54 13.98 4.08
C ASP C 181 -26.30 12.77 4.60
N LEU C 182 -27.41 12.47 3.95
CA LEU C 182 -28.16 11.25 4.29
C LEU C 182 -27.41 9.97 3.94
N TRP C 183 -26.65 9.96 2.86
CA TRP C 183 -25.78 8.83 2.58
C TRP C 183 -24.79 8.69 3.75
N TRP C 184 -24.16 9.79 4.16
CA TRP C 184 -23.14 9.73 5.21
C TRP C 184 -23.67 9.18 6.52
N ALA C 185 -24.90 9.54 6.86
CA ALA C 185 -25.51 9.09 8.07
C ALA C 185 -25.70 7.57 8.11
N HIS C 186 -25.82 6.98 6.93
CA HIS C 186 -25.97 5.54 6.76
C HIS C 186 -24.66 4.82 6.76
N THR C 187 -23.56 5.54 6.99
CA THR C 187 -22.25 4.93 7.02
C THR C 187 -21.80 4.76 8.48
N GLY C 188 -22.70 4.32 9.36
CA GLY C 188 -22.36 4.19 10.80
C GLY C 188 -23.33 4.76 11.80
N GLY C 189 -24.32 5.49 11.32
CA GLY C 189 -25.31 6.13 12.16
C GLY C 189 -26.21 5.17 12.91
N GLY C 190 -26.32 3.96 12.37
CA GLY C 190 -27.09 2.92 13.01
C GLY C 190 -28.54 2.94 12.60
N GLY C 191 -29.16 1.77 12.74
CA GLY C 191 -30.55 1.61 12.38
C GLY C 191 -31.52 2.30 13.31
N GLY C 192 -32.71 2.51 12.77
CA GLY C 192 -33.87 2.97 13.54
C GLY C 192 -33.86 4.48 13.76
N ASN C 193 -33.11 5.26 12.96
CA ASN C 193 -32.88 6.69 13.18
C ASN C 193 -33.47 7.64 12.15
N PHE C 194 -33.21 7.38 10.88
CA PHE C 194 -33.50 8.41 9.84
C PHE C 194 -34.65 8.08 8.94
N GLY C 195 -35.09 6.83 8.88
CA GLY C 195 -36.15 6.40 7.97
C GLY C 195 -35.96 4.91 7.70
N VAL C 196 -36.79 4.36 6.84
CA VAL C 196 -36.77 2.95 6.56
C VAL C 196 -35.87 2.66 5.38
N ILE C 197 -34.77 1.98 5.64
CA ILE C 197 -33.84 1.66 4.56
C ILE C 197 -34.46 0.51 3.78
N THR C 198 -34.70 0.69 2.48
CA THR C 198 -35.29 -0.41 1.70
C THR C 198 -34.21 -1.20 0.95
N ARG C 199 -33.15 -0.54 0.49
CA ARG C 199 -32.12 -1.26 -0.20
C ARG C 199 -30.83 -0.43 -0.19
N TYR C 200 -29.72 -1.13 -0.30
CA TYR C 200 -28.39 -0.58 -0.35
C TYR C 200 -27.81 -1.01 -1.67
N TRP C 201 -26.88 -0.23 -2.20
CA TRP C 201 -26.07 -0.60 -3.30
C TRP C 201 -24.64 -0.59 -2.86
N LEU C 202 -23.94 -1.70 -3.17
CA LEU C 202 -22.57 -1.89 -2.84
C LEU C 202 -21.62 -1.99 -4.03
N ARG C 203 -20.51 -1.28 -3.90
CA ARG C 203 -19.50 -1.21 -4.95
C ARG C 203 -18.20 -0.67 -4.39
N SER C 204 -17.02 -1.18 -4.80
CA SER C 204 -15.76 -0.51 -4.44
C SER C 204 -15.70 0.89 -5.09
N PRO C 205 -15.31 1.93 -4.34
CA PRO C 205 -15.21 3.30 -4.89
C PRO C 205 -14.29 3.37 -6.11
N ASP C 206 -13.31 2.48 -6.20
CA ASP C 206 -12.39 2.49 -7.34
C ASP C 206 -12.51 1.27 -8.26
N ALA C 207 -13.65 0.58 -8.24
CA ALA C 207 -13.93 -0.51 -9.17
C ALA C 207 -13.59 -0.08 -10.61
N VAL C 208 -12.96 -0.98 -11.36
CA VAL C 208 -12.67 -0.79 -12.79
C VAL C 208 -13.81 -1.28 -13.66
N GLY C 209 -14.25 -0.41 -14.57
CA GLY C 209 -15.25 -0.77 -15.59
C GLY C 209 -16.60 -1.01 -14.97
N ASP C 210 -17.42 -1.85 -15.59
CA ASP C 210 -18.75 -2.12 -15.03
C ASP C 210 -19.18 -3.58 -14.96
N ALA C 211 -18.24 -4.50 -15.08
CA ALA C 211 -18.58 -5.92 -14.93
C ALA C 211 -18.73 -6.19 -13.42
N PRO C 212 -19.68 -7.04 -13.03
CA PRO C 212 -19.91 -7.28 -11.61
C PRO C 212 -18.71 -7.95 -10.95
N GLU C 213 -17.96 -8.72 -11.73
CA GLU C 213 -16.76 -9.42 -11.24
C GLU C 213 -15.68 -8.50 -10.74
N GLU C 214 -15.69 -7.26 -11.21
CA GLU C 214 -14.78 -6.20 -10.77
C GLU C 214 -15.38 -5.18 -9.80
N ALA C 215 -16.67 -5.28 -9.50
CA ALA C 215 -17.39 -4.20 -8.79
C ALA C 215 -17.25 -4.30 -7.26
N LEU C 216 -16.87 -5.47 -6.77
CA LEU C 216 -16.52 -5.66 -5.36
C LEU C 216 -15.24 -6.49 -5.32
N PRO C 217 -14.55 -6.49 -4.19
CA PRO C 217 -13.27 -7.21 -4.14
C PRO C 217 -13.40 -8.71 -4.23
N ARG C 218 -12.34 -9.38 -4.68
CA ARG C 218 -12.28 -10.83 -4.62
C ARG C 218 -11.62 -11.24 -3.33
N PRO C 219 -12.25 -12.13 -2.55
CA PRO C 219 -11.50 -12.53 -1.36
C PRO C 219 -10.32 -13.37 -1.73
N PRO C 220 -9.39 -13.56 -0.79
CA PRO C 220 -8.31 -14.54 -1.05
C PRO C 220 -8.91 -15.91 -1.31
N ALA C 221 -8.23 -16.72 -2.11
CA ALA C 221 -8.80 -17.96 -2.60
C ALA C 221 -8.99 -18.99 -1.46
N SER C 222 -8.02 -19.00 -0.55
CA SER C 222 -7.89 -20.08 0.37
C SER C 222 -7.14 -19.60 1.61
N PHE C 223 -7.44 -20.21 2.74
CA PHE C 223 -6.89 -19.85 4.05
C PHE C 223 -6.31 -21.03 4.81
N HIS C 224 -5.26 -20.76 5.56
CA HIS C 224 -4.77 -21.62 6.64
C HIS C 224 -5.54 -21.22 7.90
N VAL C 225 -6.11 -22.20 8.59
CA VAL C 225 -6.99 -22.00 9.72
C VAL C 225 -6.39 -22.77 10.87
N ALA C 226 -6.34 -22.15 12.04
CA ALA C 226 -5.91 -22.80 13.29
C ALA C 226 -7.06 -22.66 14.29
N ARG C 227 -7.39 -23.75 14.97
CA ARG C 227 -8.36 -23.70 16.08
C ARG C 227 -7.59 -24.23 17.30
N VAL C 228 -7.62 -23.47 18.38
CA VAL C 228 -6.79 -23.72 19.56
C VAL C 228 -7.68 -23.73 20.79
N SER C 229 -7.40 -24.60 21.74
CA SER C 229 -8.08 -24.42 22.98
C SER C 229 -7.19 -24.74 24.15
N TRP C 230 -7.45 -24.03 25.24
CA TRP C 230 -6.71 -24.19 26.48
C TRP C 230 -7.67 -24.67 27.54
N SER C 231 -7.28 -25.69 28.32
CA SER C 231 -8.24 -26.22 29.26
C SER C 231 -8.28 -25.40 30.58
N TRP C 232 -9.50 -25.11 31.02
CA TRP C 232 -9.68 -24.33 32.18
C TRP C 232 -9.10 -25.11 33.40
N ALA C 233 -9.08 -26.43 33.32
CA ALA C 233 -8.63 -27.24 34.53
C ALA C 233 -7.14 -27.15 34.64
N GLU C 234 -6.47 -26.58 33.62
CA GLU C 234 -5.01 -26.45 33.63
C GLU C 234 -4.58 -24.99 33.74
N LEU C 235 -5.53 -24.10 33.93
CA LEU C 235 -5.31 -22.68 33.83
C LEU C 235 -5.18 -22.14 35.26
N THR C 236 -4.27 -21.21 35.47
CA THR C 236 -4.19 -20.43 36.69
C THR C 236 -4.41 -18.97 36.31
N GLU C 237 -4.59 -18.13 37.30
CA GLU C 237 -4.69 -16.70 37.08
C GLU C 237 -3.47 -16.19 36.33
N ALA C 238 -2.27 -16.52 36.79
CA ALA C 238 -1.05 -16.08 36.11
C ALA C 238 -1.00 -16.44 34.64
N ASP C 239 -1.37 -17.69 34.31
CA ASP C 239 -1.39 -18.12 32.91
C ASP C 239 -2.43 -17.31 32.10
N TYR C 240 -3.60 -17.11 32.67
CA TYR C 240 -4.68 -16.36 31.99
C TYR C 240 -4.18 -14.99 31.68
N VAL C 241 -3.62 -14.33 32.68
CA VAL C 241 -3.12 -12.97 32.53
C VAL C 241 -2.02 -12.93 31.46
N ARG C 242 -1.14 -13.91 31.47
CA ARG C 242 -0.04 -13.85 30.53
C ARG C 242 -0.51 -14.19 29.08
N LEU C 243 -1.41 -15.17 28.95
CA LEU C 243 -1.93 -15.57 27.66
C LEU C 243 -2.61 -14.40 26.99
N VAL C 244 -3.53 -13.78 27.71
CA VAL C 244 -4.30 -12.65 27.14
C VAL C 244 -3.34 -11.48 26.86
N SER C 245 -2.41 -11.18 27.76
CA SER C 245 -1.34 -10.18 27.47
C SER C 245 -0.53 -10.46 26.21
N ASN C 246 -0.20 -11.72 25.99
CA ASN C 246 0.55 -12.07 24.77
C ASN C 246 -0.30 -11.84 23.54
N PHE C 247 -1.56 -12.24 23.62
CA PHE C 247 -2.51 -12.01 22.50
C PHE C 247 -2.62 -10.55 22.19
N LEU C 248 -2.88 -9.75 23.23
CA LEU C 248 -3.06 -8.33 23.05
C LEU C 248 -1.83 -7.66 22.51
N ASP C 249 -0.68 -7.95 23.09
CA ASP C 249 0.64 -7.41 22.64
C ASP C 249 0.93 -7.71 21.18
N TRP C 250 0.69 -8.96 20.76
CA TRP C 250 0.86 -9.32 19.36
C TRP C 250 -0.12 -8.51 18.47
N GLN C 251 -1.38 -8.45 18.82
CA GLN C 251 -2.35 -7.73 18.00
C GLN C 251 -2.02 -6.24 17.89
N LEU C 252 -1.55 -5.65 18.98
CA LEU C 252 -1.26 -4.23 18.96
C LEU C 252 -0.01 -3.91 18.18
N ARG C 253 0.82 -4.91 17.88
CA ARG C 253 2.01 -4.74 16.99
C ARG C 253 1.68 -5.01 15.51
N ASN C 254 0.48 -5.53 15.26
CA ASN C 254 0.17 -6.07 13.94
C ASN C 254 -1.21 -5.62 13.50
N CYS C 255 -1.57 -4.38 13.77
CA CYS C 255 -2.94 -3.98 13.50
C CYS C 255 -3.08 -2.91 12.43
N THR C 256 -2.00 -2.69 11.68
CA THR C 256 -2.04 -1.75 10.54
C THR C 256 -1.67 -2.39 9.21
N VAL C 257 -2.02 -1.68 8.15
CA VAL C 257 -1.88 -2.22 6.80
C VAL C 257 -0.41 -2.49 6.44
N ASP C 258 0.48 -1.80 7.11
CA ASP C 258 1.91 -2.04 6.91
C ASP C 258 2.49 -3.21 7.72
N SER C 259 1.72 -3.85 8.59
CA SER C 259 2.25 -5.02 9.27
C SER C 259 2.29 -6.17 8.24
N PRO C 260 3.42 -6.90 8.15
CA PRO C 260 3.39 -8.05 7.22
C PRO C 260 2.48 -9.22 7.70
N ASN C 261 1.90 -9.08 8.90
CA ASN C 261 1.00 -10.06 9.49
C ASN C 261 -0.44 -9.52 9.45
N ILE C 262 -0.75 -8.51 8.62
CA ILE C 262 -2.08 -7.90 8.70
C ILE C 262 -3.16 -8.85 8.18
N GLY C 263 -2.78 -9.77 7.31
CA GLY C 263 -3.70 -10.79 6.82
C GLY C 263 -4.15 -11.86 7.82
N LEU C 264 -3.48 -11.98 8.95
CA LEU C 264 -3.85 -12.93 9.96
C LEU C 264 -4.89 -12.30 10.86
N TYR C 265 -6.06 -12.93 10.90
CA TYR C 265 -7.18 -12.53 11.70
C TYR C 265 -7.35 -13.60 12.78
N ALA C 266 -7.52 -13.17 14.01
CA ALA C 266 -7.73 -14.08 15.13
C ALA C 266 -8.77 -13.53 16.11
N LEU C 267 -9.53 -14.42 16.69
CA LEU C 267 -10.51 -14.12 17.72
C LEU C 267 -10.21 -15.03 18.92
N LEU C 268 -10.09 -14.45 20.13
CA LEU C 268 -9.84 -15.22 21.34
C LEU C 268 -11.10 -15.17 22.20
N GLU C 269 -11.67 -16.33 22.50
CA GLU C 269 -12.93 -16.40 23.24
C GLU C 269 -12.63 -16.84 24.66
N CYS C 270 -12.83 -15.96 25.62
CA CYS C 270 -12.52 -16.28 27.01
C CYS C 270 -13.80 -16.66 27.74
N PHE C 271 -14.15 -17.93 27.64
CA PHE C 271 -15.35 -18.42 28.27
C PHE C 271 -15.21 -18.45 29.76
N HIS C 272 -16.35 -18.36 30.46
CA HIS C 272 -16.47 -18.74 31.84
C HIS C 272 -15.95 -20.15 32.02
N ARG C 273 -15.45 -20.43 33.21
CA ARG C 273 -14.82 -21.67 33.50
C ARG C 273 -15.73 -22.84 33.34
N SER C 274 -17.02 -22.67 33.59
CA SER C 274 -18.01 -23.71 33.36
C SER C 274 -18.05 -24.25 31.92
N ALA C 275 -17.56 -23.49 30.95
CA ALA C 275 -17.43 -24.00 29.58
C ALA C 275 -16.27 -25.02 29.41
N GLY C 276 -15.29 -25.01 30.31
CA GLY C 276 -14.21 -26.00 30.29
C GLY C 276 -12.98 -25.59 29.52
N HIS C 277 -13.05 -24.55 28.70
CA HIS C 277 -11.91 -24.14 27.89
C HIS C 277 -11.97 -22.66 27.48
N LEU C 278 -10.82 -22.12 27.16
CA LEU C 278 -10.70 -20.86 26.41
C LEU C 278 -10.52 -21.30 24.98
N ALA C 279 -11.03 -20.57 23.98
CA ALA C 279 -10.83 -21.02 22.61
C ALA C 279 -10.31 -19.89 21.73
N MET C 280 -9.61 -20.21 20.66
CA MET C 280 -9.22 -19.20 19.71
C MET C 280 -9.29 -19.77 18.30
N HIS C 281 -9.82 -18.95 17.39
CA HIS C 281 -9.64 -19.24 15.99
CA HIS C 281 -9.76 -19.18 15.94
C HIS C 281 -8.80 -18.21 15.25
N ALA C 282 -7.97 -18.70 14.36
CA ALA C 282 -7.14 -17.82 13.59
C ALA C 282 -7.09 -18.28 12.14
N GLN C 283 -6.90 -17.30 11.25
CA GLN C 283 -6.82 -17.59 9.84
C GLN C 283 -5.88 -16.63 9.12
N ILE C 284 -5.29 -17.06 8.01
CA ILE C 284 -4.42 -16.21 7.21
C ILE C 284 -4.50 -16.71 5.80
N PRO C 285 -4.58 -15.80 4.80
CA PRO C 285 -4.60 -16.25 3.43
C PRO C 285 -3.35 -17.06 3.05
N VAL C 286 -3.56 -18.13 2.28
CA VAL C 286 -2.46 -18.95 1.76
C VAL C 286 -1.45 -18.14 0.90
N ASP C 287 -1.88 -17.04 0.32
CA ASP C 287 -1.05 -16.29 -0.63
C ASP C 287 -0.26 -15.16 0.06
N VAL C 288 -0.36 -15.04 1.37
CA VAL C 288 0.53 -14.14 2.07
C VAL C 288 1.93 -14.76 2.06
N PRO C 289 2.98 -13.97 1.80
CA PRO C 289 4.33 -14.55 1.89
C PRO C 289 4.60 -15.25 3.21
N ASP C 290 5.04 -16.50 3.13
CA ASP C 290 5.35 -17.34 4.29
C ASP C 290 4.17 -17.47 5.24
N ALA C 291 2.97 -17.53 4.67
CA ALA C 291 1.71 -17.54 5.44
C ALA C 291 1.74 -18.60 6.52
N GLU C 292 2.10 -19.82 6.16
CA GLU C 292 2.02 -20.94 7.09
C GLU C 292 2.97 -20.72 8.24
N GLU C 293 4.18 -20.23 7.95
CA GLU C 293 5.14 -19.91 9.03
C GLU C 293 4.69 -18.72 9.90
N ARG C 294 4.04 -17.72 9.27
CA ARG C 294 3.51 -16.59 10.03
C ARG C 294 2.49 -17.06 11.05
N MET C 295 1.69 -18.05 10.66
CA MET C 295 0.72 -18.62 11.61
C MET C 295 1.47 -19.33 12.74
N SER C 296 2.51 -20.08 12.38
CA SER C 296 3.33 -20.74 13.42
C SER C 296 3.96 -19.73 14.39
N TRP C 297 4.45 -18.58 13.90
CA TRP C 297 5.10 -17.61 14.80
C TRP C 297 4.13 -17.02 15.79
N PHE C 298 2.92 -16.73 15.30
CA PHE C 298 1.84 -16.20 16.11
C PHE C 298 1.49 -17.13 17.23
N LEU C 299 1.29 -18.40 16.90
CA LEU C 299 0.89 -19.39 17.87
C LEU C 299 2.00 -19.58 18.90
N ALA C 300 3.27 -19.49 18.50
CA ALA C 300 4.37 -19.67 19.46
C ALA C 300 4.47 -18.49 20.42
N GLU C 301 4.27 -17.28 19.91
CA GLU C 301 4.19 -16.11 20.79
C GLU C 301 3.10 -16.20 21.84
N LEU C 302 1.94 -16.74 21.50
CA LEU C 302 0.89 -16.93 22.51
C LEU C 302 1.30 -17.76 23.71
N ASN C 303 2.15 -18.75 23.50
CA ASN C 303 2.49 -19.61 24.64
CA ASN C 303 2.63 -19.72 24.52
C ASN C 303 3.74 -19.24 25.41
N GLU C 304 4.35 -18.11 25.04
CA GLU C 304 5.53 -17.59 25.74
C GLU C 304 5.19 -17.30 27.22
N GLY C 305 5.90 -17.96 28.13
CA GLY C 305 5.67 -17.77 29.53
C GLY C 305 4.37 -18.30 30.08
N VAL C 306 3.67 -19.12 29.29
CA VAL C 306 2.34 -19.63 29.67
C VAL C 306 2.52 -21.10 29.93
N ALA C 307 2.08 -21.60 31.08
CA ALA C 307 2.33 -23.02 31.43
C ALA C 307 1.39 -24.01 30.73
N VAL C 308 0.08 -23.76 30.79
CA VAL C 308 -0.90 -24.59 30.09
C VAL C 308 -0.57 -24.75 28.60
N ALA C 309 -0.54 -26.00 28.14
CA ALA C 309 -0.30 -26.30 26.72
C ALA C 309 -1.64 -26.39 25.98
N PRO C 310 -1.81 -25.63 24.88
CA PRO C 310 -3.09 -25.75 24.23
C PRO C 310 -3.13 -26.92 23.27
N SER C 311 -4.34 -27.38 22.97
CA SER C 311 -4.65 -28.35 21.93
C SER C 311 -4.88 -27.53 20.64
N LEU C 312 -4.42 -28.02 19.50
CA LEU C 312 -4.38 -27.20 18.24
C LEU C 312 -4.80 -28.10 17.11
N THR C 313 -5.60 -27.58 16.19
CA THR C 313 -5.83 -28.26 14.91
C THR C 313 -5.60 -27.22 13.79
N ARG C 314 -4.89 -27.60 12.74
CA ARG C 314 -4.60 -26.71 11.61
C ARG C 314 -5.07 -27.33 10.33
N ARG C 315 -5.68 -26.54 9.45
CA ARG C 315 -6.07 -27.05 8.16
C ARG C 315 -6.19 -25.93 7.15
N ARG C 316 -6.33 -26.30 5.89
CA ARG C 316 -6.51 -25.34 4.81
C ARG C 316 -7.90 -25.44 4.16
N LEU C 317 -8.57 -24.31 3.96
CA LEU C 317 -9.93 -24.29 3.41
C LEU C 317 -10.14 -23.14 2.40
N PRO C 318 -10.97 -23.36 1.39
CA PRO C 318 -11.40 -22.23 0.58
C PRO C 318 -12.01 -21.12 1.44
N TRP C 319 -12.00 -19.89 0.93
CA TRP C 319 -12.47 -18.76 1.68
C TRP C 319 -13.90 -18.92 2.21
N LEU C 320 -14.84 -19.24 1.34
CA LEU C 320 -16.25 -19.30 1.75
C LEU C 320 -16.49 -20.38 2.81
N ALA C 321 -15.82 -21.50 2.69
CA ALA C 321 -15.82 -22.54 3.73
C ALA C 321 -15.24 -22.05 5.05
N THR C 322 -14.12 -21.31 5.02
CA THR C 322 -13.53 -20.72 6.22
C THR C 322 -14.56 -19.82 6.88
N SER C 323 -15.21 -18.99 6.07
CA SER C 323 -16.22 -18.08 6.58
C SER C 323 -17.41 -18.83 7.21
N GLN C 324 -17.84 -19.91 6.58
CA GLN C 324 -18.94 -20.68 7.10
C GLN C 324 -18.54 -21.53 8.31
N LEU C 325 -17.32 -22.03 8.31
CA LEU C 325 -16.83 -22.81 9.46
C LEU C 325 -16.89 -22.00 10.73
N LEU C 326 -16.45 -20.74 10.62
CA LEU C 326 -16.37 -19.77 11.72
CA LEU C 326 -16.37 -19.87 11.78
C LEU C 326 -17.68 -19.09 12.03
N ALA C 327 -18.65 -19.20 11.12
CA ALA C 327 -19.93 -18.48 11.25
C ALA C 327 -20.85 -19.00 12.35
N ILE C 328 -21.67 -18.10 12.89
CA ILE C 328 -22.72 -18.46 13.89
C ILE C 328 -24.05 -18.84 13.21
N PRO C 329 -24.54 -20.05 13.52
CA PRO C 329 -25.76 -20.56 12.87
C PRO C 329 -26.98 -19.75 13.21
N ASP C 330 -27.96 -19.75 12.33
CA ASP C 330 -29.24 -19.08 12.58
C ASP C 330 -30.33 -20.07 13.02
N VAL C 331 -29.96 -21.33 13.29
CA VAL C 331 -30.89 -22.36 13.74
C VAL C 331 -30.18 -23.20 14.76
N GLY C 332 -30.93 -24.04 15.44
CA GLY C 332 -30.36 -24.93 16.40
C GLY C 332 -30.43 -24.29 17.76
N PRO C 333 -30.03 -25.04 18.78
CA PRO C 333 -30.13 -24.60 20.19
C PRO C 333 -29.38 -23.34 20.57
N GLY C 334 -28.36 -22.96 19.82
CA GLY C 334 -27.64 -21.70 20.13
C GLY C 334 -28.33 -20.47 19.58
N ALA C 335 -29.25 -20.65 18.64
CA ALA C 335 -29.82 -19.54 17.89
C ALA C 335 -31.29 -19.27 18.27
N ILE C 336 -32.01 -20.31 18.68
CA ILE C 336 -33.45 -20.25 18.82
C ILE C 336 -33.98 -20.36 20.26
N GLY C 337 -34.80 -19.40 20.62
CA GLY C 337 -35.41 -19.36 21.94
C GLY C 337 -34.42 -19.02 23.04
N VAL C 338 -33.41 -18.23 22.69
CA VAL C 338 -32.35 -17.88 23.62
C VAL C 338 -32.56 -16.44 24.17
N ARG C 339 -32.41 -16.28 25.48
CA ARG C 339 -32.40 -14.99 26.10
C ARG C 339 -30.93 -14.56 26.18
N ARG C 340 -30.65 -13.31 25.85
CA ARG C 340 -29.26 -12.85 25.67
C ARG C 340 -29.02 -11.48 26.26
N LYS C 341 -27.76 -11.24 26.63
CA LYS C 341 -27.32 -9.88 26.89
C LYS C 341 -25.94 -9.75 26.33
N VAL C 342 -25.65 -8.62 25.65
CA VAL C 342 -24.33 -8.41 25.08
C VAL C 342 -23.79 -7.03 25.43
N LYS C 343 -22.46 -6.88 25.43
CA LYS C 343 -21.82 -5.62 25.74
C LYS C 343 -20.63 -5.54 24.85
N SER C 344 -20.05 -4.36 24.77
CA SER C 344 -19.06 -4.04 23.82
C SER C 344 -18.09 -3.03 24.37
N ALA C 345 -16.83 -3.10 24.00
CA ALA C 345 -15.83 -2.14 24.44
C ALA C 345 -14.66 -2.31 23.49
N ASP C 346 -14.20 -1.22 22.91
CA ASP C 346 -13.14 -1.28 21.92
C ASP C 346 -11.87 -0.63 22.41
N LEU C 347 -10.73 -1.11 21.91
CA LEU C 347 -9.42 -0.76 22.42
C LEU C 347 -8.47 -0.21 21.37
N ARG C 348 -7.61 0.68 21.78
CA ARG C 348 -6.39 1.00 21.05
C ARG C 348 -5.13 0.83 21.89
N GLY C 349 -5.26 0.25 23.06
CA GLY C 349 -4.13 -0.11 23.88
C GLY C 349 -4.55 -1.30 24.67
N PRO C 350 -3.63 -1.85 25.48
CA PRO C 350 -3.86 -3.11 26.14
C PRO C 350 -4.59 -2.98 27.44
N HIS C 351 -5.30 -4.02 27.84
CA HIS C 351 -5.80 -4.14 29.17
C HIS C 351 -4.60 -4.26 30.09
N THR C 352 -4.72 -3.68 31.27
CA THR C 352 -3.74 -3.85 32.32
C THR C 352 -3.82 -5.20 33.00
N ARG C 353 -2.72 -5.52 33.64
CA ARG C 353 -2.73 -6.69 34.49
C ARG C 353 -3.85 -6.71 35.47
N GLU C 354 -4.18 -5.58 36.05
CA GLU C 354 -5.23 -5.51 37.06
C GLU C 354 -6.60 -5.76 36.41
N GLN C 355 -6.79 -5.22 35.22
CA GLN C 355 -8.03 -5.53 34.48
C GLN C 355 -8.18 -7.04 34.15
N LEU C 356 -7.10 -7.66 33.71
CA LEU C 356 -7.10 -9.07 33.43
C LEU C 356 -7.32 -9.94 34.66
N ALA C 357 -6.77 -9.54 35.83
CA ALA C 357 -7.09 -10.25 37.09
C ALA C 357 -8.58 -10.11 37.46
N ALA C 358 -9.14 -8.95 37.17
CA ALA C 358 -10.54 -8.71 37.44
C ALA C 358 -11.37 -9.64 36.54
N ALA C 359 -11.02 -9.71 35.27
CA ALA C 359 -11.71 -10.64 34.35
C ALA C 359 -11.61 -12.06 34.88
N TYR C 360 -10.38 -12.44 35.24
CA TYR C 360 -10.16 -13.80 35.68
C TYR C 360 -11.06 -14.15 36.83
N ARG C 361 -11.23 -13.22 37.75
CA ARG C 361 -12.03 -13.43 38.96
C ARG C 361 -13.50 -13.73 38.64
N HIS C 362 -14.06 -12.99 37.69
CA HIS C 362 -15.42 -13.24 37.24
C HIS C 362 -15.55 -14.46 36.33
N LEU C 363 -14.57 -14.69 35.49
CA LEU C 363 -14.55 -15.91 34.64
C LEU C 363 -14.30 -17.22 35.40
N SER C 364 -13.67 -17.17 36.57
CA SER C 364 -13.43 -18.44 37.29
C SER C 364 -14.38 -18.68 38.43
N ARG C 365 -15.26 -17.74 38.74
CA ARG C 365 -16.06 -17.86 39.98
C ARG C 365 -16.98 -19.08 39.90
N ALA C 366 -17.00 -19.87 40.98
CA ALA C 366 -17.66 -21.15 41.00
C ALA C 366 -19.12 -21.08 41.41
N ASP C 367 -19.55 -19.93 41.95
CA ASP C 367 -20.96 -19.69 42.29
C ASP C 367 -21.83 -19.30 41.05
N TYR C 368 -21.25 -19.39 39.86
CA TYR C 368 -21.96 -19.04 38.64
C TYR C 368 -21.78 -20.18 37.66
N HIS C 369 -22.84 -20.57 36.97
CA HIS C 369 -22.74 -21.59 35.93
C HIS C 369 -23.41 -21.13 34.63
N CYS C 370 -22.64 -21.00 33.59
CA CYS C 370 -23.20 -20.68 32.29
C CYS C 370 -22.11 -20.84 31.27
N PRO C 371 -22.09 -22.01 30.60
CA PRO C 371 -21.06 -22.27 29.62
C PRO C 371 -21.10 -21.31 28.43
N SER C 372 -22.22 -20.60 28.24
CA SER C 372 -22.28 -19.58 27.19
C SER C 372 -21.72 -18.20 27.54
N ALA C 373 -21.28 -18.01 28.76
CA ALA C 373 -20.84 -16.71 29.18
C ALA C 373 -19.38 -16.56 28.74
N ALA C 374 -19.08 -15.43 28.12
CA ALA C 374 -17.77 -15.19 27.59
C ALA C 374 -17.48 -13.73 27.41
N MET C 375 -16.21 -13.41 27.46
CA MET C 375 -15.75 -12.24 26.78
C MET C 375 -14.79 -12.64 25.65
N GLU C 376 -14.74 -11.79 24.62
CA GLU C 376 -13.95 -12.10 23.40
C GLU C 376 -13.10 -10.91 23.00
N TYR C 377 -11.90 -11.22 22.55
CA TYR C 377 -10.98 -10.24 21.94
C TYR C 377 -10.92 -10.51 20.43
N ILE C 378 -11.29 -9.51 19.64
CA ILE C 378 -11.50 -9.71 18.21
C ILE C 378 -10.51 -8.81 17.46
N ALA C 379 -9.66 -9.40 16.64
CA ALA C 379 -8.70 -8.63 15.88
C ALA C 379 -9.43 -7.65 14.92
N TYR C 380 -8.83 -6.48 14.68
CA TYR C 380 -9.54 -5.41 13.92
C TYR C 380 -8.49 -4.47 13.34
N GLY C 381 -8.88 -3.26 12.87
CA GLY C 381 -7.88 -2.33 12.34
C GLY C 381 -7.58 -2.64 10.93
N GLY C 382 -6.30 -2.52 10.55
CA GLY C 382 -5.93 -2.75 9.20
C GLY C 382 -6.51 -1.69 8.28
N ARG C 383 -7.07 -2.17 7.20
CA ARG C 383 -7.66 -1.32 6.21
C ARG C 383 -8.83 -0.44 6.78
N VAL C 384 -9.49 -0.90 7.84
CA VAL C 384 -10.50 -0.05 8.51
C VAL C 384 -9.91 1.35 8.85
N ASN C 385 -8.67 1.38 9.31
CA ASN C 385 -8.10 2.62 9.85
C ASN C 385 -7.32 3.46 8.88
N THR C 386 -7.49 3.22 7.58
CA THR C 386 -6.97 4.09 6.53
C THR C 386 -8.02 5.10 6.13
N VAL C 387 -9.17 5.07 6.79
CA VAL C 387 -10.28 6.02 6.50
C VAL C 387 -10.30 7.04 7.68
N ASP C 388 -10.40 8.32 7.35
CA ASP C 388 -10.48 9.36 8.36
C ASP C 388 -11.72 9.15 9.24
N PRO C 389 -11.60 9.39 10.56
CA PRO C 389 -12.76 9.19 11.47
C PRO C 389 -14.01 9.97 11.10
N ALA C 390 -13.90 11.08 10.36
CA ALA C 390 -15.10 11.84 9.98
C ALA C 390 -15.62 11.55 8.60
N ALA C 391 -14.88 10.79 7.79
CA ALA C 391 -15.26 10.52 6.39
C ALA C 391 -16.46 9.57 6.28
N THR C 392 -16.70 8.81 7.34
CA THR C 392 -17.93 8.03 7.52
C THR C 392 -18.45 8.29 8.92
N ALA C 393 -19.65 7.80 9.24
CA ALA C 393 -20.20 8.07 10.56
C ALA C 393 -19.53 7.21 11.65
N VAL C 394 -18.83 6.18 11.27
CA VAL C 394 -18.17 5.34 12.28
C VAL C 394 -16.98 6.07 12.89
N PRO C 395 -16.94 6.17 14.24
CA PRO C 395 -15.88 6.94 14.93
C PRO C 395 -14.60 6.14 15.05
N ARG C 396 -13.89 6.01 13.94
CA ARG C 396 -12.77 5.07 13.88
C ARG C 396 -11.66 5.40 14.85
N GLY C 397 -10.95 4.38 15.24
CA GLY C 397 -9.84 4.57 16.19
C GLY C 397 -9.42 3.27 16.83
N ALA C 398 -10.42 2.48 17.15
CA ALA C 398 -10.16 1.14 17.71
C ALA C 398 -9.20 0.30 16.84
N SER C 399 -8.27 -0.39 17.51
CA SER C 399 -7.36 -1.37 16.90
C SER C 399 -7.86 -2.79 17.14
N LEU C 400 -8.63 -2.97 18.18
CA LEU C 400 -9.11 -4.25 18.58
C LEU C 400 -10.48 -4.10 19.25
N LYS C 401 -11.37 -5.05 19.02
CA LYS C 401 -12.69 -5.06 19.64
C LYS C 401 -12.85 -6.09 20.71
N THR C 402 -13.65 -5.77 21.73
CA THR C 402 -14.01 -6.73 22.73
C THR C 402 -15.52 -6.81 22.82
N PHE C 403 -16.01 -8.01 23.17
CA PHE C 403 -17.40 -8.31 23.15
C PHE C 403 -17.66 -9.22 24.35
N TYR C 404 -18.80 -9.03 25.03
CA TYR C 404 -19.15 -9.77 26.18
C TYR C 404 -20.53 -10.30 25.94
N MET C 405 -20.77 -11.52 26.35
CA MET C 405 -22.08 -12.12 26.10
CA MET C 405 -22.07 -12.15 26.08
C MET C 405 -22.44 -13.17 27.12
N VAL C 406 -23.71 -13.22 27.41
CA VAL C 406 -24.32 -14.32 28.15
CA VAL C 406 -24.27 -14.34 28.12
C VAL C 406 -25.58 -14.73 27.44
N ALA C 407 -25.85 -16.04 27.44
CA ALA C 407 -26.99 -16.60 26.75
C ALA C 407 -27.58 -17.72 27.59
N TRP C 408 -28.90 -17.75 27.70
CA TRP C 408 -29.60 -18.71 28.61
C TRP C 408 -31.00 -18.89 28.10
N THR C 409 -31.75 -19.83 28.67
CA THR C 409 -33.10 -20.07 28.18
C THR C 409 -34.21 -19.87 29.20
N ASP C 410 -33.93 -20.08 30.48
CA ASP C 410 -34.96 -19.92 31.52
C ASP C 410 -35.11 -18.46 32.01
N PRO C 411 -36.31 -17.85 31.87
CA PRO C 411 -36.50 -16.47 32.33
C PRO C 411 -36.33 -16.30 33.84
N ASP C 412 -36.43 -17.40 34.60
CA ASP C 412 -36.21 -17.33 36.05
C ASP C 412 -34.76 -17.09 36.37
N GLU C 413 -33.84 -17.28 35.43
CA GLU C 413 -32.44 -17.02 35.69
C GLU C 413 -32.00 -15.65 35.19
N ASP C 414 -32.90 -14.82 34.66
CA ASP C 414 -32.46 -13.54 34.09
C ASP C 414 -31.58 -12.76 35.04
N GLU C 415 -32.00 -12.64 36.32
CA GLU C 415 -31.28 -11.85 37.30
C GLU C 415 -29.85 -12.32 37.53
N GLU C 416 -29.60 -13.62 37.63
CA GLU C 416 -28.23 -14.08 37.83
C GLU C 416 -27.32 -13.82 36.60
N HIS C 417 -27.85 -13.99 35.39
CA HIS C 417 -27.04 -13.74 34.16
C HIS C 417 -26.81 -12.28 33.88
N LEU C 418 -27.85 -11.48 34.03
CA LEU C 418 -27.67 -10.03 33.92
C LEU C 418 -26.66 -9.50 34.93
N ARG C 419 -26.72 -10.02 36.15
CA ARG C 419 -25.78 -9.57 37.15
C ARG C 419 -24.34 -9.94 36.76
N TRP C 420 -24.14 -11.15 36.27
CA TRP C 420 -22.82 -11.59 35.89
C TRP C 420 -22.16 -10.71 34.87
N ILE C 421 -22.85 -10.42 33.76
CA ILE C 421 -22.23 -9.69 32.68
C ILE C 421 -22.04 -8.25 33.11
N ARG C 422 -22.97 -7.74 33.89
CA ARG C 422 -22.87 -6.35 34.31
C ARG C 422 -21.73 -6.16 35.23
N GLU C 423 -21.55 -7.10 36.15
CA GLU C 423 -20.44 -6.97 37.12
C GLU C 423 -19.07 -7.13 36.50
N ILE C 424 -18.89 -8.11 35.60
CA ILE C 424 -17.58 -8.26 34.97
C ILE C 424 -17.22 -7.02 34.15
N TYR C 425 -18.19 -6.46 33.42
CA TYR C 425 -17.89 -5.32 32.59
C TYR C 425 -17.60 -4.10 33.42
N ARG C 426 -18.40 -3.91 34.45
CA ARG C 426 -18.18 -2.74 35.35
C ARG C 426 -16.81 -2.84 36.00
N ASP C 427 -16.50 -4.02 36.49
CA ASP C 427 -15.21 -4.26 37.18
C ASP C 427 -14.03 -4.02 36.27
N ILE C 428 -14.11 -4.54 35.06
CA ILE C 428 -13.06 -4.30 34.12
C ILE C 428 -12.84 -2.80 33.86
N HIS C 429 -13.92 -2.03 33.83
CA HIS C 429 -13.86 -0.62 33.51
C HIS C 429 -13.97 0.20 34.81
N SER C 430 -13.51 -0.32 35.93
CA SER C 430 -13.79 0.42 37.15
C SER C 430 -13.01 1.75 37.26
N ALA C 431 -11.89 1.90 36.56
CA ALA C 431 -11.11 3.12 36.61
C ALA C 431 -11.77 4.24 35.77
N THR C 432 -12.74 3.89 34.93
CA THR C 432 -13.44 4.88 34.10
C THR C 432 -14.94 4.79 34.30
N GLY C 433 -15.35 4.66 35.55
CA GLY C 433 -16.74 4.76 35.85
C GLY C 433 -17.60 3.65 35.30
N GLY C 434 -16.98 2.48 35.06
CA GLY C 434 -17.72 1.30 34.61
C GLY C 434 -17.92 1.11 33.11
N VAL C 435 -17.45 2.06 32.29
CA VAL C 435 -17.69 2.08 30.87
C VAL C 435 -16.43 2.48 30.12
N PRO C 436 -16.37 2.15 28.81
CA PRO C 436 -15.16 2.42 28.01
C PRO C 436 -15.17 3.84 27.45
N THR C 437 -14.85 4.79 28.32
CA THR C 437 -14.81 6.16 27.95
C THR C 437 -13.64 6.39 26.98
N PRO C 438 -13.88 7.00 25.81
CA PRO C 438 -12.80 7.25 24.85
C PRO C 438 -11.69 8.04 25.49
N ASP C 439 -10.50 7.47 25.43
CA ASP C 439 -9.31 8.07 26.07
C ASP C 439 -8.12 7.42 25.35
N GLU C 440 -6.98 7.35 26.00
CA GLU C 440 -5.77 6.81 25.37
C GLU C 440 -5.80 5.26 25.15
N VAL C 441 -6.69 4.57 25.85
CA VAL C 441 -6.77 3.13 25.73
C VAL C 441 -8.12 2.70 25.17
N ASN C 442 -9.21 3.24 25.71
CA ASN C 442 -10.53 2.90 25.20
C ASN C 442 -10.89 3.79 24.05
N THR C 443 -11.61 3.24 23.08
CA THR C 443 -12.11 4.06 22.00
C THR C 443 -13.61 4.23 22.03
N GLY C 444 -14.27 3.56 22.94
CA GLY C 444 -15.73 3.56 23.00
C GLY C 444 -16.33 2.18 22.82
N ALA C 445 -17.50 2.13 22.20
CA ALA C 445 -18.23 0.89 21.99
C ALA C 445 -18.95 0.95 20.64
N TYR C 446 -19.48 -0.20 20.22
CA TYR C 446 -20.05 -0.36 18.91
C TYR C 446 -21.55 -0.30 18.91
N ILE C 447 -22.15 0.59 18.09
CA ILE C 447 -23.59 0.79 18.09
C ILE C 447 -24.41 -0.46 17.73
N ASN C 448 -23.81 -1.39 16.97
CA ASN C 448 -24.48 -2.65 16.61
C ASN C 448 -24.48 -3.68 17.77
N TYR C 449 -23.81 -3.38 18.86
CA TYR C 449 -23.95 -4.16 20.11
C TYR C 449 -24.43 -3.23 21.25
N PRO C 450 -25.61 -2.62 21.07
CA PRO C 450 -26.12 -1.63 22.02
C PRO C 450 -26.38 -2.21 23.39
N ASP C 451 -26.07 -1.40 24.39
CA ASP C 451 -26.19 -1.80 25.80
C ASP C 451 -26.84 -0.65 26.55
N ILE C 452 -28.13 -0.76 26.92
CA ILE C 452 -28.83 0.36 27.59
C ILE C 452 -28.31 0.61 29.01
N ASP C 453 -27.51 -0.29 29.54
CA ASP C 453 -26.84 -0.01 30.81
C ASP C 453 -25.88 1.21 30.76
N LEU C 454 -25.40 1.58 29.55
CA LEU C 454 -24.59 2.75 29.41
C LEU C 454 -25.34 4.03 29.71
N ALA C 455 -26.67 3.98 29.79
CA ALA C 455 -27.50 5.14 30.12
C ALA C 455 -28.06 4.99 31.52
N ASP C 456 -27.59 4.00 32.28
CA ASP C 456 -28.17 3.72 33.59
C ASP C 456 -27.15 4.13 34.64
N PRO C 457 -27.51 5.10 35.53
CA PRO C 457 -26.54 5.59 36.49
C PRO C 457 -26.09 4.53 37.48
N GLU C 458 -26.80 3.42 37.58
CA GLU C 458 -26.30 2.29 38.36
C GLU C 458 -25.01 1.70 37.77
N TRP C 459 -24.85 1.75 36.44
CA TRP C 459 -23.75 1.04 35.81
C TRP C 459 -22.73 2.00 35.16
N ASN C 460 -23.22 3.14 34.68
CA ASN C 460 -22.37 4.21 34.18
C ASN C 460 -22.26 5.34 35.18
N THR C 461 -21.11 5.43 35.85
CA THR C 461 -20.81 6.53 36.72
C THR C 461 -19.66 7.37 36.21
N SER C 462 -19.45 7.41 34.91
CA SER C 462 -18.26 8.05 34.34
C SER C 462 -18.52 9.50 33.99
N GLY C 463 -19.76 9.93 34.03
CA GLY C 463 -20.11 11.24 33.52
C GLY C 463 -20.15 11.37 32.01
N VAL C 464 -19.79 10.30 31.27
CA VAL C 464 -19.74 10.37 29.80
C VAL C 464 -20.96 9.71 29.18
N PRO C 465 -21.68 10.40 28.28
CA PRO C 465 -22.95 9.87 27.79
C PRO C 465 -22.75 8.81 26.73
N TRP C 466 -23.75 7.95 26.61
CA TRP C 466 -23.80 6.88 25.66
C TRP C 466 -23.46 7.39 24.27
N HIS C 467 -23.92 8.59 23.90
CA HIS C 467 -23.70 9.00 22.51
C HIS C 467 -22.25 9.33 22.21
N THR C 468 -21.49 9.78 23.19
CA THR C 468 -20.02 9.95 23.01
C THR C 468 -19.34 8.59 22.88
N ILE C 469 -19.78 7.64 23.69
CA ILE C 469 -19.20 6.29 23.73
C ILE C 469 -19.41 5.60 22.35
N TYR C 470 -20.56 5.82 21.70
CA TYR C 470 -20.85 5.14 20.48
C TYR C 470 -20.48 5.90 19.20
N TYR C 471 -20.54 7.23 19.24
CA TYR C 471 -20.35 8.03 18.00
C TYR C 471 -19.19 9.03 18.02
N GLY C 472 -18.62 9.23 19.20
CA GLY C 472 -17.52 10.19 19.32
C GLY C 472 -17.86 11.55 18.72
N ASP C 473 -16.88 12.06 18.01
CA ASP C 473 -16.96 13.38 17.41
C ASP C 473 -17.91 13.48 16.25
N ASN C 474 -18.44 12.34 15.79
CA ASN C 474 -19.39 12.36 14.69
C ASN C 474 -20.83 12.59 15.14
N TYR C 475 -21.10 12.60 16.45
CA TYR C 475 -22.49 12.78 16.89
C TYR C 475 -23.12 14.11 16.45
N PRO C 476 -22.39 15.25 16.56
CA PRO C 476 -23.04 16.49 16.21
C PRO C 476 -23.55 16.52 14.76
N ARG C 477 -22.77 15.98 13.85
CA ARG C 477 -23.20 15.93 12.46
C ARG C 477 -24.42 15.02 12.31
N LEU C 478 -24.41 13.87 12.97
CA LEU C 478 -25.59 12.98 13.00
C LEU C 478 -26.85 13.69 13.53
N GLN C 479 -26.70 14.51 14.59
CA GLN C 479 -27.82 15.24 15.15
C GLN C 479 -28.40 16.24 14.14
N GLU C 480 -27.55 16.91 13.39
CA GLU C 480 -28.00 17.86 12.37
C GLU C 480 -28.77 17.17 11.25
N ILE C 481 -28.25 16.04 10.83
CA ILE C 481 -28.86 15.25 9.79
C ILE C 481 -30.22 14.70 10.26
N LYS C 482 -30.25 14.20 11.49
CA LYS C 482 -31.48 13.69 12.13
C LYS C 482 -32.58 14.76 12.06
N SER C 483 -32.22 16.00 12.35
CA SER C 483 -33.20 17.08 12.43
C SER C 483 -33.71 17.45 11.02
N ARG C 484 -32.85 17.28 10.02
CA ARG C 484 -33.20 17.57 8.64
C ARG C 484 -34.12 16.53 8.01
N TRP C 485 -33.83 15.23 8.27
CA TRP C 485 -34.50 14.15 7.56
C TRP C 485 -35.61 13.45 8.33
N ASP C 486 -35.62 13.58 9.65
CA ASP C 486 -36.71 13.02 10.48
C ASP C 486 -37.12 14.13 11.47
N PRO C 487 -37.67 15.25 10.93
CA PRO C 487 -38.02 16.40 11.80
C PRO C 487 -39.13 16.06 12.79
N ARG C 488 -40.00 15.09 12.51
CA ARG C 488 -41.02 14.71 13.50
C ARG C 488 -40.58 13.68 14.55
N ASN C 489 -39.32 13.23 14.49
CA ASN C 489 -38.81 12.13 15.32
C ASN C 489 -39.71 10.88 15.31
N VAL C 490 -40.12 10.48 14.10
CA VAL C 490 -40.94 9.29 13.92
C VAL C 490 -40.15 8.05 14.36
N PHE C 491 -38.88 8.03 14.00
CA PHE C 491 -38.05 6.88 14.15
C PHE C 491 -37.20 7.07 15.38
N ARG C 492 -37.51 6.32 16.40
CA ARG C 492 -36.75 6.50 17.60
C ARG C 492 -36.64 5.23 18.45
N HIS C 493 -35.75 5.26 19.45
CA HIS C 493 -35.61 4.16 20.41
C HIS C 493 -34.71 4.65 21.51
N ALA C 494 -34.39 3.81 22.50
CA ALA C 494 -33.57 4.32 23.58
C ALA C 494 -32.28 5.05 23.17
N PHE C 495 -31.57 4.54 22.17
CA PHE C 495 -30.35 5.15 21.70
C PHE C 495 -30.47 5.78 20.30
N SER C 496 -31.60 6.38 19.99
CA SER C 496 -31.75 7.06 18.71
C SER C 496 -31.14 8.42 18.83
N ILE C 497 -30.59 8.89 17.74
CA ILE C 497 -29.91 10.18 17.73
C ILE C 497 -30.93 11.24 18.05
N ARG C 498 -30.58 12.16 18.94
CA ARG C 498 -31.50 13.21 19.35
C ARG C 498 -31.23 14.43 18.52
N PRO C 499 -32.25 14.99 17.88
CA PRO C 499 -31.95 16.24 17.20
C PRO C 499 -31.51 17.30 18.21
N ARG C 500 -30.92 18.36 17.72
CA ARG C 500 -30.41 19.36 18.63
C ARG C 500 -31.49 20.38 19.08
N THR D 3 -31.22 -11.82 -19.65
CA THR D 3 -30.76 -12.12 -18.27
C THR D 3 -29.42 -12.85 -18.26
N ARG D 4 -28.83 -12.92 -17.08
CA ARG D 4 -27.42 -13.26 -16.93
C ARG D 4 -27.08 -14.57 -17.69
N ALA D 5 -25.98 -14.54 -18.45
CA ALA D 5 -25.43 -15.76 -19.06
C ALA D 5 -25.00 -16.74 -17.95
N ALA D 6 -25.09 -18.01 -18.27
CA ALA D 6 -24.73 -19.10 -17.36
C ALA D 6 -23.29 -18.95 -17.01
N VAL D 7 -22.92 -19.29 -15.78
CA VAL D 7 -21.55 -19.17 -15.36
C VAL D 7 -20.82 -20.48 -15.58
N THR D 8 -19.58 -20.41 -16.05
CA THR D 8 -18.76 -21.60 -16.23
C THR D 8 -17.53 -21.48 -15.35
N VAL D 9 -17.30 -22.48 -14.52
CA VAL D 9 -16.20 -22.43 -13.57
C VAL D 9 -15.27 -23.56 -13.89
N LYS D 10 -14.07 -23.21 -14.35
CA LYS D 10 -12.99 -24.16 -14.63
C LYS D 10 -11.95 -24.20 -13.54
N PRO D 11 -11.01 -25.19 -13.58
CA PRO D 11 -10.05 -25.29 -12.47
C PRO D 11 -9.16 -24.07 -12.19
N ASP D 12 -9.01 -23.18 -13.16
CA ASP D 12 -8.24 -21.94 -12.99
C ASP D 12 -8.97 -20.82 -12.22
N ASP D 13 -10.29 -20.97 -12.04
CA ASP D 13 -11.12 -19.97 -11.38
C ASP D 13 -11.05 -20.27 -9.87
N HIS D 14 -11.01 -19.23 -9.04
CA HIS D 14 -10.91 -19.38 -7.60
C HIS D 14 -12.13 -20.08 -7.03
N ARG D 15 -13.26 -19.99 -7.74
CA ARG D 15 -14.47 -20.66 -7.28
C ARG D 15 -14.42 -22.18 -7.34
N TYR D 16 -13.49 -22.74 -8.14
CA TYR D 16 -13.58 -24.16 -8.48
C TYR D 16 -13.41 -25.02 -7.23
N ASP D 17 -12.44 -24.70 -6.39
CA ASP D 17 -12.19 -25.56 -5.21
C ASP D 17 -13.33 -25.54 -4.19
N LEU D 18 -14.01 -24.41 -4.12
CA LEU D 18 -15.20 -24.28 -3.27
C LEU D 18 -16.32 -25.15 -3.83
N LEU D 19 -16.57 -25.00 -5.14
CA LEU D 19 -17.62 -25.77 -5.78
C LEU D 19 -17.39 -27.26 -5.77
N ALA D 20 -16.15 -27.68 -5.77
CA ALA D 20 -15.81 -29.09 -5.70
C ALA D 20 -16.18 -29.70 -4.33
N ARG D 21 -16.42 -28.88 -3.31
CA ARG D 21 -16.61 -29.38 -1.95
C ARG D 21 -18.04 -29.19 -1.50
N ALA D 22 -18.70 -30.24 -1.05
CA ALA D 22 -20.08 -30.06 -0.61
C ALA D 22 -20.21 -30.60 0.80
N ASP D 23 -21.33 -31.20 1.16
CA ASP D 23 -21.58 -31.52 2.54
C ASP D 23 -20.64 -32.63 3.06
N ASN D 24 -20.24 -33.51 2.16
CA ASN D 24 -19.40 -34.59 2.55
C ASN D 24 -17.99 -34.40 2.01
N TYR D 25 -17.07 -34.02 2.86
CA TYR D 25 -15.68 -33.76 2.43
C TYR D 25 -14.93 -35.00 2.04
N ARG D 26 -15.51 -36.18 2.17
CA ARG D 26 -14.83 -37.36 1.62
C ARG D 26 -14.80 -37.36 0.12
N PHE D 27 -15.70 -36.60 -0.54
CA PHE D 27 -15.88 -36.68 -1.99
C PHE D 27 -15.70 -35.29 -2.61
N VAL D 28 -14.52 -35.06 -3.15
CA VAL D 28 -14.18 -33.81 -3.75
C VAL D 28 -14.33 -33.98 -5.25
N ALA D 29 -15.19 -33.20 -5.89
CA ALA D 29 -15.43 -33.32 -7.31
C ALA D 29 -14.25 -32.82 -8.12
N GLN D 30 -14.08 -33.36 -9.32
CA GLN D 30 -13.07 -32.84 -10.28
C GLN D 30 -13.60 -32.82 -11.72
N PRO D 31 -14.66 -32.09 -11.98
CA PRO D 31 -15.14 -32.01 -13.34
C PRO D 31 -14.24 -31.15 -14.25
N GLU D 32 -14.38 -31.27 -15.56
CA GLU D 32 -13.77 -30.28 -16.46
C GLU D 32 -14.27 -28.89 -16.14
N TYR D 33 -15.58 -28.76 -15.86
CA TYR D 33 -16.12 -27.49 -15.41
C TYR D 33 -17.41 -27.70 -14.65
N PHE D 34 -17.75 -26.67 -13.84
CA PHE D 34 -19.05 -26.57 -13.22
C PHE D 34 -19.80 -25.58 -14.08
N ARG D 35 -21.09 -25.77 -14.22
CA ARG D 35 -21.92 -24.86 -14.96
C ARG D 35 -23.04 -24.45 -14.02
N LEU D 36 -23.16 -23.14 -13.82
CA LEU D 36 -24.26 -22.58 -13.01
C LEU D 36 -25.24 -21.83 -13.90
N PRO D 37 -26.39 -22.45 -14.16
CA PRO D 37 -27.40 -21.84 -15.01
C PRO D 37 -28.42 -21.03 -14.17
N TYR D 38 -29.17 -20.19 -14.87
CA TYR D 38 -30.13 -19.31 -14.25
C TYR D 38 -31.55 -19.57 -14.70
N SER D 39 -31.73 -20.34 -15.78
CA SER D 39 -33.05 -20.61 -16.29
C SER D 39 -33.14 -22.04 -16.83
N THR D 40 -34.36 -22.50 -17.06
CA THR D 40 -34.53 -23.81 -17.64
C THR D 40 -33.81 -23.88 -19.00
N ALA D 41 -33.94 -22.83 -19.81
CA ALA D 41 -33.36 -22.82 -21.14
C ALA D 41 -31.86 -23.00 -21.05
N GLN D 42 -31.21 -22.44 -20.01
CA GLN D 42 -29.77 -22.62 -19.86
C GLN D 42 -29.44 -24.02 -19.36
N VAL D 43 -30.32 -24.63 -18.57
CA VAL D 43 -30.11 -26.06 -18.20
C VAL D 43 -30.15 -26.95 -19.48
N VAL D 44 -31.11 -26.70 -20.36
CA VAL D 44 -31.21 -27.42 -21.64
C VAL D 44 -29.93 -27.26 -22.43
N GLU D 45 -29.41 -26.04 -22.53
CA GLU D 45 -28.15 -25.87 -23.27
C GLU D 45 -27.03 -26.61 -22.58
N ALA D 46 -26.95 -26.53 -21.25
CA ALA D 46 -25.91 -27.23 -20.50
C ALA D 46 -25.93 -28.71 -20.80
N VAL D 47 -27.09 -29.31 -20.70
CA VAL D 47 -27.18 -30.73 -20.90
C VAL D 47 -26.86 -31.12 -22.35
N SER D 48 -27.45 -30.38 -23.29
CA SER D 48 -27.21 -30.60 -24.72
C SER D 48 -25.75 -30.57 -25.08
N GLU D 49 -25.00 -29.60 -24.54
CA GLU D 49 -23.57 -29.51 -24.77
C GLU D 49 -22.86 -30.72 -24.27
N ALA D 50 -23.20 -31.17 -23.06
CA ALA D 50 -22.49 -32.30 -22.52
C ALA D 50 -22.80 -33.55 -23.33
N VAL D 51 -24.05 -33.77 -23.64
CA VAL D 51 -24.41 -35.00 -24.37
C VAL D 51 -23.75 -35.01 -25.77
N ALA D 52 -23.76 -33.87 -26.45
CA ALA D 52 -23.14 -33.78 -27.78
C ALA D 52 -21.64 -34.04 -27.70
N ALA D 53 -21.01 -33.65 -26.59
CA ALA D 53 -19.56 -33.81 -26.47
C ALA D 53 -19.19 -35.19 -25.87
N GLY D 54 -20.17 -36.01 -25.54
CA GLY D 54 -19.90 -37.30 -24.92
C GLY D 54 -19.35 -37.20 -23.50
N LYS D 55 -19.69 -36.13 -22.78
CA LYS D 55 -19.20 -35.98 -21.43
C LYS D 55 -20.18 -36.50 -20.38
N ARG D 56 -19.64 -37.15 -19.36
CA ARG D 56 -20.40 -37.62 -18.23
C ARG D 56 -20.90 -36.41 -17.38
N LEU D 57 -22.22 -36.31 -17.19
CA LEU D 57 -22.85 -35.14 -16.52
C LEU D 57 -23.60 -35.55 -15.23
N THR D 58 -23.45 -34.76 -14.19
CA THR D 58 -24.32 -34.91 -13.02
C THR D 58 -24.80 -33.53 -12.54
N VAL D 59 -25.85 -33.55 -11.73
CA VAL D 59 -26.51 -32.34 -11.26
C VAL D 59 -26.36 -32.24 -9.75
N ARG D 60 -26.10 -31.04 -9.28
CA ARG D 60 -26.08 -30.78 -7.87
C ARG D 60 -27.08 -29.70 -7.52
N SER D 61 -27.93 -29.93 -6.50
CA SER D 61 -28.79 -28.87 -5.99
C SER D 61 -28.25 -28.34 -4.65
N GLY D 62 -28.52 -29.04 -3.55
CA GLY D 62 -27.98 -28.62 -2.26
C GLY D 62 -26.68 -29.30 -1.81
N GLY D 63 -26.20 -30.30 -2.56
CA GLY D 63 -24.93 -30.91 -2.19
C GLY D 63 -24.98 -31.84 -0.97
N HIS D 64 -26.17 -32.25 -0.50
CA HIS D 64 -26.23 -33.13 0.65
C HIS D 64 -26.09 -34.64 0.41
N CYS D 65 -25.77 -35.09 -0.80
CA CYS D 65 -25.71 -36.55 -1.07
C CYS D 65 -24.81 -37.22 -0.01
N GLY D 66 -25.28 -38.30 0.59
CA GLY D 66 -24.45 -39.17 1.46
C GLY D 66 -23.23 -39.79 0.72
N GLU D 67 -23.36 -39.99 -0.59
CA GLU D 67 -22.36 -40.70 -1.41
C GLU D 67 -21.77 -39.81 -2.51
N ALA D 68 -20.89 -40.37 -3.33
CA ALA D 68 -20.18 -39.65 -4.37
C ALA D 68 -20.96 -39.60 -5.70
N PHE D 69 -22.29 -39.63 -5.65
CA PHE D 69 -23.09 -39.72 -6.87
C PHE D 69 -22.86 -38.50 -7.76
N VAL D 70 -22.71 -37.34 -7.16
CA VAL D 70 -22.45 -36.13 -7.94
C VAL D 70 -20.97 -36.01 -8.25
N ALA D 71 -20.12 -36.31 -7.26
CA ALA D 71 -18.71 -35.92 -7.28
C ALA D 71 -17.71 -36.98 -7.68
N SER D 72 -18.18 -38.13 -8.13
CA SER D 72 -17.37 -39.23 -8.62
C SER D 72 -16.28 -38.77 -9.64
N PRO D 73 -15.09 -39.39 -9.59
CA PRO D 73 -13.98 -38.94 -10.48
C PRO D 73 -14.30 -39.03 -11.97
N ASP D 74 -15.17 -39.95 -12.32
CA ASP D 74 -15.60 -40.10 -13.71
C ASP D 74 -16.44 -38.92 -14.24
N VAL D 75 -16.93 -38.02 -13.38
CA VAL D 75 -17.82 -36.98 -13.87
C VAL D 75 -17.04 -35.84 -14.51
N ASP D 76 -17.44 -35.42 -15.72
CA ASP D 76 -16.78 -34.35 -16.44
C ASP D 76 -17.46 -32.97 -16.33
N VAL D 77 -18.77 -32.95 -16.10
CA VAL D 77 -19.49 -31.70 -16.03
C VAL D 77 -20.48 -31.81 -14.92
N ILE D 78 -20.49 -30.81 -14.04
CA ILE D 78 -21.46 -30.74 -12.95
C ILE D 78 -22.30 -29.50 -13.17
N VAL D 79 -23.61 -29.68 -13.28
CA VAL D 79 -24.51 -28.58 -13.39
C VAL D 79 -25.00 -28.30 -11.95
N ASP D 80 -24.62 -27.15 -11.41
CA ASP D 80 -24.93 -26.72 -10.06
C ASP D 80 -26.09 -25.75 -10.11
N LEU D 81 -27.22 -26.16 -9.53
CA LEU D 81 -28.44 -25.39 -9.59
C LEU D 81 -28.68 -24.43 -8.42
N SER D 82 -27.64 -24.15 -7.64
CA SER D 82 -27.77 -23.35 -6.41
C SER D 82 -28.13 -21.90 -6.74
N SER D 83 -27.95 -21.43 -7.98
CA SER D 83 -28.47 -20.10 -8.36
C SER D 83 -29.93 -20.09 -8.82
N MET D 84 -30.59 -21.24 -8.86
CA MET D 84 -32.01 -21.32 -9.19
C MET D 84 -32.76 -21.70 -7.91
N SER D 85 -33.05 -20.70 -7.10
CA SER D 85 -33.58 -20.93 -5.75
C SER D 85 -34.87 -20.17 -5.52
N HIS D 86 -35.59 -19.81 -6.59
CA HIS D 86 -36.84 -19.08 -6.43
C HIS D 86 -37.91 -19.94 -5.77
N VAL D 87 -38.65 -19.33 -4.85
CA VAL D 87 -39.82 -19.94 -4.20
C VAL D 87 -40.95 -18.92 -4.27
N GLY D 88 -42.14 -19.31 -4.73
CA GLY D 88 -43.22 -18.32 -4.87
C GLY D 88 -44.47 -18.99 -5.37
N TYR D 89 -45.60 -18.33 -5.21
CA TYR D 89 -46.88 -18.92 -5.56
C TYR D 89 -47.08 -18.70 -7.03
N ASP D 90 -47.40 -19.80 -7.75
CA ASP D 90 -47.76 -19.75 -9.18
C ASP D 90 -49.30 -19.74 -9.28
N GLU D 91 -49.84 -18.58 -9.60
CA GLU D 91 -51.30 -18.42 -9.64
C GLU D 91 -51.98 -19.24 -10.74
N GLU D 92 -51.31 -19.45 -11.87
CA GLU D 92 -51.86 -20.24 -12.98
C GLU D 92 -52.05 -21.70 -12.59
N ARG D 93 -51.12 -22.27 -11.82
CA ARG D 93 -51.25 -23.65 -11.38
C ARG D 93 -51.88 -23.80 -10.00
N GLY D 94 -52.07 -22.72 -9.25
CA GLY D 94 -52.67 -22.83 -7.94
C GLY D 94 -51.71 -23.56 -7.01
N ALA D 95 -50.40 -23.44 -7.28
CA ALA D 95 -49.40 -24.21 -6.48
C ALA D 95 -48.16 -23.38 -6.25
N PHE D 96 -47.38 -23.76 -5.23
CA PHE D 96 -46.13 -23.07 -4.93
C PHE D 96 -45.02 -23.63 -5.79
N GLU D 97 -44.35 -22.74 -6.51
CA GLU D 97 -43.26 -23.08 -7.38
C GLU D 97 -41.94 -23.00 -6.60
N VAL D 98 -41.19 -24.09 -6.65
CA VAL D 98 -39.93 -24.25 -5.87
C VAL D 98 -38.85 -24.71 -6.83
N GLU D 99 -37.93 -23.83 -7.16
CA GLU D 99 -36.82 -24.17 -8.05
C GLU D 99 -35.91 -25.17 -7.38
N ALA D 100 -35.25 -26.01 -8.17
CA ALA D 100 -34.54 -27.16 -7.56
C ALA D 100 -33.41 -26.80 -6.62
N GLY D 101 -32.81 -25.62 -6.80
CA GLY D 101 -31.75 -25.18 -5.94
C GLY D 101 -32.14 -24.45 -4.68
N ALA D 102 -33.42 -24.18 -4.45
CA ALA D 102 -33.95 -23.73 -3.17
C ALA D 102 -33.58 -24.72 -2.05
N THR D 103 -33.19 -24.23 -0.89
CA THR D 103 -32.92 -25.12 0.23
C THR D 103 -34.12 -25.24 1.17
N VAL D 104 -34.23 -26.30 1.97
CA VAL D 104 -35.47 -26.49 2.72
C VAL D 104 -35.68 -25.37 3.73
N GLY D 105 -34.63 -24.91 4.35
CA GLY D 105 -34.78 -23.93 5.44
C GLY D 105 -35.40 -22.63 4.92
N GLN D 106 -34.90 -22.23 3.76
CA GLN D 106 -35.40 -21.10 3.04
C GLN D 106 -36.86 -21.27 2.61
N ILE D 107 -37.19 -22.43 2.11
CA ILE D 107 -38.51 -22.69 1.63
C ILE D 107 -39.48 -22.50 2.81
N TYR D 108 -39.13 -23.04 3.98
CA TYR D 108 -40.06 -22.99 5.09
C TYR D 108 -40.34 -21.58 5.57
N ARG D 109 -39.29 -20.78 5.61
CA ARG D 109 -39.37 -19.42 6.07
C ARG D 109 -40.25 -18.66 5.13
N VAL D 110 -40.01 -18.83 3.86
CA VAL D 110 -40.77 -18.11 2.82
C VAL D 110 -42.25 -18.48 2.87
N LEU D 111 -42.54 -19.77 2.85
CA LEU D 111 -43.92 -20.21 2.85
C LEU D 111 -44.61 -19.79 4.13
N TYR D 112 -43.95 -19.90 5.29
CA TYR D 112 -44.67 -19.69 6.49
C TYR D 112 -44.93 -18.21 6.74
N LYS D 113 -43.89 -17.38 6.72
CA LYS D 113 -44.11 -15.98 7.00
C LYS D 113 -45.08 -15.33 5.98
N ASN D 114 -44.92 -15.62 4.71
CA ASN D 114 -45.80 -14.96 3.71
C ASN D 114 -47.20 -15.50 3.59
N TYR D 115 -47.38 -16.79 3.83
CA TYR D 115 -48.68 -17.42 3.55
C TYR D 115 -49.26 -18.20 4.73
N GLY D 116 -48.44 -18.48 5.73
CA GLY D 116 -48.86 -19.24 6.89
C GLY D 116 -48.98 -20.74 6.65
N VAL D 117 -48.31 -21.25 5.62
CA VAL D 117 -48.41 -22.65 5.22
C VAL D 117 -47.02 -23.33 5.33
N THR D 118 -47.03 -24.66 5.26
CA THR D 118 -45.82 -25.40 5.13
C THR D 118 -46.04 -26.70 4.34
N PHE D 119 -44.96 -27.44 4.11
CA PHE D 119 -45.07 -28.83 3.66
C PHE D 119 -44.07 -29.67 4.49
N PRO D 120 -44.32 -30.96 4.62
CA PRO D 120 -43.55 -31.80 5.57
C PRO D 120 -42.25 -32.30 4.99
N GLY D 121 -41.25 -31.45 4.94
CA GLY D 121 -39.94 -31.82 4.44
C GLY D 121 -39.00 -31.94 5.62
N GLY D 122 -37.72 -32.06 5.39
CA GLY D 122 -36.84 -32.46 6.52
C GLY D 122 -36.43 -31.39 7.51
N PHE D 123 -35.62 -31.79 8.48
CA PHE D 123 -35.13 -30.87 9.47
C PHE D 123 -33.72 -30.37 9.15
N CYS D 124 -33.24 -30.55 7.93
CA CYS D 124 -31.87 -30.07 7.68
C CYS D 124 -31.85 -28.83 6.75
N MET D 125 -31.17 -27.76 7.18
CA MET D 125 -31.40 -26.44 6.58
C MET D 125 -30.80 -26.24 5.20
N GLY D 126 -29.63 -26.82 4.96
CA GLY D 126 -28.96 -26.70 3.66
C GLY D 126 -29.35 -27.70 2.55
N VAL D 127 -30.30 -28.58 2.86
CA VAL D 127 -30.75 -29.64 1.95
C VAL D 127 -31.47 -29.02 0.77
N GLY D 128 -31.13 -29.46 -0.45
CA GLY D 128 -31.64 -28.88 -1.71
C GLY D 128 -32.93 -29.55 -2.11
N ALA D 129 -33.89 -28.80 -2.66
CA ALA D 129 -35.15 -29.41 -3.07
C ALA D 129 -34.89 -30.48 -4.14
N GLY D 130 -33.90 -30.27 -5.03
CA GLY D 130 -33.56 -31.21 -6.08
C GLY D 130 -33.48 -32.66 -5.67
N GLY D 131 -32.57 -32.98 -4.73
CA GLY D 131 -32.47 -34.37 -4.21
C GLY D 131 -33.54 -34.71 -3.21
N HIS D 132 -33.92 -33.77 -2.39
CA HIS D 132 -34.80 -34.07 -1.29
C HIS D 132 -36.17 -34.55 -1.71
N ILE D 133 -36.84 -33.79 -2.57
CA ILE D 133 -38.26 -34.10 -2.85
C ILE D 133 -38.35 -35.36 -3.69
N SER D 134 -37.55 -35.45 -4.75
CA SER D 134 -37.64 -36.60 -5.63
C SER D 134 -37.36 -37.91 -4.94
N GLY D 135 -36.64 -37.87 -3.84
CA GLY D 135 -36.39 -39.05 -3.05
C GLY D 135 -37.42 -39.39 -2.02
N GLY D 136 -38.45 -38.57 -1.85
CA GLY D 136 -39.50 -38.85 -0.88
C GLY D 136 -39.23 -38.25 0.51
N GLY D 137 -38.71 -37.02 0.50
CA GLY D 137 -38.50 -36.18 1.66
C GLY D 137 -39.49 -36.29 2.77
N TYR D 138 -39.02 -36.45 4.01
CA TYR D 138 -39.90 -36.50 5.18
C TYR D 138 -39.32 -35.63 6.29
N GLY D 139 -40.11 -35.38 7.32
CA GLY D 139 -39.58 -34.78 8.56
C GLY D 139 -40.54 -34.79 9.72
N PRO D 140 -40.33 -33.88 10.69
CA PRO D 140 -41.10 -33.87 11.95
C PRO D 140 -42.62 -33.78 11.84
N LEU D 141 -43.08 -33.16 10.78
CA LEU D 141 -44.52 -33.07 10.50
C LEU D 141 -45.13 -34.19 9.61
N SER D 142 -44.34 -35.17 9.20
CA SER D 142 -44.81 -36.22 8.33
C SER D 142 -45.91 -37.07 8.98
N ARG D 143 -45.83 -37.31 10.30
CA ARG D 143 -46.90 -38.02 11.00
C ARG D 143 -48.26 -37.33 10.88
N LEU D 144 -48.26 -36.01 10.87
CA LEU D 144 -49.47 -35.22 10.66
C LEU D 144 -49.81 -34.95 9.19
N LEU D 145 -48.81 -34.74 8.34
CA LEU D 145 -49.05 -34.25 6.98
C LEU D 145 -48.55 -35.12 5.83
N GLY D 146 -47.84 -36.20 6.14
CA GLY D 146 -47.37 -37.12 5.07
C GLY D 146 -45.99 -36.74 4.57
N LEU D 147 -45.71 -37.09 3.31
CA LEU D 147 -44.40 -36.91 2.70
C LEU D 147 -44.40 -35.70 1.78
N THR D 148 -43.25 -35.15 1.47
CA THR D 148 -43.19 -34.04 0.54
C THR D 148 -43.89 -34.37 -0.77
N VAL D 149 -43.72 -35.60 -1.23
CA VAL D 149 -44.18 -36.01 -2.54
C VAL D 149 -45.69 -36.13 -2.59
N ASP D 150 -46.33 -36.24 -1.44
CA ASP D 150 -47.79 -36.19 -1.33
C ASP D 150 -48.39 -34.84 -1.70
N TYR D 151 -47.56 -33.83 -1.89
CA TYR D 151 -47.95 -32.48 -2.35
C TYR D 151 -47.35 -32.15 -3.70
N LEU D 152 -46.86 -33.16 -4.42
CA LEU D 152 -46.21 -32.88 -5.70
C LEU D 152 -47.27 -32.77 -6.78
N HIS D 153 -47.55 -31.54 -7.15
CA HIS D 153 -48.58 -31.21 -8.14
C HIS D 153 -48.07 -31.37 -9.56
N ALA D 154 -46.84 -30.94 -9.78
CA ALA D 154 -46.21 -31.05 -11.07
C ALA D 154 -44.69 -30.86 -10.92
N VAL D 155 -43.94 -31.34 -11.91
CA VAL D 155 -42.48 -31.23 -11.94
C VAL D 155 -42.03 -30.92 -13.34
N GLU D 156 -41.09 -30.01 -13.46
CA GLU D 156 -40.45 -29.66 -14.75
C GLU D 156 -39.08 -30.31 -14.85
N VAL D 157 -38.86 -31.04 -15.95
CA VAL D 157 -37.67 -31.87 -16.11
C VAL D 157 -37.07 -31.68 -17.48
N VAL D 158 -35.77 -31.49 -17.51
CA VAL D 158 -34.97 -31.46 -18.77
C VAL D 158 -34.51 -32.85 -19.03
N VAL D 159 -34.94 -33.39 -20.16
CA VAL D 159 -34.77 -34.79 -20.55
C VAL D 159 -34.10 -34.95 -21.91
N VAL D 160 -33.52 -36.13 -22.13
CA VAL D 160 -32.68 -36.40 -23.32
C VAL D 160 -33.29 -37.59 -24.03
N ASP D 161 -33.62 -37.42 -25.31
CA ASP D 161 -34.27 -38.51 -26.04
C ASP D 161 -33.20 -39.42 -26.65
N ALA D 162 -33.64 -40.50 -27.29
CA ALA D 162 -32.72 -41.51 -27.83
C ALA D 162 -31.65 -40.94 -28.79
N GLU D 163 -31.99 -39.86 -29.48
CA GLU D 163 -31.07 -39.24 -30.43
C GLU D 163 -30.12 -38.22 -29.81
N GLY D 164 -30.28 -37.95 -28.52
CA GLY D 164 -29.53 -36.90 -27.85
C GLY D 164 -30.17 -35.53 -27.90
N VAL D 165 -31.40 -35.44 -28.37
CA VAL D 165 -32.11 -34.15 -28.41
C VAL D 165 -32.69 -33.81 -27.01
N VAL D 166 -32.34 -32.64 -26.50
CA VAL D 166 -32.72 -32.23 -25.15
C VAL D 166 -33.96 -31.36 -25.17
N SER D 167 -34.93 -31.67 -24.33
CA SER D 167 -36.13 -30.86 -24.23
C SER D 167 -36.58 -30.74 -22.79
N THR D 168 -37.63 -29.95 -22.59
CA THR D 168 -38.19 -29.72 -21.26
C THR D 168 -39.60 -30.26 -21.26
N VAL D 169 -39.94 -31.07 -20.27
CA VAL D 169 -41.33 -31.50 -20.09
C VAL D 169 -41.89 -31.11 -18.72
N VAL D 170 -43.18 -30.74 -18.68
CA VAL D 170 -43.87 -30.60 -17.40
C VAL D 170 -44.81 -31.78 -17.21
N ALA D 171 -44.59 -32.54 -16.15
CA ALA D 171 -45.34 -33.74 -15.84
C ALA D 171 -46.17 -33.48 -14.64
N THR D 172 -47.46 -33.75 -14.74
CA THR D 172 -48.39 -33.50 -13.63
C THR D 172 -49.02 -34.77 -13.10
N ARG D 173 -49.67 -34.62 -11.96
CA ARG D 173 -50.33 -35.72 -11.30
C ARG D 173 -51.72 -36.02 -11.87
N GLU D 174 -52.20 -35.21 -12.79
CA GLU D 174 -53.52 -35.47 -13.41
C GLU D 174 -53.59 -36.78 -14.17
N GLU D 175 -54.71 -37.50 -14.01
CA GLU D 175 -54.84 -38.86 -14.60
C GLU D 175 -54.68 -38.90 -16.11
N ASP D 176 -55.19 -37.89 -16.79
CA ASP D 176 -55.14 -37.87 -18.25
C ASP D 176 -53.85 -37.21 -18.80
N ASP D 177 -52.87 -36.89 -17.94
CA ASP D 177 -51.60 -36.33 -18.40
C ASP D 177 -50.80 -37.46 -19.05
N PRO D 178 -50.40 -37.31 -20.33
CA PRO D 178 -49.61 -38.34 -21.04
C PRO D 178 -48.27 -38.63 -20.33
N ASN D 179 -47.78 -37.70 -19.53
CA ASN D 179 -46.47 -37.88 -18.90
C ASN D 179 -46.56 -38.16 -17.40
N ARG D 180 -47.71 -38.63 -16.97
CA ARG D 180 -47.96 -38.89 -15.57
C ARG D 180 -46.95 -39.85 -15.04
N ASP D 181 -46.48 -40.77 -15.89
CA ASP D 181 -45.45 -41.70 -15.47
C ASP D 181 -44.17 -41.00 -15.00
N LEU D 182 -43.75 -39.96 -15.71
CA LEU D 182 -42.61 -39.19 -15.31
C LEU D 182 -42.86 -38.49 -13.94
N TRP D 183 -44.06 -37.95 -13.75
CA TRP D 183 -44.44 -37.42 -12.46
C TRP D 183 -44.29 -38.48 -11.41
N TRP D 184 -44.80 -39.69 -11.68
CA TRP D 184 -44.84 -40.70 -10.67
C TRP D 184 -43.41 -41.08 -10.23
N ALA D 185 -42.49 -41.15 -11.17
CA ALA D 185 -41.08 -41.45 -10.86
C ALA D 185 -40.46 -40.42 -9.91
N HIS D 186 -40.92 -39.18 -9.95
CA HIS D 186 -40.38 -38.12 -9.08
C HIS D 186 -41.06 -38.11 -7.70
N THR D 187 -41.89 -39.11 -7.41
CA THR D 187 -42.51 -39.22 -6.12
C THR D 187 -41.83 -40.27 -5.27
N GLY D 188 -40.53 -40.32 -5.41
CA GLY D 188 -39.69 -41.24 -4.62
C GLY D 188 -38.59 -41.94 -5.40
N GLY D 189 -38.53 -41.77 -6.70
CA GLY D 189 -37.54 -42.50 -7.43
C GLY D 189 -36.12 -42.04 -7.18
N GLY D 190 -35.98 -40.82 -6.63
CA GLY D 190 -34.67 -40.34 -6.19
C GLY D 190 -33.98 -39.57 -7.28
N GLY D 191 -32.98 -38.82 -6.87
CA GLY D 191 -32.32 -37.89 -7.82
C GLY D 191 -31.30 -38.59 -8.71
N GLY D 192 -30.97 -37.90 -9.79
CA GLY D 192 -29.90 -38.30 -10.69
C GLY D 192 -30.26 -39.45 -11.63
N ASN D 193 -31.55 -39.62 -11.91
CA ASN D 193 -32.10 -40.76 -12.65
C ASN D 193 -32.76 -40.44 -14.00
N PHE D 194 -33.63 -39.46 -14.02
CA PHE D 194 -34.49 -39.30 -15.17
C PHE D 194 -34.21 -38.10 -16.04
N GLY D 195 -33.48 -37.14 -15.50
CA GLY D 195 -33.35 -35.85 -16.13
C GLY D 195 -33.08 -34.81 -15.07
N VAL D 196 -32.91 -33.58 -15.50
CA VAL D 196 -32.61 -32.50 -14.58
C VAL D 196 -33.87 -31.83 -14.18
N ILE D 197 -34.21 -31.99 -12.92
CA ILE D 197 -35.36 -31.33 -12.36
C ILE D 197 -35.04 -29.85 -12.19
N THR D 198 -35.88 -28.97 -12.75
CA THR D 198 -35.58 -27.54 -12.70
C THR D 198 -36.52 -26.88 -11.71
N ARG D 199 -37.75 -27.39 -11.58
CA ARG D 199 -38.66 -26.86 -10.60
C ARG D 199 -39.76 -27.84 -10.26
N TYR D 200 -40.28 -27.71 -9.05
CA TYR D 200 -41.40 -28.50 -8.55
C TYR D 200 -42.55 -27.54 -8.29
N TRP D 201 -43.80 -28.02 -8.31
CA TRP D 201 -44.96 -27.27 -7.88
C TRP D 201 -45.63 -28.07 -6.77
N LEU D 202 -45.89 -27.42 -5.63
CA LEU D 202 -46.51 -28.07 -4.50
C LEU D 202 -47.88 -27.55 -4.16
N ARG D 203 -48.79 -28.45 -3.85
CA ARG D 203 -50.13 -28.12 -3.51
C ARG D 203 -50.78 -29.33 -2.88
N SER D 204 -51.64 -29.10 -1.90
CA SER D 204 -52.50 -30.17 -1.38
C SER D 204 -53.42 -30.65 -2.50
N PRO D 205 -53.47 -31.98 -2.73
CA PRO D 205 -54.38 -32.54 -3.75
C PRO D 205 -55.82 -32.05 -3.63
N ASP D 206 -56.28 -31.94 -2.39
CA ASP D 206 -57.65 -31.51 -2.05
C ASP D 206 -57.77 -30.04 -1.55
N ALA D 207 -56.97 -29.12 -2.09
CA ALA D 207 -56.99 -27.73 -1.62
C ALA D 207 -58.29 -26.97 -2.03
N VAL D 208 -58.79 -26.08 -1.16
CA VAL D 208 -59.99 -25.26 -1.42
C VAL D 208 -59.65 -23.95 -2.14
N GLY D 209 -60.45 -23.61 -3.15
CA GLY D 209 -60.31 -22.31 -3.79
C GLY D 209 -58.96 -22.23 -4.46
N ASP D 210 -58.43 -21.03 -4.57
CA ASP D 210 -57.14 -20.85 -5.22
C ASP D 210 -56.24 -19.88 -4.43
N ALA D 211 -56.65 -19.52 -3.22
CA ALA D 211 -55.81 -18.67 -2.39
C ALA D 211 -54.58 -19.47 -1.98
N PRO D 212 -53.40 -18.84 -2.05
CA PRO D 212 -52.19 -19.51 -1.56
C PRO D 212 -52.30 -19.98 -0.10
N GLU D 213 -53.02 -19.25 0.74
CA GLU D 213 -53.09 -19.60 2.15
C GLU D 213 -53.81 -20.96 2.36
N GLU D 214 -54.52 -21.41 1.33
CA GLU D 214 -55.23 -22.68 1.36
C GLU D 214 -54.56 -23.79 0.55
N ALA D 215 -53.50 -23.48 -0.20
CA ALA D 215 -52.96 -24.41 -1.19
C ALA D 215 -52.03 -25.45 -0.58
N LEU D 216 -51.48 -25.16 0.60
CA LEU D 216 -50.71 -26.15 1.43
C LEU D 216 -51.24 -26.07 2.84
N PRO D 217 -50.89 -27.06 3.70
CA PRO D 217 -51.47 -27.11 5.04
C PRO D 217 -50.90 -26.04 5.94
N ARG D 218 -51.71 -25.62 6.89
CA ARG D 218 -51.22 -24.75 7.97
C ARG D 218 -50.68 -25.62 9.06
N PRO D 219 -49.44 -25.39 9.50
CA PRO D 219 -48.98 -26.19 10.65
C PRO D 219 -49.70 -25.80 11.94
N PRO D 220 -49.70 -26.71 12.96
CA PRO D 220 -50.24 -26.27 14.25
C PRO D 220 -49.51 -25.02 14.70
N ALA D 221 -50.17 -24.12 15.41
CA ALA D 221 -49.57 -22.82 15.66
C ALA D 221 -48.44 -22.92 16.69
N SER D 222 -48.61 -23.78 17.68
CA SER D 222 -47.53 -23.96 18.63
C SER D 222 -47.46 -25.35 19.21
N PHE D 223 -46.28 -25.63 19.77
CA PHE D 223 -45.93 -26.95 20.26
C PHE D 223 -45.40 -26.92 21.66
N HIS D 224 -45.71 -27.99 22.41
CA HIS D 224 -44.97 -28.37 23.64
C HIS D 224 -43.76 -29.16 23.21
N VAL D 225 -42.59 -28.76 23.70
CA VAL D 225 -41.33 -29.36 23.32
C VAL D 225 -40.62 -29.88 24.56
N ALA D 226 -40.14 -31.12 24.50
CA ALA D 226 -39.34 -31.73 25.58
C ALA D 226 -37.98 -32.08 25.01
N ARG D 227 -36.92 -31.79 25.76
CA ARG D 227 -35.56 -32.18 25.42
C ARG D 227 -34.99 -32.94 26.57
N VAL D 228 -34.55 -34.16 26.30
CA VAL D 228 -34.24 -35.10 27.37
C VAL D 228 -32.83 -35.60 27.12
N SER D 229 -32.12 -35.86 28.21
CA SER D 229 -30.85 -36.50 28.04
C SER D 229 -30.55 -37.46 29.16
N TRP D 230 -29.82 -38.52 28.81
CA TRP D 230 -29.50 -39.55 29.79
C TRP D 230 -27.98 -39.68 29.80
N SER D 231 -27.39 -39.55 30.98
CA SER D 231 -25.94 -39.53 31.05
C SER D 231 -25.45 -40.96 30.78
N TRP D 232 -24.38 -41.06 30.00
CA TRP D 232 -23.65 -42.34 29.82
C TRP D 232 -22.90 -42.81 31.10
N ALA D 233 -22.64 -41.90 32.04
CA ALA D 233 -21.78 -42.25 33.20
C ALA D 233 -22.18 -43.58 33.85
N GLU D 234 -23.45 -43.75 34.18
CA GLU D 234 -23.85 -45.03 34.79
C GLU D 234 -24.76 -45.90 33.93
N LEU D 235 -24.82 -45.64 32.63
CA LEU D 235 -25.70 -46.40 31.76
C LEU D 235 -25.19 -47.83 31.51
N THR D 236 -26.01 -48.79 31.81
CA THR D 236 -25.65 -50.17 31.68
C THR D 236 -26.32 -50.71 30.43
N GLU D 237 -25.92 -51.89 30.01
CA GLU D 237 -26.58 -52.59 28.94
C GLU D 237 -28.07 -52.79 29.21
N ALA D 238 -28.42 -53.21 30.43
CA ALA D 238 -29.83 -53.37 30.78
C ALA D 238 -30.67 -52.09 30.59
N ASP D 239 -30.15 -50.95 31.08
CA ASP D 239 -30.83 -49.64 30.98
C ASP D 239 -31.02 -49.26 29.52
N TYR D 240 -29.94 -49.32 28.73
CA TYR D 240 -30.01 -49.08 27.30
C TYR D 240 -31.06 -49.94 26.58
N VAL D 241 -30.95 -51.26 26.72
CA VAL D 241 -31.93 -52.17 26.11
C VAL D 241 -33.37 -51.82 26.54
N ARG D 242 -33.58 -51.57 27.82
CA ARG D 242 -34.93 -51.24 28.30
C ARG D 242 -35.46 -49.87 27.79
N LEU D 243 -34.61 -48.85 27.82
CA LEU D 243 -34.98 -47.53 27.33
C LEU D 243 -35.40 -47.51 25.87
N VAL D 244 -34.58 -48.11 25.02
CA VAL D 244 -34.88 -48.24 23.60
C VAL D 244 -36.13 -49.10 23.39
N SER D 245 -36.28 -50.23 24.10
CA SER D 245 -37.50 -51.04 23.99
C SER D 245 -38.74 -50.23 24.37
N ASN D 246 -38.63 -49.47 25.47
CA ASN D 246 -39.74 -48.66 25.93
C ASN D 246 -40.13 -47.66 24.84
N PHE D 247 -39.14 -47.04 24.19
CA PHE D 247 -39.40 -46.10 23.10
C PHE D 247 -40.07 -46.78 21.91
N LEU D 248 -39.49 -47.89 21.47
CA LEU D 248 -40.05 -48.63 20.33
C LEU D 248 -41.48 -49.10 20.62
N ASP D 249 -41.67 -49.67 21.80
CA ASP D 249 -42.99 -50.17 22.21
C ASP D 249 -44.01 -49.06 22.10
N TRP D 250 -43.69 -47.92 22.70
CA TRP D 250 -44.61 -46.80 22.69
C TRP D 250 -44.85 -46.39 21.24
N GLN D 251 -43.80 -46.23 20.47
CA GLN D 251 -43.98 -45.79 19.08
C GLN D 251 -44.82 -46.75 18.22
N LEU D 252 -44.61 -48.04 18.40
CA LEU D 252 -45.33 -49.04 17.61
C LEU D 252 -46.82 -49.14 17.99
N ARG D 253 -47.21 -48.55 19.12
CA ARG D 253 -48.62 -48.54 19.56
C ARG D 253 -49.25 -47.26 19.08
N ASN D 254 -48.45 -46.33 18.55
CA ASN D 254 -48.86 -44.98 18.31
C ASN D 254 -48.40 -44.42 16.94
N CYS D 255 -48.38 -45.25 15.90
CA CYS D 255 -47.82 -44.83 14.63
C CYS D 255 -48.87 -44.76 13.50
N THR D 256 -50.15 -44.68 13.85
CA THR D 256 -51.20 -44.61 12.82
C THR D 256 -52.11 -43.44 13.05
N VAL D 257 -52.80 -43.01 12.00
CA VAL D 257 -53.65 -41.84 12.07
C VAL D 257 -54.76 -41.94 13.11
N ASP D 258 -55.19 -43.14 13.41
CA ASP D 258 -56.17 -43.33 14.51
C ASP D 258 -55.62 -43.22 15.94
N SER D 259 -54.30 -43.15 16.12
CA SER D 259 -53.76 -42.99 17.46
C SER D 259 -54.02 -41.57 18.00
N PRO D 260 -54.56 -41.47 19.23
CA PRO D 260 -54.72 -40.13 19.79
C PRO D 260 -53.36 -39.45 20.17
N ASN D 261 -52.25 -40.17 20.05
CA ASN D 261 -50.94 -39.61 20.27
C ASN D 261 -50.18 -39.37 18.96
N ILE D 262 -50.87 -39.39 17.79
CA ILE D 262 -50.14 -39.32 16.51
C ILE D 262 -49.42 -37.99 16.38
N GLY D 263 -49.92 -36.95 17.05
CA GLY D 263 -49.31 -35.59 16.98
C GLY D 263 -47.99 -35.47 17.71
N LEU D 264 -47.69 -36.42 18.59
CA LEU D 264 -46.42 -36.47 19.26
C LEU D 264 -45.36 -37.11 18.39
N TYR D 265 -44.34 -36.33 18.10
CA TYR D 265 -43.16 -36.72 17.32
C TYR D 265 -41.93 -36.68 18.21
N ALA D 266 -41.16 -37.75 18.15
CA ALA D 266 -39.95 -37.87 18.94
C ALA D 266 -38.83 -38.49 18.15
N LEU D 267 -37.59 -38.05 18.46
CA LEU D 267 -36.40 -38.65 17.90
C LEU D 267 -35.46 -38.96 19.03
N LEU D 268 -35.05 -40.22 19.13
CA LEU D 268 -34.09 -40.67 20.12
C LEU D 268 -32.73 -40.79 19.46
N GLU D 269 -31.75 -40.04 19.97
CA GLU D 269 -30.38 -40.09 19.46
C GLU D 269 -29.48 -40.91 20.40
N CYS D 270 -29.05 -42.07 19.94
CA CYS D 270 -28.21 -42.95 20.72
C CYS D 270 -26.76 -42.77 20.34
N PHE D 271 -26.11 -41.75 20.93
CA PHE D 271 -24.73 -41.42 20.66
C PHE D 271 -23.79 -42.47 21.27
N HIS D 272 -22.63 -42.63 20.63
CA HIS D 272 -21.54 -43.39 21.21
C HIS D 272 -21.21 -42.80 22.59
N ARG D 273 -20.74 -43.64 23.50
CA ARG D 273 -20.42 -43.20 24.87
C ARG D 273 -19.54 -41.95 24.95
N SER D 274 -18.67 -41.75 23.98
CA SER D 274 -17.81 -40.57 23.95
C SER D 274 -18.58 -39.24 23.88
N ALA D 275 -19.86 -39.24 23.46
CA ALA D 275 -20.65 -38.00 23.48
C ALA D 275 -21.06 -37.66 24.90
N GLY D 276 -21.08 -38.64 25.79
CA GLY D 276 -21.41 -38.42 27.21
C GLY D 276 -22.90 -38.61 27.50
N HIS D 277 -23.76 -38.63 26.49
CA HIS D 277 -25.17 -38.79 26.76
C HIS D 277 -25.95 -39.42 25.61
N LEU D 278 -27.08 -40.02 25.95
CA LEU D 278 -28.17 -40.25 24.99
C LEU D 278 -29.08 -39.02 25.02
N ALA D 279 -29.65 -38.63 23.86
CA ALA D 279 -30.56 -37.48 23.84
C ALA D 279 -31.86 -37.80 23.12
N MET D 280 -32.91 -37.07 23.46
CA MET D 280 -34.19 -37.18 22.75
C MET D 280 -34.81 -35.81 22.64
N HIS D 281 -35.44 -35.54 21.50
CA HIS D 281 -36.35 -34.43 21.40
CA HIS D 281 -36.33 -34.41 21.34
C HIS D 281 -37.74 -34.92 21.05
N ALA D 282 -38.74 -34.26 21.61
CA ALA D 282 -40.15 -34.61 21.37
C ALA D 282 -40.98 -33.35 21.29
N GLN D 283 -42.05 -33.40 20.53
CA GLN D 283 -42.88 -32.26 20.38
C GLN D 283 -44.31 -32.74 20.18
N ILE D 284 -45.29 -31.93 20.58
CA ILE D 284 -46.71 -32.28 20.34
C ILE D 284 -47.46 -30.97 20.20
N PRO D 285 -48.40 -30.85 19.25
CA PRO D 285 -49.10 -29.60 19.17
C PRO D 285 -49.91 -29.27 20.46
N VAL D 286 -49.92 -28.01 20.82
CA VAL D 286 -50.64 -27.52 21.98
C VAL D 286 -52.16 -27.81 21.90
N ASP D 287 -52.70 -27.84 20.70
CA ASP D 287 -54.15 -28.01 20.53
C ASP D 287 -54.66 -29.48 20.39
N VAL D 288 -53.76 -30.45 20.47
CA VAL D 288 -54.17 -31.86 20.67
C VAL D 288 -54.85 -32.00 22.07
N PRO D 289 -56.01 -32.66 22.12
CA PRO D 289 -56.64 -32.81 23.47
C PRO D 289 -55.69 -33.38 24.49
N ASP D 290 -55.63 -32.73 25.67
CA ASP D 290 -54.72 -33.09 26.75
C ASP D 290 -53.27 -33.22 26.31
N ALA D 291 -52.82 -32.34 25.41
CA ALA D 291 -51.45 -32.43 24.88
C ALA D 291 -50.36 -32.49 25.94
N GLU D 292 -50.40 -31.60 26.90
CA GLU D 292 -49.34 -31.52 27.87
C GLU D 292 -49.29 -32.77 28.73
N GLU D 293 -50.46 -33.31 29.09
CA GLU D 293 -50.50 -34.58 29.78
C GLU D 293 -50.01 -35.75 28.89
N ARG D 294 -50.34 -35.72 27.60
CA ARG D 294 -49.88 -36.81 26.73
C ARG D 294 -48.36 -36.84 26.66
N MET D 295 -47.73 -35.69 26.73
CA MET D 295 -46.28 -35.64 26.67
C MET D 295 -45.76 -36.28 27.99
N SER D 296 -46.37 -35.94 29.12
CA SER D 296 -45.95 -36.53 30.41
C SER D 296 -46.12 -38.04 30.43
N TRP D 297 -47.21 -38.57 29.88
CA TRP D 297 -47.40 -40.03 29.89
C TRP D 297 -46.34 -40.72 29.05
N PHE D 298 -46.07 -40.16 27.87
CA PHE D 298 -44.96 -40.65 27.01
C PHE D 298 -43.64 -40.69 27.77
N LEU D 299 -43.26 -39.58 28.37
CA LEU D 299 -41.98 -39.50 29.09
C LEU D 299 -41.90 -40.47 30.27
N ALA D 300 -43.02 -40.66 30.95
CA ALA D 300 -43.06 -41.53 32.10
C ALA D 300 -42.82 -42.97 31.63
N GLU D 301 -43.46 -43.34 30.52
CA GLU D 301 -43.24 -44.67 29.95
C GLU D 301 -41.79 -44.94 29.59
N LEU D 302 -41.09 -43.93 29.09
CA LEU D 302 -39.65 -44.09 28.76
C LEU D 302 -38.82 -44.56 29.91
N ASN D 303 -39.15 -44.08 31.10
CA ASN D 303 -38.30 -44.35 32.24
C ASN D 303 -38.63 -45.59 33.05
N GLU D 304 -39.72 -46.26 32.72
CA GLU D 304 -40.07 -47.48 33.44
C GLU D 304 -38.96 -48.53 33.32
N GLY D 305 -38.51 -49.05 34.47
CA GLY D 305 -37.40 -50.00 34.52
C GLY D 305 -36.03 -49.49 34.10
N VAL D 306 -35.86 -48.19 33.99
CA VAL D 306 -34.60 -47.61 33.51
C VAL D 306 -33.97 -46.90 34.72
N ALA D 307 -32.74 -47.28 35.07
CA ALA D 307 -32.15 -46.81 36.32
C ALA D 307 -31.62 -45.36 36.22
N VAL D 308 -31.05 -44.99 35.07
CA VAL D 308 -30.57 -43.61 34.88
C VAL D 308 -31.77 -42.69 34.80
N ALA D 309 -31.74 -41.61 35.58
CA ALA D 309 -32.76 -40.55 35.56
C ALA D 309 -32.40 -39.52 34.51
N PRO D 310 -33.33 -39.24 33.57
CA PRO D 310 -32.96 -38.26 32.57
C PRO D 310 -33.00 -36.85 33.10
N SER D 311 -32.19 -35.97 32.54
CA SER D 311 -32.37 -34.52 32.58
C SER D 311 -33.41 -34.10 31.55
N LEU D 312 -34.26 -33.14 31.90
CA LEU D 312 -35.45 -32.81 31.09
C LEU D 312 -35.63 -31.30 31.09
N THR D 313 -35.97 -30.72 29.95
CA THR D 313 -36.53 -29.36 29.94
C THR D 313 -37.73 -29.37 29.00
N ARG D 314 -38.77 -28.65 29.41
CA ARG D 314 -40.03 -28.57 28.66
C ARG D 314 -40.40 -27.17 28.44
N ARG D 315 -40.84 -26.79 27.23
CA ARG D 315 -41.23 -25.41 26.98
C ARG D 315 -42.18 -25.36 25.79
N ARG D 316 -42.81 -24.22 25.61
CA ARG D 316 -43.72 -24.04 24.48
C ARG D 316 -43.14 -23.10 23.47
N LEU D 317 -43.22 -23.45 22.18
CA LEU D 317 -42.70 -22.60 21.15
C LEU D 317 -43.63 -22.59 19.92
N PRO D 318 -43.65 -21.48 19.17
CA PRO D 318 -44.35 -21.48 17.90
C PRO D 318 -43.79 -22.54 16.94
N TRP D 319 -44.58 -22.98 15.97
CA TRP D 319 -44.13 -24.03 15.06
C TRP D 319 -42.79 -23.76 14.41
N LEU D 320 -42.60 -22.60 13.79
CA LEU D 320 -41.38 -22.40 13.03
C LEU D 320 -40.16 -22.38 13.95
N ALA D 321 -40.35 -21.80 15.12
CA ALA D 321 -39.32 -21.82 16.16
C ALA D 321 -38.93 -23.25 16.57
N THR D 322 -39.94 -24.09 16.83
CA THR D 322 -39.76 -25.53 17.09
C THR D 322 -38.96 -26.18 15.98
N SER D 323 -39.35 -25.86 14.75
CA SER D 323 -38.68 -26.41 13.61
C SER D 323 -37.24 -26.00 13.61
N GLN D 324 -36.98 -24.71 13.76
CA GLN D 324 -35.60 -24.21 13.62
C GLN D 324 -34.75 -24.62 14.83
N LEU D 325 -35.39 -24.76 15.97
CA LEU D 325 -34.68 -25.21 17.19
C LEU D 325 -34.04 -26.58 17.00
N LEU D 326 -34.78 -27.46 16.37
CA LEU D 326 -34.36 -28.84 16.14
C LEU D 326 -33.66 -29.03 14.78
N ALA D 327 -33.56 -27.98 13.97
CA ALA D 327 -32.95 -28.09 12.65
C ALA D 327 -31.45 -28.23 12.78
N ILE D 328 -30.85 -28.86 11.79
CA ILE D 328 -29.41 -28.98 11.72
C ILE D 328 -28.86 -27.80 10.91
N PRO D 329 -27.93 -27.05 11.51
CA PRO D 329 -27.28 -25.91 10.85
C PRO D 329 -26.46 -26.29 9.62
N ASP D 330 -26.50 -25.43 8.60
CA ASP D 330 -25.63 -25.53 7.43
C ASP D 330 -24.31 -24.71 7.52
N VAL D 331 -23.98 -24.14 8.67
CA VAL D 331 -22.68 -23.49 8.89
C VAL D 331 -22.13 -23.93 10.24
N GLY D 332 -20.90 -23.58 10.51
CA GLY D 332 -20.28 -23.90 11.83
C GLY D 332 -19.63 -25.26 11.78
N PRO D 333 -19.00 -25.68 12.89
CA PRO D 333 -18.14 -26.84 12.73
C PRO D 333 -18.84 -28.20 12.61
N GLY D 334 -20.15 -28.23 12.79
CA GLY D 334 -20.91 -29.45 12.54
C GLY D 334 -21.14 -29.66 11.07
N ALA D 335 -21.07 -28.56 10.30
CA ALA D 335 -21.50 -28.57 8.92
C ALA D 335 -20.39 -28.51 7.90
N ILE D 336 -19.31 -27.80 8.21
CA ILE D 336 -18.32 -27.46 7.22
C ILE D 336 -17.02 -28.21 7.40
N GLY D 337 -16.53 -28.79 6.29
CA GLY D 337 -15.29 -29.53 6.27
C GLY D 337 -15.34 -30.85 7.00
N VAL D 338 -16.52 -31.48 6.97
CA VAL D 338 -16.75 -32.71 7.65
C VAL D 338 -16.83 -33.90 6.71
N ARG D 339 -16.12 -34.97 7.04
CA ARG D 339 -16.17 -36.25 6.37
C ARG D 339 -17.26 -37.06 7.09
N ARG D 340 -18.09 -37.75 6.32
CA ARG D 340 -19.29 -38.43 6.87
C ARG D 340 -19.52 -39.76 6.24
N LYS D 341 -20.22 -40.64 6.98
CA LYS D 341 -20.78 -41.85 6.40
C LYS D 341 -22.14 -41.99 7.06
N VAL D 342 -23.19 -42.25 6.27
CA VAL D 342 -24.53 -42.50 6.86
C VAL D 342 -25.08 -43.85 6.39
N LYS D 343 -26.03 -44.36 7.15
CA LYS D 343 -26.72 -45.60 6.84
C LYS D 343 -28.16 -45.46 7.33
N SER D 344 -29.02 -46.36 6.89
CA SER D 344 -30.44 -46.19 7.07
C SER D 344 -31.04 -47.55 7.19
N ALA D 345 -32.07 -47.73 7.97
CA ALA D 345 -32.78 -49.03 8.05
C ALA D 345 -34.16 -48.72 8.66
N ASP D 346 -35.23 -49.15 8.06
CA ASP D 346 -36.56 -48.73 8.48
C ASP D 346 -37.31 -49.90 9.08
N LEU D 347 -38.22 -49.59 9.98
CA LEU D 347 -38.86 -50.64 10.76
C LEU D 347 -40.36 -50.55 10.73
N ARG D 348 -41.00 -51.73 10.78
CA ARG D 348 -42.40 -51.78 11.20
C ARG D 348 -42.63 -52.74 12.37
N GLY D 349 -41.55 -53.16 13.01
CA GLY D 349 -41.66 -53.99 14.23
C GLY D 349 -40.48 -53.62 15.09
N PRO D 350 -40.40 -54.17 16.33
CA PRO D 350 -39.30 -53.82 17.22
C PRO D 350 -38.00 -54.54 16.92
N HIS D 351 -36.90 -53.86 17.22
CA HIS D 351 -35.61 -54.51 17.39
C HIS D 351 -35.73 -55.46 18.55
N THR D 352 -35.09 -56.62 18.45
CA THR D 352 -35.06 -57.59 19.54
C THR D 352 -34.07 -57.19 20.60
N ARG D 353 -34.15 -57.84 21.75
CA ARG D 353 -33.13 -57.60 22.77
C ARG D 353 -31.72 -57.87 22.27
N GLU D 354 -31.55 -58.91 21.45
CA GLU D 354 -30.24 -59.32 20.96
C GLU D 354 -29.65 -58.23 20.07
N GLN D 355 -30.51 -57.65 19.21
CA GLN D 355 -30.11 -56.50 18.38
C GLN D 355 -29.68 -55.31 19.22
N LEU D 356 -30.41 -55.02 20.29
CA LEU D 356 -30.19 -53.84 21.11
C LEU D 356 -28.91 -53.99 21.92
N ALA D 357 -28.65 -55.22 22.36
CA ALA D 357 -27.42 -55.56 23.05
C ALA D 357 -26.25 -55.40 22.11
N ALA D 358 -26.43 -55.77 20.85
CA ALA D 358 -25.36 -55.65 19.88
C ALA D 358 -25.04 -54.18 19.64
N ALA D 359 -26.07 -53.33 19.54
CA ALA D 359 -25.86 -51.88 19.38
C ALA D 359 -25.11 -51.33 20.63
N TYR D 360 -25.53 -51.79 21.78
CA TYR D 360 -24.89 -51.31 23.01
C TYR D 360 -23.40 -51.58 23.01
N ARG D 361 -23.01 -52.76 22.59
CA ARG D 361 -21.62 -53.15 22.49
C ARG D 361 -20.81 -52.14 21.67
N HIS D 362 -21.34 -51.71 20.53
CA HIS D 362 -20.66 -50.78 19.68
C HIS D 362 -20.76 -49.39 20.19
N LEU D 363 -21.90 -49.03 20.81
CA LEU D 363 -22.07 -47.69 21.35
C LEU D 363 -21.25 -47.49 22.65
N SER D 364 -20.91 -48.56 23.35
CA SER D 364 -20.10 -48.43 24.57
C SER D 364 -18.60 -48.74 24.40
N ARG D 365 -18.21 -49.26 23.24
CA ARG D 365 -16.80 -49.55 22.88
C ARG D 365 -15.83 -48.47 23.38
N ALA D 366 -14.95 -48.81 24.32
CA ALA D 366 -14.01 -47.84 24.89
C ALA D 366 -12.79 -47.61 24.00
N ASP D 367 -12.46 -48.56 23.13
CA ASP D 367 -11.38 -48.37 22.17
C ASP D 367 -11.76 -47.43 21.00
N TYR D 368 -12.89 -46.74 21.09
CA TYR D 368 -13.33 -45.85 20.01
C TYR D 368 -13.62 -44.46 20.58
N HIS D 369 -13.27 -43.41 19.85
CA HIS D 369 -13.64 -42.02 20.20
C HIS D 369 -14.23 -41.28 18.99
N CYS D 370 -15.49 -40.89 19.11
CA CYS D 370 -16.14 -40.01 18.15
C CYS D 370 -17.49 -39.59 18.75
N PRO D 371 -17.56 -38.39 19.35
CA PRO D 371 -18.81 -37.89 19.92
C PRO D 371 -19.96 -37.70 18.87
N SER D 372 -19.66 -37.58 17.58
CA SER D 372 -20.75 -37.52 16.58
C SER D 372 -21.28 -38.90 16.15
N ALA D 373 -20.64 -39.97 16.57
CA ALA D 373 -21.09 -41.31 16.17
C ALA D 373 -22.40 -41.63 16.88
N ALA D 374 -23.42 -42.06 16.10
CA ALA D 374 -24.77 -42.22 16.62
C ALA D 374 -25.60 -43.13 15.76
N MET D 375 -26.55 -43.78 16.41
CA MET D 375 -27.77 -44.22 15.74
C MET D 375 -29.02 -43.55 16.33
N GLU D 376 -29.99 -43.31 15.47
CA GLU D 376 -31.16 -42.54 15.83
C GLU D 376 -32.38 -43.37 15.50
N TYR D 377 -33.37 -43.30 16.36
CA TYR D 377 -34.72 -43.83 16.14
C TYR D 377 -35.65 -42.69 15.94
N ILE D 378 -36.25 -42.61 14.75
CA ILE D 378 -37.04 -41.44 14.35
C ILE D 378 -38.53 -41.85 14.18
N ALA D 379 -39.43 -41.22 14.95
CA ALA D 379 -40.86 -41.48 14.79
C ALA D 379 -41.32 -41.18 13.36
N TYR D 380 -42.23 -42.02 12.87
CA TYR D 380 -42.67 -41.96 11.50
C TYR D 380 -44.10 -42.51 11.37
N GLY D 381 -44.56 -42.78 10.15
CA GLY D 381 -45.91 -43.32 10.05
C GLY D 381 -46.95 -42.27 10.01
N GLY D 382 -48.10 -42.52 10.66
CA GLY D 382 -49.16 -41.54 10.65
C GLY D 382 -49.69 -41.37 9.25
N ARG D 383 -49.87 -40.11 8.88
CA ARG D 383 -50.38 -39.75 7.58
C ARG D 383 -49.51 -40.27 6.41
N VAL D 384 -48.20 -40.55 6.63
CA VAL D 384 -47.42 -41.19 5.55
C VAL D 384 -48.08 -42.53 5.08
N ASN D 385 -48.63 -43.29 6.02
CA ASN D 385 -49.18 -44.63 5.70
C ASN D 385 -50.68 -44.64 5.33
N THR D 386 -51.15 -43.52 4.82
CA THR D 386 -52.49 -43.42 4.30
C THR D 386 -52.48 -43.41 2.79
N VAL D 387 -51.28 -43.63 2.23
CA VAL D 387 -51.10 -43.70 0.79
C VAL D 387 -50.71 -45.14 0.43
N ASP D 388 -51.30 -45.69 -0.63
CA ASP D 388 -50.95 -47.00 -1.15
C ASP D 388 -49.44 -47.11 -1.49
N PRO D 389 -48.79 -48.23 -1.13
CA PRO D 389 -47.36 -48.36 -1.43
C PRO D 389 -47.02 -48.12 -2.92
N ALA D 390 -47.96 -48.36 -3.83
CA ALA D 390 -47.73 -48.11 -5.28
C ALA D 390 -48.23 -46.76 -5.87
N ALA D 391 -48.91 -45.93 -5.07
CA ALA D 391 -49.51 -44.69 -5.53
C ALA D 391 -48.45 -43.62 -5.68
N THR D 392 -47.28 -43.87 -5.07
CA THR D 392 -46.07 -43.05 -5.31
C THR D 392 -44.91 -44.02 -5.44
N ALA D 393 -43.75 -43.52 -5.81
CA ALA D 393 -42.59 -44.39 -5.90
C ALA D 393 -41.99 -44.80 -4.54
N VAL D 394 -42.30 -44.10 -3.45
CA VAL D 394 -41.82 -44.54 -2.09
C VAL D 394 -42.49 -45.86 -1.66
N PRO D 395 -41.70 -46.91 -1.31
CA PRO D 395 -42.24 -48.24 -0.95
C PRO D 395 -42.65 -48.21 0.50
N ARG D 396 -43.79 -47.59 0.72
CA ARG D 396 -44.26 -47.31 2.05
C ARG D 396 -44.50 -48.59 2.85
N GLY D 397 -44.31 -48.50 4.13
CA GLY D 397 -44.54 -49.66 5.00
C GLY D 397 -43.96 -49.40 6.37
N ALA D 398 -42.83 -48.69 6.38
CA ALA D 398 -42.19 -48.31 7.65
C ALA D 398 -43.14 -47.52 8.52
N SER D 399 -43.06 -47.86 9.80
CA SER D 399 -43.65 -47.17 10.94
C SER D 399 -42.66 -46.28 11.66
N LEU D 400 -41.38 -46.62 11.54
CA LEU D 400 -40.32 -45.98 12.28
C LEU D 400 -39.03 -46.01 11.42
N LYS D 401 -38.24 -44.96 11.44
CA LYS D 401 -36.99 -44.93 10.71
C LYS D 401 -35.81 -45.00 11.61
N THR D 402 -34.70 -45.57 11.10
CA THR D 402 -33.43 -45.52 11.85
C THR D 402 -32.35 -45.03 10.92
N PHE D 403 -31.43 -44.29 11.51
CA PHE D 403 -30.40 -43.56 10.81
C PHE D 403 -29.11 -43.80 11.61
N TYR D 404 -28.00 -43.98 10.91
CA TYR D 404 -26.70 -44.23 11.51
C TYR D 404 -25.75 -43.20 10.91
N MET D 405 -24.94 -42.57 11.73
CA MET D 405 -23.99 -41.57 11.23
C MET D 405 -22.73 -41.54 12.03
N VAL D 406 -21.61 -41.30 11.33
CA VAL D 406 -20.34 -40.88 11.95
C VAL D 406 -19.82 -39.70 11.16
N ALA D 407 -19.16 -38.80 11.84
CA ALA D 407 -18.66 -37.57 11.26
C ALA D 407 -17.32 -37.23 11.87
N TRP D 408 -16.38 -36.79 11.03
CA TRP D 408 -15.05 -36.50 11.49
C TRP D 408 -14.39 -35.56 10.57
N THR D 409 -13.18 -35.14 10.96
CA THR D 409 -12.48 -34.17 10.14
C THR D 409 -11.19 -34.63 9.51
N ASP D 410 -10.46 -35.52 10.17
CA ASP D 410 -9.15 -35.98 9.71
C ASP D 410 -9.20 -37.21 8.76
N PRO D 411 -8.71 -37.09 7.51
CA PRO D 411 -8.71 -38.19 6.52
C PRO D 411 -7.94 -39.45 6.96
N ASP D 412 -6.93 -39.26 7.79
CA ASP D 412 -6.18 -40.41 8.31
C ASP D 412 -6.99 -41.27 9.26
N GLU D 413 -8.15 -40.81 9.73
CA GLU D 413 -9.09 -41.62 10.57
C GLU D 413 -10.23 -42.31 9.80
N ASP D 414 -10.31 -42.06 8.49
CA ASP D 414 -11.37 -42.67 7.67
C ASP D 414 -11.56 -44.14 8.02
N GLU D 415 -10.49 -44.93 8.08
CA GLU D 415 -10.66 -46.38 8.30
C GLU D 415 -11.35 -46.74 9.60
N GLU D 416 -10.99 -46.05 10.66
CA GLU D 416 -11.55 -46.30 11.97
C GLU D 416 -13.04 -45.96 11.99
N HIS D 417 -13.44 -44.84 11.38
CA HIS D 417 -14.87 -44.45 11.44
C HIS D 417 -15.76 -45.29 10.52
N LEU D 418 -15.26 -45.56 9.33
CA LEU D 418 -15.96 -46.42 8.38
C LEU D 418 -16.13 -47.81 8.96
N ARG D 419 -15.07 -48.34 9.58
CA ARG D 419 -15.18 -49.62 10.27
C ARG D 419 -16.26 -49.61 11.37
N TRP D 420 -16.29 -48.58 12.22
CA TRP D 420 -17.25 -48.54 13.32
C TRP D 420 -18.69 -48.58 12.84
N ILE D 421 -19.02 -47.72 11.87
CA ILE D 421 -20.41 -47.68 11.42
C ILE D 421 -20.76 -48.95 10.65
N ARG D 422 -19.83 -49.45 9.84
CA ARG D 422 -20.11 -50.70 9.11
C ARG D 422 -20.40 -51.88 10.06
N GLU D 423 -19.60 -52.00 11.12
CA GLU D 423 -19.73 -53.12 12.03
C GLU D 423 -20.97 -53.03 12.88
N ILE D 424 -21.37 -51.85 13.33
CA ILE D 424 -22.58 -51.76 14.13
C ILE D 424 -23.79 -52.14 13.28
N TYR D 425 -23.84 -51.61 12.06
CA TYR D 425 -24.96 -51.84 11.24
C TYR D 425 -25.03 -53.31 10.87
N ARG D 426 -23.88 -53.87 10.54
CA ARG D 426 -23.85 -55.26 10.15
C ARG D 426 -24.32 -56.13 11.32
N ASP D 427 -23.84 -55.82 12.53
CA ASP D 427 -24.14 -56.70 13.69
C ASP D 427 -25.58 -56.63 14.13
N ILE D 428 -26.16 -55.44 14.12
CA ILE D 428 -27.58 -55.30 14.33
C ILE D 428 -28.43 -56.13 13.33
N HIS D 429 -28.03 -56.15 12.06
CA HIS D 429 -28.70 -56.93 11.03
C HIS D 429 -28.13 -58.34 10.77
N SER D 430 -27.47 -58.97 11.75
CA SER D 430 -26.73 -60.19 11.46
C SER D 430 -27.66 -61.36 11.13
N ALA D 431 -28.91 -61.32 11.56
CA ALA D 431 -29.85 -62.36 11.13
C ALA D 431 -30.37 -62.24 9.69
N THR D 432 -30.09 -61.14 9.00
CA THR D 432 -30.59 -60.92 7.65
C THR D 432 -29.44 -60.52 6.75
N GLY D 433 -28.29 -61.12 6.95
CA GLY D 433 -27.12 -60.92 6.11
C GLY D 433 -26.54 -59.51 6.14
N GLY D 434 -26.63 -58.86 7.30
CA GLY D 434 -26.09 -57.53 7.50
C GLY D 434 -26.86 -56.34 6.98
N VAL D 435 -28.04 -56.57 6.43
CA VAL D 435 -28.87 -55.48 5.86
C VAL D 435 -30.33 -55.62 6.20
N PRO D 436 -31.10 -54.51 6.13
CA PRO D 436 -32.56 -54.52 6.44
C PRO D 436 -33.42 -55.07 5.32
N THR D 437 -33.35 -56.38 5.10
CA THR D 437 -34.12 -57.04 4.05
C THR D 437 -35.66 -56.86 4.36
N PRO D 438 -36.45 -56.34 3.42
CA PRO D 438 -37.88 -56.18 3.62
C PRO D 438 -38.53 -57.47 4.06
N ASP D 439 -39.10 -57.51 5.26
CA ASP D 439 -39.78 -58.72 5.74
C ASP D 439 -40.85 -58.31 6.74
N GLU D 440 -41.11 -59.13 7.76
CA GLU D 440 -42.11 -58.79 8.76
C GLU D 440 -41.71 -57.62 9.67
N VAL D 441 -40.41 -57.37 9.86
CA VAL D 441 -39.94 -56.35 10.80
C VAL D 441 -39.24 -55.22 10.05
N ASN D 442 -38.38 -55.57 9.11
CA ASN D 442 -37.63 -54.58 8.34
C ASN D 442 -38.44 -54.17 7.11
N THR D 443 -38.38 -52.90 6.70
CA THR D 443 -39.01 -52.54 5.47
C THR D 443 -38.06 -52.08 4.39
N GLY D 444 -36.77 -52.07 4.67
CA GLY D 444 -35.76 -51.65 3.69
C GLY D 444 -35.03 -50.42 4.21
N ALA D 445 -34.65 -49.52 3.32
CA ALA D 445 -33.88 -48.34 3.68
C ALA D 445 -34.28 -47.21 2.78
N TYR D 446 -33.77 -46.02 3.02
CA TYR D 446 -34.27 -44.83 2.34
C TYR D 446 -33.26 -44.34 1.30
N ILE D 447 -33.70 -44.11 0.05
CA ILE D 447 -32.81 -43.75 -1.02
C ILE D 447 -32.09 -42.41 -0.79
N ASN D 448 -32.64 -41.52 0.04
CA ASN D 448 -31.99 -40.25 0.40
C ASN D 448 -30.87 -40.36 1.44
N TYR D 449 -30.73 -41.54 2.04
CA TYR D 449 -29.52 -41.88 2.78
C TYR D 449 -28.75 -43.08 2.17
N PRO D 450 -28.26 -42.91 0.95
CA PRO D 450 -27.76 -44.03 0.19
C PRO D 450 -26.48 -44.56 0.78
N ASP D 451 -26.30 -45.87 0.62
CA ASP D 451 -25.16 -46.56 1.25
C ASP D 451 -24.63 -47.61 0.30
N ILE D 452 -23.48 -47.37 -0.32
CA ILE D 452 -22.98 -48.29 -1.35
C ILE D 452 -22.50 -49.60 -0.77
N ASP D 453 -22.33 -49.66 0.54
CA ASP D 453 -22.00 -50.93 1.15
C ASP D 453 -23.11 -51.97 0.92
N LEU D 454 -24.33 -51.52 0.62
CA LEU D 454 -25.45 -52.45 0.37
C LEU D 454 -25.21 -53.25 -0.89
N ALA D 455 -24.28 -52.80 -1.73
CA ALA D 455 -23.96 -53.50 -2.95
C ALA D 455 -22.63 -54.22 -2.80
N ASP D 456 -22.06 -54.29 -1.60
CA ASP D 456 -20.74 -54.83 -1.40
C ASP D 456 -20.86 -56.17 -0.66
N PRO D 457 -20.35 -57.28 -1.25
CA PRO D 457 -20.50 -58.58 -0.61
C PRO D 457 -19.80 -58.78 0.73
N GLU D 458 -18.86 -57.92 1.09
CA GLU D 458 -18.27 -57.96 2.43
C GLU D 458 -19.33 -57.52 3.48
N TRP D 459 -20.33 -56.74 3.06
CA TRP D 459 -21.27 -56.13 4.02
C TRP D 459 -22.66 -56.66 3.80
N ASN D 460 -23.03 -56.89 2.55
CA ASN D 460 -24.31 -57.49 2.28
C ASN D 460 -24.10 -58.96 1.86
N THR D 461 -24.50 -59.86 2.75
CA THR D 461 -24.54 -61.28 2.46
C THR D 461 -25.96 -61.85 2.47
N SER D 462 -26.96 -61.04 2.20
CA SER D 462 -28.33 -61.41 2.37
C SER D 462 -28.94 -62.04 1.13
N GLY D 463 -28.26 -61.90 0.01
CA GLY D 463 -28.84 -62.27 -1.25
C GLY D 463 -29.79 -61.26 -1.86
N VAL D 464 -30.12 -60.16 -1.17
CA VAL D 464 -31.18 -59.24 -1.64
C VAL D 464 -30.57 -57.96 -2.15
N PRO D 465 -30.95 -57.54 -3.35
CA PRO D 465 -30.21 -56.43 -3.97
C PRO D 465 -30.61 -55.05 -3.35
N TRP D 466 -29.71 -54.09 -3.50
CA TRP D 466 -29.94 -52.71 -3.07
C TRP D 466 -31.26 -52.17 -3.62
N HIS D 467 -31.61 -52.47 -4.88
CA HIS D 467 -32.83 -51.90 -5.45
C HIS D 467 -34.11 -52.41 -4.79
N THR D 468 -34.12 -53.65 -4.32
CA THR D 468 -35.21 -54.10 -3.50
C THR D 468 -35.27 -53.42 -2.12
N ILE D 469 -34.11 -53.24 -1.50
CA ILE D 469 -34.04 -52.57 -0.20
C ILE D 469 -34.58 -51.14 -0.27
N TYR D 470 -34.20 -50.41 -1.30
CA TYR D 470 -34.63 -49.03 -1.43
C TYR D 470 -35.99 -48.82 -2.05
N TYR D 471 -36.39 -49.67 -3.00
CA TYR D 471 -37.57 -49.42 -3.78
C TYR D 471 -38.65 -50.48 -3.68
N GLY D 472 -38.32 -51.64 -3.14
CA GLY D 472 -39.28 -52.74 -3.03
C GLY D 472 -39.96 -53.02 -4.37
N ASP D 473 -41.27 -53.24 -4.32
CA ASP D 473 -42.07 -53.61 -5.49
C ASP D 473 -42.27 -52.50 -6.52
N ASN D 474 -41.86 -51.27 -6.22
CA ASN D 474 -41.94 -50.21 -7.19
C ASN D 474 -40.76 -50.18 -8.15
N TYR D 475 -39.73 -50.96 -7.88
CA TYR D 475 -38.58 -50.95 -8.79
C TYR D 475 -38.92 -51.27 -10.29
N PRO D 476 -39.72 -52.32 -10.59
CA PRO D 476 -39.96 -52.61 -12.01
C PRO D 476 -40.61 -51.49 -12.80
N ARG D 477 -41.56 -50.80 -12.18
CA ARG D 477 -42.16 -49.67 -12.84
C ARG D 477 -41.11 -48.55 -13.01
N LEU D 478 -40.28 -48.30 -12.00
CA LEU D 478 -39.20 -47.28 -12.17
C LEU D 478 -38.27 -47.62 -13.37
N GLN D 479 -37.96 -48.91 -13.55
CA GLN D 479 -37.08 -49.32 -14.63
C GLN D 479 -37.73 -49.07 -16.00
N GLU D 480 -39.03 -49.28 -16.09
CA GLU D 480 -39.77 -49.03 -17.34
C GLU D 480 -39.72 -47.57 -17.68
N ILE D 481 -39.84 -46.71 -16.65
CA ILE D 481 -39.94 -45.30 -16.89
C ILE D 481 -38.58 -44.79 -17.28
N LYS D 482 -37.56 -45.32 -16.64
CA LYS D 482 -36.18 -44.91 -16.94
C LYS D 482 -35.88 -45.18 -18.39
N SER D 483 -36.29 -46.34 -18.84
CA SER D 483 -36.02 -46.75 -20.18
C SER D 483 -36.73 -45.82 -21.19
N ARG D 484 -37.96 -45.39 -20.86
CA ARG D 484 -38.73 -44.52 -21.70
C ARG D 484 -38.16 -43.10 -21.76
N TRP D 485 -37.72 -42.56 -20.61
CA TRP D 485 -37.34 -41.15 -20.52
C TRP D 485 -35.86 -40.79 -20.57
N ASP D 486 -35.00 -41.76 -20.28
CA ASP D 486 -33.55 -41.57 -20.42
C ASP D 486 -33.04 -42.79 -21.13
N PRO D 487 -33.42 -42.96 -22.41
CA PRO D 487 -32.99 -44.17 -23.10
C PRO D 487 -31.48 -44.25 -23.31
N ARG D 488 -30.77 -43.13 -23.36
CA ARG D 488 -29.31 -43.20 -23.49
C ARG D 488 -28.58 -43.41 -22.13
N ASN D 489 -29.32 -43.46 -21.03
CA ASN D 489 -28.71 -43.59 -19.68
C ASN D 489 -27.69 -42.47 -19.47
N VAL D 490 -28.05 -41.26 -19.87
CA VAL D 490 -27.24 -40.09 -19.59
C VAL D 490 -27.05 -39.88 -18.07
N PHE D 491 -28.11 -40.08 -17.29
CA PHE D 491 -28.13 -39.79 -15.88
C PHE D 491 -27.95 -41.04 -15.08
N ARG D 492 -26.78 -41.15 -14.47
CA ARG D 492 -26.49 -42.34 -13.77
C ARG D 492 -25.58 -42.11 -12.61
N HIS D 493 -25.54 -43.12 -11.77
CA HIS D 493 -24.62 -43.18 -10.62
C HIS D 493 -24.64 -44.57 -10.09
N ALA D 494 -23.93 -44.81 -8.99
CA ALA D 494 -23.86 -46.22 -8.48
C ALA D 494 -25.22 -46.86 -8.23
N PHE D 495 -26.17 -46.09 -7.72
CA PHE D 495 -27.49 -46.60 -7.38
C PHE D 495 -28.54 -46.01 -8.30
N SER D 496 -28.18 -45.69 -9.53
CA SER D 496 -29.23 -45.19 -10.42
C SER D 496 -30.07 -46.36 -10.98
N ILE D 497 -31.32 -46.06 -11.25
CA ILE D 497 -32.27 -47.06 -11.74
C ILE D 497 -31.69 -47.64 -13.05
N ARG D 498 -31.60 -48.97 -13.16
CA ARG D 498 -31.11 -49.61 -14.37
C ARG D 498 -32.26 -50.03 -15.30
N PRO D 499 -32.31 -49.48 -16.50
CA PRO D 499 -33.35 -49.97 -17.39
C PRO D 499 -33.21 -51.50 -17.59
N ARG D 500 -34.31 -52.23 -17.78
CA ARG D 500 -34.20 -53.67 -18.08
C ARG D 500 -33.70 -53.86 -19.51
#